data_4MQW
#
_entry.id   4MQW
#
_cell.length_a   95.900
_cell.length_b   95.900
_cell.length_c   204.281
_cell.angle_alpha   90.00
_cell.angle_beta   90.00
_cell.angle_gamma   120.00
#
_symmetry.space_group_name_H-M   'P 31'
#
loop_
_entity.id
_entity.type
_entity.pdbx_description
1 polymer 'Glycoprotein hormones, alpha polypeptide'
2 polymer 'Follitropin subunit beta'
3 polymer 'Follicle-stimulating hormone receptor'
4 non-polymer 2-acetamido-2-deoxy-beta-D-glucopyranose
5 non-polymer 1,2-ETHANEDIOL
6 non-polymer "O-(O-(2-AMINOPROPYL)-O'-(2-METHOXYETHYL)POLYPROPYLENE GLYCOL 500)"
7 water water
#
loop_
_entity_poly.entity_id
_entity_poly.type
_entity_poly.pdbx_seq_one_letter_code
_entity_poly.pdbx_strand_id
1 'polypeptide(L)'
;APDVQDCPECTLQENPLFSQPGAPILQCMGCCFSRAYPTPLRSKKTMLVQKNVTSESTCCVAKSYNRVTVMGGFKVENHT
ACHCSTCYYHKSAAAHHHHHHH
;
A,D,G
2 'polypeptide(L)'
;NSCELTNITIAIEKEECRFCISINTTWCAGYCYTRDLVYKDPARPKIQKTCTFKELVYETVRVPGCAHHADSLYTYPVAT
QCHCGKCDSDSTDCTVRGLGPSYCSFGEMKE
;
B,E,H
3 'polypeptide(L)'
;SGCHHRICHCSNRVFLCQESKVTEIPSDLPRNAIELRFVLTKLRVIQKGAFSGFGDLEKIEISQNDVLEVIEADVFSNLP
KLHEIRIEKANNLLYINPEAFQNLPNLQYLLISNTGIKHLPDVHKIHSLQKVLLDIQDNINIHTIERNSFVGLSFESVIL
WLNKNGIQEIHNSAFNGTQLDELNLSDNNNLEELPNDVFHGASGPVILDISRTRIHSLPSYGLENLKKLRARSTYNLKKL
PTLEKLVALMEASLTYPSHCCAFANWRRQISELHPICNKSILRQEVDYMTQARGQRSSLAEDNESSYSRGFDMTYTEFD
(TYS)DLCNEVVDVTCSPKPDAFNPCEDIMGYNILRAAAHHHHHHH
;
X,Y,Z
#
loop_
_chem_comp.id
_chem_comp.type
_chem_comp.name
_chem_comp.formula
EDO non-polymer 1,2-ETHANEDIOL 'C2 H6 O2'
JEF non-polymer 'O-(O-(2-AMINOPROPYL)-O'-(2-METHOXYETHYL)POLYPROPYLENE GLYCOL 500)' 'C30 H63 N O10'
NAG D-saccharide, beta linking 2-acetamido-2-deoxy-beta-D-glucopyranose 'C8 H15 N O6'
#
# COMPACT_ATOMS: atom_id res chain seq x y z
N GLN A 5 13.47 -2.16 47.08
CA GLN A 5 13.18 -3.38 46.33
C GLN A 5 11.66 -3.67 46.30
N ASP A 6 10.98 -3.47 47.45
CA ASP A 6 9.53 -3.66 47.63
C ASP A 6 8.72 -2.57 46.92
N CYS A 7 7.39 -2.73 46.85
CA CYS A 7 6.52 -1.74 46.20
C CYS A 7 5.32 -1.31 47.09
N PRO A 8 5.42 -0.16 47.81
CA PRO A 8 4.32 0.28 48.68
C PRO A 8 3.01 0.49 47.95
N GLU A 9 1.89 0.05 48.55
CA GLU A 9 0.55 0.15 47.97
C GLU A 9 0.09 1.58 47.68
N CYS A 10 -0.76 1.72 46.64
CA CYS A 10 -1.37 2.97 46.20
C CYS A 10 -2.24 3.59 47.29
N THR A 11 -1.73 4.69 47.89
CA THR A 11 -2.38 5.41 48.97
C THR A 11 -2.11 6.93 48.93
N LEU A 12 -2.79 7.66 49.81
CA LEU A 12 -2.67 9.10 49.94
C LEU A 12 -1.39 9.48 50.65
N GLN A 13 -0.61 10.37 50.02
CA GLN A 13 0.64 10.93 50.53
C GLN A 13 0.58 12.44 50.38
N GLU A 14 1.41 13.15 51.14
CA GLU A 14 1.46 14.61 51.14
C GLU A 14 2.25 15.07 49.92
N ASN A 15 1.71 16.03 49.13
CA ASN A 15 2.42 16.57 47.96
C ASN A 15 3.51 17.53 48.44
N PRO A 16 4.79 17.33 48.08
CA PRO A 16 5.83 18.23 48.61
C PRO A 16 5.73 19.69 48.15
N LEU A 17 5.41 19.89 46.85
CA LEU A 17 5.30 21.21 46.22
C LEU A 17 4.11 22.03 46.70
N PHE A 18 2.87 21.54 46.49
CA PHE A 18 1.64 22.23 46.83
C PHE A 18 1.28 22.21 48.32
N SER A 19 1.79 21.22 49.10
CA SER A 19 1.50 21.18 50.52
C SER A 19 2.14 22.37 51.26
N GLN A 20 1.46 22.82 52.31
CA GLN A 20 1.87 23.91 53.19
C GLN A 20 1.44 23.54 54.63
N PRO A 21 2.08 24.03 55.72
CA PRO A 21 1.62 23.65 57.07
C PRO A 21 0.17 24.07 57.30
N GLY A 22 -0.59 23.25 58.02
CA GLY A 22 -2.00 23.47 58.28
C GLY A 22 -2.90 23.12 57.10
N ALA A 23 -2.39 23.33 55.86
CA ALA A 23 -3.11 23.06 54.63
C ALA A 23 -2.32 22.11 53.67
N PRO A 24 -2.14 20.82 54.05
CA PRO A 24 -1.43 19.91 53.12
C PRO A 24 -2.28 19.56 51.89
N ILE A 25 -1.65 19.08 50.82
CA ILE A 25 -2.37 18.61 49.64
C ILE A 25 -2.10 17.14 49.54
N LEU A 26 -3.18 16.35 49.50
CA LEU A 26 -3.04 14.91 49.49
C LEU A 26 -3.14 14.34 48.07
N GLN A 27 -2.20 13.45 47.73
CA GLN A 27 -2.04 12.88 46.40
C GLN A 27 -1.96 11.34 46.39
N CYS A 28 -2.63 10.72 45.41
CA CYS A 28 -2.59 9.28 45.22
C CYS A 28 -1.32 8.86 44.57
N MET A 29 -0.57 7.99 45.25
CA MET A 29 0.68 7.48 44.74
C MET A 29 1.02 6.16 45.38
N GLY A 30 1.56 5.28 44.56
CA GLY A 30 1.95 3.97 45.03
C GLY A 30 1.98 2.96 43.92
N CYS A 31 2.04 1.70 44.33
CA CYS A 31 2.15 0.60 43.41
C CYS A 31 0.87 -0.10 43.16
N CYS A 32 0.74 -0.64 41.94
CA CYS A 32 -0.42 -1.39 41.45
C CYS A 32 0.06 -2.59 40.58
N PHE A 33 -0.73 -3.67 40.51
CA PHE A 33 -0.33 -4.85 39.76
C PHE A 33 -0.54 -4.72 38.27
N SER A 34 0.53 -4.96 37.52
CA SER A 34 0.49 -4.93 36.07
C SER A 34 1.23 -6.16 35.56
N ARG A 35 0.73 -6.75 34.47
CA ARG A 35 1.34 -7.94 33.88
C ARG A 35 1.30 -7.93 32.33
N ALA A 36 2.03 -8.89 31.72
CA ALA A 36 2.12 -9.10 30.27
C ALA A 36 2.22 -10.59 29.97
N TYR A 37 1.66 -10.98 28.83
CA TYR A 37 1.59 -12.36 28.36
C TYR A 37 1.21 -12.39 26.88
N PRO A 38 1.49 -13.49 26.13
CA PRO A 38 1.12 -13.51 24.72
C PRO A 38 -0.38 -13.58 24.61
N THR A 39 -0.93 -12.88 23.62
CA THR A 39 -2.36 -12.79 23.34
C THR A 39 -2.97 -14.14 22.98
N PRO A 40 -4.04 -14.56 23.68
CA PRO A 40 -4.72 -15.82 23.30
C PRO A 40 -5.25 -15.71 21.88
N LEU A 41 -5.32 -16.84 21.17
CA LEU A 41 -5.82 -16.85 19.80
C LEU A 41 -7.27 -16.35 19.73
N ARG A 42 -8.10 -16.73 20.72
CA ARG A 42 -9.47 -16.27 20.81
C ARG A 42 -9.52 -14.73 20.70
N SER A 43 -8.57 -14.02 21.36
CA SER A 43 -8.49 -12.56 21.32
C SER A 43 -8.08 -12.10 19.93
N LYS A 44 -7.09 -12.78 19.33
CA LYS A 44 -6.59 -12.45 17.99
C LYS A 44 -7.70 -12.43 16.92
N LYS A 45 -8.77 -13.24 17.12
CA LYS A 45 -9.91 -13.32 16.22
C LYS A 45 -10.74 -12.02 16.20
N THR A 46 -10.66 -11.20 17.29
CA THR A 46 -11.41 -9.94 17.44
C THR A 46 -10.56 -8.70 17.14
N MET A 47 -9.27 -8.90 16.87
CA MET A 47 -8.35 -7.79 16.63
C MET A 47 -8.14 -7.54 15.15
N LEU A 48 -8.59 -6.36 14.66
CA LEU A 48 -8.44 -5.98 13.24
C LEU A 48 -6.97 -5.65 12.97
N VAL A 49 -6.32 -5.02 13.96
CA VAL A 49 -4.89 -4.77 13.96
C VAL A 49 -4.36 -5.84 14.92
N GLN A 50 -3.48 -6.73 14.45
CA GLN A 50 -2.97 -7.79 15.31
C GLN A 50 -1.95 -7.30 16.32
N LYS A 51 -2.09 -7.76 17.58
CA LYS A 51 -1.21 -7.47 18.72
C LYS A 51 -0.87 -8.81 19.38
N ASN A 52 0.34 -9.36 19.11
CA ASN A 52 0.81 -10.66 19.63
C ASN A 52 1.01 -10.75 21.15
N VAL A 53 1.31 -9.60 21.79
CA VAL A 53 1.49 -9.46 23.24
C VAL A 53 0.29 -8.70 23.82
N THR A 54 -0.06 -9.04 25.06
CA THR A 54 -1.16 -8.43 25.79
C THR A 54 -0.66 -7.96 27.13
N SER A 55 -0.89 -6.68 27.43
CA SER A 55 -0.54 -6.07 28.69
C SER A 55 -1.82 -5.83 29.46
N GLU A 56 -1.91 -6.39 30.68
CA GLU A 56 -3.02 -6.12 31.62
C GLU A 56 -2.44 -5.11 32.64
N SER A 57 -2.98 -3.89 32.72
CA SER A 57 -2.43 -2.92 33.68
C SER A 57 -3.46 -2.04 34.43
N THR A 58 -3.07 -1.72 35.66
CA THR A 58 -3.78 -0.86 36.57
C THR A 58 -2.81 0.23 37.07
N CYS A 59 -3.32 1.45 37.31
CA CYS A 59 -2.56 2.62 37.77
C CYS A 59 -3.11 3.20 39.07
N CYS A 60 -2.25 3.86 39.86
CA CYS A 60 -2.64 4.52 41.10
C CYS A 60 -3.31 5.87 40.84
N VAL A 61 -4.65 5.93 41.04
CA VAL A 61 -5.45 7.14 40.76
C VAL A 61 -6.47 7.47 41.88
N ALA A 62 -6.83 8.76 42.02
CA ALA A 62 -7.81 9.24 42.98
C ALA A 62 -9.22 8.72 42.73
N LYS A 63 -9.79 8.00 43.73
CA LYS A 63 -11.14 7.48 43.68
C LYS A 63 -12.12 8.68 43.81
N SER A 64 -11.71 9.72 44.56
CA SER A 64 -12.45 10.97 44.79
C SER A 64 -11.49 12.09 45.21
N TYR A 65 -11.91 13.36 45.03
CA TYR A 65 -11.09 14.51 45.41
C TYR A 65 -11.92 15.77 45.65
N ASN A 66 -11.25 16.90 45.91
CA ASN A 66 -11.88 18.21 46.11
C ASN A 66 -10.98 19.29 45.53
N ARG A 67 -11.50 20.05 44.55
CA ARG A 67 -10.77 21.13 43.88
C ARG A 67 -10.54 22.29 44.84
N VAL A 68 -9.25 22.65 45.04
CA VAL A 68 -8.83 23.72 45.95
C VAL A 68 -7.90 24.72 45.23
N THR A 69 -7.64 25.88 45.88
CA THR A 69 -6.75 26.91 45.34
C THR A 69 -5.73 27.30 46.40
N VAL A 70 -4.43 27.20 46.05
CA VAL A 70 -3.28 27.45 46.93
C VAL A 70 -2.26 28.38 46.28
N MET A 71 -1.14 28.70 47.01
CA MET A 71 0.01 29.50 46.57
C MET A 71 -0.42 30.65 45.63
N GLY A 72 -1.27 31.52 46.16
CA GLY A 72 -1.81 32.63 45.40
C GLY A 72 -2.91 32.20 44.44
N GLY A 73 -2.56 31.45 43.38
CA GLY A 73 -3.53 31.00 42.40
C GLY A 73 -3.23 29.73 41.65
N PHE A 74 -3.43 28.57 42.30
CA PHE A 74 -3.23 27.26 41.66
C PHE A 74 -4.40 26.33 41.93
N LYS A 75 -5.15 26.00 40.87
CA LYS A 75 -6.31 25.12 40.96
C LYS A 75 -5.81 23.66 40.99
N VAL A 76 -5.56 23.15 42.20
CA VAL A 76 -5.05 21.78 42.43
C VAL A 76 -6.09 20.88 43.08
N GLU A 77 -5.94 19.55 42.86
CA GLU A 77 -6.81 18.55 43.47
C GLU A 77 -6.27 18.10 44.82
N ASN A 78 -7.15 17.95 45.81
CA ASN A 78 -6.81 17.45 47.14
C ASN A 78 -7.56 16.12 47.18
N HIS A 79 -6.81 15.04 46.87
CA HIS A 79 -7.30 13.67 46.77
C HIS A 79 -7.79 13.16 48.09
N THR A 80 -8.99 12.55 48.10
CA THR A 80 -9.63 12.08 49.34
C THR A 80 -9.59 10.55 49.45
N ALA A 81 -9.62 9.87 48.29
CA ALA A 81 -9.54 8.41 48.21
C ALA A 81 -8.66 7.98 47.01
N CYS A 82 -8.04 6.78 47.09
CA CYS A 82 -7.16 6.21 46.05
C CYS A 82 -7.54 4.79 45.76
N HIS A 83 -7.22 4.34 44.55
CA HIS A 83 -7.41 2.97 44.10
C HIS A 83 -6.64 2.74 42.86
N CYS A 84 -6.34 1.48 42.59
CA CYS A 84 -5.68 1.06 41.37
C CYS A 84 -6.78 0.89 40.36
N SER A 85 -6.76 1.75 39.35
CA SER A 85 -7.77 1.77 38.30
C SER A 85 -7.16 1.85 36.90
N THR A 86 -7.94 2.32 35.93
CA THR A 86 -7.56 2.37 34.54
C THR A 86 -6.37 3.35 34.27
N CYS A 87 -5.43 2.86 33.48
CA CYS A 87 -4.26 3.62 33.03
C CYS A 87 -4.60 4.33 31.77
N TYR A 88 -4.47 5.66 31.79
CA TYR A 88 -4.78 6.45 30.61
C TYR A 88 -3.52 6.84 29.80
N TYR A 89 -2.36 7.00 30.49
CA TYR A 89 -1.11 7.48 29.91
C TYR A 89 0.07 6.54 30.02
N HIS A 90 -0.19 5.24 29.83
CA HIS A 90 0.83 4.19 29.88
C HIS A 90 1.27 3.73 28.47
N LYS A 91 0.48 4.03 27.40
CA LYS A 91 0.80 3.61 26.03
C LYS A 91 1.73 4.61 25.30
N SER A 92 2.45 4.11 24.27
CA SER A 92 3.42 4.82 23.44
C SER A 92 2.75 5.60 22.30
N ASN B 1 8.44 -0.88 40.69
CA ASN B 1 9.71 -1.41 41.18
C ASN B 1 9.82 -2.93 41.03
N SER B 2 8.87 -3.70 41.62
CA SER B 2 8.92 -5.16 41.63
C SER B 2 8.42 -5.85 40.32
N CYS B 3 8.84 -5.34 39.16
CA CYS B 3 8.53 -5.95 37.86
C CYS B 3 9.66 -6.94 37.49
N GLU B 4 9.33 -8.24 37.34
CA GLU B 4 10.35 -9.23 37.00
C GLU B 4 9.83 -10.39 36.14
N LEU B 5 10.81 -11.17 35.60
CA LEU B 5 10.55 -12.34 34.76
C LEU B 5 9.93 -13.45 35.60
N THR B 6 8.63 -13.66 35.43
CA THR B 6 7.89 -14.69 36.13
C THR B 6 7.56 -15.82 35.16
N ASN B 7 7.49 -17.04 35.69
CA ASN B 7 7.14 -18.24 34.92
C ASN B 7 5.64 -18.29 34.78
N ILE B 8 5.15 -18.49 33.55
CA ILE B 8 3.72 -18.55 33.30
C ILE B 8 3.39 -19.76 32.42
N THR B 9 2.11 -20.15 32.40
CA THR B 9 1.59 -21.26 31.59
C THR B 9 0.66 -20.63 30.58
N ILE B 10 0.87 -20.88 29.28
CA ILE B 10 0.01 -20.31 28.24
C ILE B 10 -0.76 -21.39 27.48
N ALA B 11 -1.86 -20.94 26.86
CA ALA B 11 -2.76 -21.78 26.07
C ALA B 11 -2.57 -21.52 24.59
N ILE B 12 -2.27 -22.58 23.83
CA ILE B 12 -2.17 -22.51 22.38
C ILE B 12 -3.36 -23.32 21.86
N GLU B 13 -4.32 -22.60 21.23
CA GLU B 13 -5.61 -23.09 20.75
C GLU B 13 -5.65 -23.58 19.28
N LYS B 14 -5.79 -24.90 19.10
CA LYS B 14 -5.97 -25.47 17.76
C LYS B 14 -7.49 -25.53 17.55
N GLU B 15 -8.05 -24.41 17.02
CA GLU B 15 -9.49 -24.19 16.76
C GLU B 15 -10.19 -25.38 16.06
N GLU B 16 -9.52 -25.95 15.06
CA GLU B 16 -9.98 -27.06 14.23
C GLU B 16 -10.04 -28.40 14.95
N CYS B 17 -9.24 -28.57 16.02
CA CYS B 17 -9.23 -29.82 16.79
C CYS B 17 -10.02 -29.72 18.10
N ARG B 18 -10.60 -28.54 18.37
CA ARG B 18 -11.44 -28.21 19.53
C ARG B 18 -10.74 -28.46 20.90
N PHE B 19 -9.44 -28.10 20.99
CA PHE B 19 -8.62 -28.22 22.20
C PHE B 19 -7.49 -27.19 22.25
N CYS B 20 -6.83 -27.08 23.40
CA CYS B 20 -5.68 -26.20 23.61
C CYS B 20 -4.53 -27.01 24.18
N ILE B 21 -3.30 -26.52 24.05
CA ILE B 21 -2.14 -27.19 24.65
C ILE B 21 -1.43 -26.22 25.59
N SER B 22 -1.06 -26.70 26.79
CA SER B 22 -0.39 -25.91 27.81
C SER B 22 1.10 -25.92 27.61
N ILE B 23 1.71 -24.73 27.67
CA ILE B 23 3.15 -24.54 27.54
C ILE B 23 3.64 -23.56 28.60
N ASN B 24 4.54 -24.03 29.48
CA ASN B 24 5.15 -23.16 30.48
C ASN B 24 6.18 -22.32 29.70
N THR B 25 6.14 -21.01 29.93
CA THR B 25 7.01 -20.01 29.33
C THR B 25 7.37 -18.95 30.38
N THR B 26 8.10 -17.92 29.96
CA THR B 26 8.57 -16.84 30.83
C THR B 26 7.99 -15.51 30.37
N TRP B 27 7.24 -14.83 31.27
CA TRP B 27 6.70 -13.53 30.93
C TRP B 27 6.86 -12.52 32.07
N CYS B 28 6.18 -11.35 31.94
CA CYS B 28 6.26 -10.27 32.92
C CYS B 28 5.02 -10.17 33.79
N ALA B 29 5.26 -9.79 35.05
CA ALA B 29 4.27 -9.56 36.10
C ALA B 29 4.95 -8.90 37.30
N GLY B 30 4.18 -8.10 38.04
CA GLY B 30 4.69 -7.40 39.20
C GLY B 30 4.03 -6.06 39.43
N TYR B 31 4.71 -5.21 40.21
CA TYR B 31 4.20 -3.91 40.61
C TYR B 31 5.06 -2.74 40.08
N CYS B 32 4.42 -1.60 39.76
CA CYS B 32 5.06 -0.35 39.31
C CYS B 32 4.46 0.80 40.11
N TYR B 33 5.31 1.80 40.43
CA TYR B 33 4.90 3.01 41.16
C TYR B 33 4.27 3.99 40.18
N THR B 34 3.11 4.56 40.55
CA THR B 34 2.42 5.57 39.74
C THR B 34 2.02 6.75 40.65
N ARG B 35 1.75 7.89 40.01
CA ARG B 35 1.42 9.14 40.68
C ARG B 35 0.28 9.77 39.91
N ASP B 36 -0.80 10.09 40.60
CA ASP B 36 -1.93 10.77 39.96
C ASP B 36 -1.72 12.25 40.22
N LEU B 37 -1.55 13.03 39.15
CA LEU B 37 -1.20 14.43 39.31
C LEU B 37 -2.31 15.25 39.89
N VAL B 38 -1.91 16.08 40.83
CA VAL B 38 -2.74 16.98 41.64
C VAL B 38 -3.03 18.25 40.85
N TYR B 39 -2.04 18.80 40.09
CA TYR B 39 -2.15 19.99 39.23
C TYR B 39 -2.24 19.56 37.76
N LYS B 40 -3.45 19.67 37.18
CA LYS B 40 -3.77 19.19 35.83
C LYS B 40 -3.39 20.20 34.70
N ASP B 41 -2.08 20.55 34.58
CA ASP B 41 -1.58 21.49 33.57
C ASP B 41 -1.40 20.80 32.20
N PRO B 42 -1.84 21.38 31.05
CA PRO B 42 -1.65 20.68 29.75
C PRO B 42 -0.24 20.22 29.42
N ALA B 43 0.81 20.91 29.92
CA ALA B 43 2.22 20.56 29.69
C ALA B 43 2.81 19.67 30.83
N ARG B 44 1.97 19.26 31.80
CA ARG B 44 2.32 18.42 32.94
C ARG B 44 2.88 17.07 32.48
N PRO B 45 3.67 16.38 33.33
CA PRO B 45 4.20 15.06 32.92
C PRO B 45 3.21 13.95 33.27
N LYS B 46 2.14 13.83 32.48
CA LYS B 46 1.14 12.77 32.67
C LYS B 46 1.70 11.47 32.05
N ILE B 47 2.47 10.73 32.85
CA ILE B 47 3.11 9.50 32.42
C ILE B 47 3.00 8.41 33.46
N GLN B 48 2.56 7.23 33.02
CA GLN B 48 2.34 6.06 33.87
C GLN B 48 3.10 4.89 33.31
N LYS B 49 3.81 4.14 34.16
CA LYS B 49 4.56 2.97 33.71
C LYS B 49 3.75 1.72 34.03
N THR B 50 3.98 0.66 33.28
CA THR B 50 3.39 -0.66 33.49
C THR B 50 4.50 -1.73 33.46
N CYS B 51 4.24 -2.90 34.06
CA CYS B 51 5.19 -4.01 34.03
C CYS B 51 4.99 -4.74 32.69
N THR B 52 6.04 -4.76 31.85
CA THR B 52 5.98 -5.31 30.48
C THR B 52 7.35 -5.67 29.94
N PHE B 53 7.35 -6.41 28.82
CA PHE B 53 8.58 -6.83 28.16
C PHE B 53 9.46 -5.67 27.70
N LYS B 54 10.74 -5.74 28.05
CA LYS B 54 11.77 -4.77 27.67
C LYS B 54 12.35 -5.25 26.33
N GLU B 55 12.55 -6.59 26.19
CA GLU B 55 13.06 -7.31 25.02
C GLU B 55 12.37 -8.67 24.96
N LEU B 56 12.13 -9.19 23.75
CA LEU B 56 11.48 -10.50 23.59
C LEU B 56 12.06 -11.34 22.45
N VAL B 57 11.68 -12.63 22.42
CA VAL B 57 12.07 -13.59 21.37
C VAL B 57 10.87 -14.42 20.96
N TYR B 58 10.87 -14.93 19.72
CA TYR B 58 9.78 -15.78 19.24
C TYR B 58 10.25 -17.23 19.28
N GLU B 59 9.37 -18.12 19.70
CA GLU B 59 9.63 -19.54 19.86
C GLU B 59 8.57 -20.32 19.11
N THR B 60 8.99 -21.33 18.34
CA THR B 60 8.05 -22.16 17.61
C THR B 60 7.97 -23.52 18.25
N VAL B 61 6.74 -23.94 18.49
CA VAL B 61 6.34 -25.18 19.14
C VAL B 61 5.40 -25.99 18.19
N ARG B 62 5.55 -27.33 18.17
CA ARG B 62 4.69 -28.17 17.34
C ARG B 62 3.38 -28.52 18.06
N VAL B 63 2.28 -27.96 17.55
CA VAL B 63 0.93 -28.12 18.08
C VAL B 63 0.30 -29.39 17.46
N PRO B 64 -0.14 -30.37 18.29
CA PRO B 64 -0.71 -31.62 17.73
C PRO B 64 -1.97 -31.47 16.89
N GLY B 65 -2.20 -32.48 16.07
CA GLY B 65 -3.38 -32.57 15.23
C GLY B 65 -4.40 -33.46 15.92
N CYS B 66 -5.38 -34.00 15.16
CA CYS B 66 -6.40 -34.88 15.73
C CYS B 66 -6.86 -35.92 14.70
N ALA B 67 -7.90 -35.60 13.93
CA ALA B 67 -8.47 -36.43 12.87
C ALA B 67 -8.88 -35.45 11.78
N HIS B 68 -8.54 -35.77 10.51
CA HIS B 68 -8.83 -34.94 9.32
C HIS B 68 -8.01 -33.63 9.30
N HIS B 69 -7.43 -33.25 10.46
CA HIS B 69 -6.61 -32.04 10.63
C HIS B 69 -5.24 -32.44 11.18
N ALA B 70 -4.19 -32.19 10.39
CA ALA B 70 -2.81 -32.55 10.72
C ALA B 70 -2.16 -31.61 11.73
N ASP B 71 -1.09 -32.09 12.38
CA ASP B 71 -0.35 -31.29 13.35
C ASP B 71 0.29 -30.10 12.69
N SER B 72 0.13 -28.93 13.30
CA SER B 72 0.60 -27.66 12.78
C SER B 72 1.76 -27.10 13.59
N LEU B 73 2.21 -25.88 13.24
CA LEU B 73 3.25 -25.13 13.94
C LEU B 73 2.60 -23.85 14.44
N TYR B 74 3.02 -23.36 15.63
CA TYR B 74 2.59 -22.09 16.21
C TYR B 74 3.80 -21.34 16.76
N THR B 75 3.89 -20.03 16.46
CA THR B 75 4.99 -19.19 16.94
C THR B 75 4.48 -18.22 17.97
N TYR B 76 5.10 -18.20 19.15
CA TYR B 76 4.68 -17.31 20.23
C TYR B 76 5.85 -16.50 20.79
N PRO B 77 5.56 -15.28 21.33
CA PRO B 77 6.64 -14.48 21.90
C PRO B 77 6.93 -14.81 23.36
N VAL B 78 8.20 -14.70 23.75
CA VAL B 78 8.69 -14.99 25.09
C VAL B 78 9.44 -13.77 25.62
N ALA B 79 9.13 -13.37 26.86
CA ALA B 79 9.80 -12.25 27.54
C ALA B 79 11.23 -12.70 27.86
N THR B 80 12.16 -11.78 27.68
CA THR B 80 13.59 -11.99 27.83
C THR B 80 14.16 -11.05 28.90
N GLN B 81 13.48 -9.93 29.08
CA GLN B 81 13.80 -8.85 29.99
C GLN B 81 12.50 -8.12 30.28
N CYS B 82 12.21 -7.85 31.55
CA CYS B 82 10.99 -7.12 31.95
C CYS B 82 11.40 -5.78 32.52
N HIS B 83 10.54 -4.78 32.33
CA HIS B 83 10.78 -3.47 32.94
C HIS B 83 9.46 -2.75 33.20
N CYS B 84 9.48 -1.74 34.10
CA CYS B 84 8.34 -0.86 34.34
C CYS B 84 8.57 0.28 33.35
N GLY B 85 7.81 0.26 32.28
CA GLY B 85 7.96 1.25 31.22
C GLY B 85 6.67 1.51 30.49
N LYS B 86 6.78 2.13 29.31
CA LYS B 86 5.58 2.40 28.55
C LYS B 86 5.17 1.14 27.85
N CYS B 87 3.85 0.96 27.70
CA CYS B 87 3.25 -0.16 27.01
C CYS B 87 3.39 0.13 25.51
N ASP B 88 4.11 -0.74 24.76
CA ASP B 88 4.30 -0.53 23.32
C ASP B 88 3.03 -0.88 22.51
N SER B 89 2.14 0.11 22.29
CA SER B 89 0.86 -0.04 21.55
C SER B 89 1.04 -0.60 20.14
N ASP B 90 2.27 -0.49 19.57
CA ASP B 90 2.67 -1.00 18.26
C ASP B 90 2.62 -2.53 18.20
N SER B 91 2.95 -3.20 19.33
CA SER B 91 3.11 -4.66 19.46
C SER B 91 2.25 -5.32 20.52
N THR B 92 1.91 -4.57 21.57
CA THR B 92 1.17 -5.02 22.74
C THR B 92 -0.27 -4.52 22.71
N ASP B 93 -1.19 -5.22 23.44
CA ASP B 93 -2.57 -4.79 23.60
C ASP B 93 -2.63 -4.14 24.97
N CYS B 94 -2.57 -2.81 24.99
CA CYS B 94 -2.52 -2.05 26.24
C CYS B 94 -3.93 -1.89 26.76
N THR B 95 -4.27 -2.72 27.77
CA THR B 95 -5.61 -2.78 28.36
C THR B 95 -5.59 -3.04 29.89
N VAL B 96 -6.80 -3.02 30.49
CA VAL B 96 -7.04 -3.29 31.91
C VAL B 96 -7.04 -4.82 32.13
N ARG B 97 -7.87 -5.54 31.35
CA ARG B 97 -8.00 -6.99 31.42
C ARG B 97 -8.05 -7.60 30.03
N GLY B 98 -7.42 -8.75 29.92
CA GLY B 98 -7.44 -9.57 28.73
C GLY B 98 -8.17 -10.84 29.11
N LEU B 99 -8.19 -11.84 28.21
CA LEU B 99 -8.87 -13.11 28.47
C LEU B 99 -8.10 -14.03 29.42
N GLY B 100 -6.81 -13.73 29.62
CA GLY B 100 -5.93 -14.52 30.47
C GLY B 100 -4.92 -15.32 29.67
N PRO B 101 -3.66 -15.44 30.15
CA PRO B 101 -2.63 -16.19 29.38
C PRO B 101 -2.99 -17.62 29.02
N SER B 102 -3.71 -18.30 29.92
CA SER B 102 -4.15 -19.67 29.77
C SER B 102 -5.63 -19.70 29.38
N TYR B 103 -6.04 -18.83 28.47
CA TYR B 103 -7.43 -18.89 28.06
C TYR B 103 -7.64 -19.88 26.95
N CYS B 104 -8.62 -20.77 27.14
CA CYS B 104 -9.01 -21.76 26.15
C CYS B 104 -10.51 -21.66 25.90
N SER B 105 -10.91 -21.84 24.63
CA SER B 105 -12.31 -21.79 24.23
C SER B 105 -12.99 -23.15 24.42
N PHE B 106 -12.24 -24.17 24.88
CA PHE B 106 -12.75 -25.55 25.04
C PHE B 106 -12.50 -26.18 26.42
N GLY B 107 -11.76 -25.48 27.30
CA GLY B 107 -11.46 -25.98 28.63
C GLY B 107 -10.56 -25.12 29.50
N GLU B 108 -10.00 -25.75 30.56
CA GLU B 108 -9.11 -25.17 31.58
C GLU B 108 -8.07 -26.20 32.09
N MET B 109 -7.28 -25.81 33.12
CA MET B 109 -6.27 -26.66 33.75
C MET B 109 -6.91 -27.46 34.89
N CYS C 3 -22.60 -12.34 45.30
CA CYS C 3 -23.58 -11.89 44.31
C CYS C 3 -23.71 -12.86 43.14
N HIS C 4 -24.93 -12.98 42.59
CA HIS C 4 -25.27 -13.87 41.48
C HIS C 4 -26.38 -13.33 40.57
N HIS C 5 -26.13 -13.36 39.25
CA HIS C 5 -27.07 -12.98 38.19
C HIS C 5 -27.27 -14.17 37.24
N ARG C 6 -28.45 -14.23 36.58
CA ARG C 6 -28.87 -15.27 35.63
C ARG C 6 -27.72 -15.74 34.72
N ILE C 7 -27.10 -14.82 33.96
CA ILE C 7 -26.01 -15.19 33.07
C ILE C 7 -24.70 -14.44 33.35
N CYS C 8 -24.76 -13.15 33.74
CA CYS C 8 -23.57 -12.35 34.03
C CYS C 8 -22.96 -12.66 35.37
N HIS C 9 -21.62 -12.65 35.44
CA HIS C 9 -20.87 -12.88 36.66
C HIS C 9 -20.90 -11.58 37.47
N CYS C 10 -21.10 -11.69 38.79
CA CYS C 10 -21.26 -10.51 39.63
C CYS C 10 -20.44 -10.51 40.91
N SER C 11 -19.87 -9.34 41.26
CA SER C 11 -19.10 -9.08 42.49
C SER C 11 -19.04 -7.60 42.82
N ASN C 12 -19.71 -7.19 43.93
CA ASN C 12 -19.78 -5.83 44.48
C ASN C 12 -20.31 -4.79 43.47
N ARG C 13 -21.56 -5.02 42.99
CA ARG C 13 -22.26 -4.20 41.98
C ARG C 13 -21.47 -4.07 40.64
N VAL C 14 -20.57 -5.04 40.35
CA VAL C 14 -19.76 -5.10 39.13
C VAL C 14 -20.22 -6.33 38.35
N PHE C 15 -20.66 -6.11 37.11
CA PHE C 15 -21.23 -7.17 36.27
C PHE C 15 -20.42 -7.43 35.04
N LEU C 16 -19.87 -8.64 34.94
CA LEU C 16 -19.08 -9.08 33.79
C LEU C 16 -19.92 -10.11 33.05
N CYS C 17 -20.36 -9.76 31.83
CA CYS C 17 -21.15 -10.65 30.96
C CYS C 17 -20.18 -11.20 29.92
N GLN C 18 -19.66 -12.42 30.17
CA GLN C 18 -18.69 -13.04 29.30
C GLN C 18 -19.22 -14.28 28.60
N GLU C 19 -18.50 -14.70 27.56
CA GLU C 19 -18.69 -15.91 26.75
C GLU C 19 -19.85 -15.87 25.78
N SER C 20 -19.76 -16.75 24.76
CA SER C 20 -20.67 -16.98 23.65
C SER C 20 -22.15 -17.09 24.04
N LYS C 21 -22.45 -17.58 25.26
CA LYS C 21 -23.82 -17.68 25.79
C LYS C 21 -24.53 -16.32 25.84
N VAL C 22 -23.75 -15.22 25.92
CA VAL C 22 -24.26 -13.84 25.94
C VAL C 22 -24.51 -13.36 24.51
N THR C 23 -25.79 -13.29 24.10
CA THR C 23 -26.24 -12.87 22.77
C THR C 23 -26.97 -11.52 22.80
N GLU C 24 -27.66 -11.21 23.91
CA GLU C 24 -28.34 -9.93 24.10
C GLU C 24 -28.05 -9.36 25.47
N ILE C 25 -28.09 -8.02 25.63
CA ILE C 25 -27.86 -7.35 26.91
C ILE C 25 -29.03 -7.70 27.83
N PRO C 26 -28.78 -8.35 28.99
CA PRO C 26 -29.89 -8.80 29.85
C PRO C 26 -30.84 -7.71 30.35
N SER C 27 -32.15 -8.01 30.31
CA SER C 27 -33.18 -7.08 30.78
C SER C 27 -33.13 -7.00 32.31
N ASP C 28 -32.82 -8.13 32.97
CA ASP C 28 -32.74 -8.29 34.43
C ASP C 28 -31.40 -7.83 35.04
N LEU C 29 -30.73 -6.81 34.47
CA LEU C 29 -29.50 -6.28 35.05
C LEU C 29 -29.86 -5.25 36.14
N PRO C 30 -29.33 -5.42 37.40
CA PRO C 30 -29.69 -4.49 38.49
C PRO C 30 -29.35 -3.02 38.22
N ARG C 31 -30.28 -2.08 38.49
CA ARG C 31 -30.06 -0.66 38.19
C ARG C 31 -28.98 0.00 39.06
N ASN C 32 -28.73 -0.55 40.26
CA ASN C 32 -27.69 -0.08 41.19
C ASN C 32 -26.23 -0.33 40.68
N ALA C 33 -26.06 -1.17 39.63
CA ALA C 33 -24.76 -1.53 39.02
C ALA C 33 -23.81 -0.36 38.90
N ILE C 34 -22.56 -0.57 39.34
CA ILE C 34 -21.46 0.40 39.35
C ILE C 34 -20.61 0.27 38.09
N GLU C 35 -20.35 -0.99 37.69
CA GLU C 35 -19.55 -1.36 36.52
C GLU C 35 -20.27 -2.45 35.75
N LEU C 36 -20.29 -2.29 34.41
CA LEU C 36 -20.89 -3.25 33.49
C LEU C 36 -19.88 -3.54 32.39
N ARG C 37 -19.54 -4.83 32.22
CA ARG C 37 -18.58 -5.33 31.24
C ARG C 37 -19.24 -6.33 30.33
N PHE C 38 -18.91 -6.25 29.04
CA PHE C 38 -19.37 -7.11 27.96
C PHE C 38 -18.15 -7.54 27.16
N VAL C 39 -17.60 -8.73 27.51
CA VAL C 39 -16.39 -9.34 26.95
C VAL C 39 -16.73 -10.70 26.33
N LEU C 40 -16.12 -11.05 25.19
CA LEU C 40 -16.31 -12.33 24.46
C LEU C 40 -17.76 -12.72 24.16
N THR C 41 -18.63 -11.74 23.96
CA THR C 41 -20.04 -12.03 23.72
C THR C 41 -20.33 -12.17 22.25
N LYS C 42 -21.43 -12.85 21.97
CA LYS C 42 -21.94 -13.00 20.62
C LYS C 42 -23.10 -12.01 20.41
N LEU C 43 -22.81 -10.73 20.76
CA LEU C 43 -23.74 -9.61 20.60
C LEU C 43 -23.60 -9.16 19.18
N ARG C 44 -24.72 -9.05 18.48
CA ARG C 44 -24.69 -8.58 17.11
C ARG C 44 -24.90 -7.09 17.05
N VAL C 45 -25.72 -6.54 17.97
CA VAL C 45 -26.09 -5.13 18.09
C VAL C 45 -26.32 -4.80 19.57
N ILE C 46 -25.87 -3.60 20.02
CA ILE C 46 -26.16 -3.12 21.37
C ILE C 46 -27.38 -2.20 21.26
N GLN C 47 -28.56 -2.78 21.60
CA GLN C 47 -29.95 -2.30 21.53
C GLN C 47 -30.17 -0.83 21.90
N LYS C 48 -31.13 -0.17 21.23
CA LYS C 48 -31.50 1.24 21.44
C LYS C 48 -31.85 1.51 22.92
N GLY C 49 -31.11 2.42 23.55
CA GLY C 49 -31.26 2.79 24.95
C GLY C 49 -31.12 1.60 25.89
N ALA C 50 -29.97 0.90 25.79
CA ALA C 50 -29.67 -0.32 26.54
C ALA C 50 -29.21 -0.06 27.96
N PHE C 51 -28.33 0.93 28.14
CA PHE C 51 -27.76 1.25 29.45
C PHE C 51 -28.39 2.53 30.00
N SER C 52 -29.69 2.71 29.78
CA SER C 52 -30.34 3.90 30.28
C SER C 52 -31.13 3.57 31.53
N GLY C 53 -30.81 4.26 32.61
CA GLY C 53 -31.45 4.06 33.90
C GLY C 53 -30.49 3.80 35.05
N PHE C 54 -29.29 3.27 34.74
CA PHE C 54 -28.26 2.96 35.74
C PHE C 54 -27.60 4.26 36.24
N GLY C 55 -28.34 4.95 37.11
CA GLY C 55 -27.92 6.23 37.70
C GLY C 55 -26.71 6.16 38.59
N ASP C 56 -26.23 4.92 38.89
CA ASP C 56 -25.06 4.69 39.74
C ASP C 56 -23.84 4.36 38.91
N LEU C 57 -24.06 3.75 37.72
CA LEU C 57 -23.07 3.26 36.77
C LEU C 57 -22.05 4.30 36.38
N GLU C 58 -20.77 3.99 36.62
CA GLU C 58 -19.62 4.86 36.37
C GLU C 58 -18.65 4.34 35.28
N LYS C 59 -18.61 3.02 35.01
CA LYS C 59 -17.71 2.41 33.98
C LYS C 59 -18.43 1.38 33.08
N ILE C 60 -18.17 1.43 31.76
CA ILE C 60 -18.72 0.46 30.79
C ILE C 60 -17.58 -0.06 29.96
N GLU C 61 -17.56 -1.39 29.69
CA GLU C 61 -16.52 -2.05 28.90
C GLU C 61 -17.15 -2.96 27.83
N ILE C 62 -16.87 -2.68 26.54
CA ILE C 62 -17.33 -3.48 25.42
C ILE C 62 -16.08 -3.99 24.66
N SER C 63 -15.50 -5.09 25.14
CA SER C 63 -14.29 -5.64 24.56
C SER C 63 -14.45 -7.05 23.98
N GLN C 64 -13.55 -7.37 23.04
CA GLN C 64 -13.41 -8.64 22.31
C GLN C 64 -14.75 -9.25 21.84
N ASN C 65 -15.51 -8.49 21.04
CA ASN C 65 -16.79 -8.93 20.46
C ASN C 65 -16.67 -8.96 18.93
N ASP C 66 -16.48 -10.17 18.39
CA ASP C 66 -16.25 -10.37 16.96
C ASP C 66 -17.50 -10.32 16.09
N VAL C 67 -18.71 -10.38 16.68
CA VAL C 67 -19.92 -10.33 15.85
C VAL C 67 -20.72 -9.03 16.05
N LEU C 68 -20.18 -8.05 16.85
CA LEU C 68 -20.86 -6.76 17.02
C LEU C 68 -20.68 -5.90 15.78
N GLU C 69 -21.79 -5.38 15.25
CA GLU C 69 -21.82 -4.59 14.02
C GLU C 69 -22.22 -3.12 14.22
N VAL C 70 -23.27 -2.82 15.03
CA VAL C 70 -23.72 -1.43 15.20
C VAL C 70 -24.04 -1.05 16.63
N ILE C 71 -23.78 0.22 16.93
CA ILE C 71 -24.10 0.87 18.20
C ILE C 71 -25.26 1.81 17.86
N GLU C 72 -26.47 1.44 18.29
CA GLU C 72 -27.74 2.14 18.06
C GLU C 72 -27.79 3.56 18.66
N ALA C 73 -28.86 4.31 18.33
CA ALA C 73 -29.13 5.64 18.84
C ALA C 73 -29.55 5.52 20.32
N ASP C 74 -29.37 6.60 21.10
CA ASP C 74 -29.74 6.72 22.52
C ASP C 74 -29.17 5.66 23.47
N VAL C 75 -28.13 4.91 23.04
CA VAL C 75 -27.50 3.84 23.84
C VAL C 75 -26.81 4.41 25.11
N PHE C 76 -25.91 5.40 24.94
CA PHE C 76 -25.18 6.02 26.07
C PHE C 76 -25.93 7.25 26.62
N SER C 77 -27.23 7.05 26.98
CA SER C 77 -28.11 8.08 27.55
C SER C 77 -28.44 7.82 29.02
N ASN C 78 -28.94 8.87 29.73
CA ASN C 78 -29.36 8.83 31.14
C ASN C 78 -28.37 8.07 32.02
N LEU C 79 -27.14 8.64 32.17
CA LEU C 79 -26.04 8.06 32.98
C LEU C 79 -25.27 9.17 33.69
N PRO C 80 -25.86 9.81 34.74
CA PRO C 80 -25.17 10.93 35.39
C PRO C 80 -23.86 10.61 36.07
N LYS C 81 -23.59 9.33 36.40
CA LYS C 81 -22.37 8.95 37.09
C LYS C 81 -21.23 8.34 36.19
N LEU C 82 -21.51 8.10 34.89
CA LEU C 82 -20.55 7.49 33.94
C LEU C 82 -19.38 8.40 33.55
N HIS C 83 -18.15 7.97 33.87
CA HIS C 83 -16.93 8.71 33.57
C HIS C 83 -16.05 7.97 32.55
N GLU C 84 -16.33 6.67 32.35
CA GLU C 84 -15.50 5.84 31.49
C GLU C 84 -16.27 4.83 30.65
N ILE C 85 -15.99 4.84 29.33
CA ILE C 85 -16.52 3.90 28.34
C ILE C 85 -15.31 3.37 27.60
N ARG C 86 -15.24 2.05 27.39
CA ARG C 86 -14.13 1.41 26.68
C ARG C 86 -14.65 0.45 25.64
N ILE C 87 -14.61 0.88 24.38
CA ILE C 87 -15.01 0.10 23.19
C ILE C 87 -13.67 -0.37 22.57
N GLU C 88 -13.30 -1.61 22.94
CA GLU C 88 -12.05 -2.27 22.59
C GLU C 88 -12.28 -3.53 21.77
N LYS C 89 -11.35 -3.82 20.83
CA LYS C 89 -11.29 -5.02 20.01
C LYS C 89 -12.67 -5.49 19.49
N ALA C 90 -13.23 -4.74 18.54
CA ALA C 90 -14.53 -5.05 17.94
C ALA C 90 -14.37 -4.99 16.41
N ASN C 91 -13.63 -6.00 15.85
CA ASN C 91 -13.25 -6.13 14.43
C ASN C 91 -14.40 -5.99 13.40
N ASN C 92 -15.68 -6.18 13.80
CA ASN C 92 -16.78 -6.08 12.84
C ASN C 92 -17.71 -4.91 13.12
N LEU C 93 -17.34 -4.05 14.08
CA LEU C 93 -18.11 -2.86 14.41
C LEU C 93 -17.76 -1.76 13.41
N LEU C 94 -18.64 -1.54 12.41
CA LEU C 94 -18.43 -0.61 11.31
C LEU C 94 -19.13 0.73 11.45
N TYR C 95 -20.27 0.75 12.15
CA TYR C 95 -21.11 1.94 12.29
C TYR C 95 -21.49 2.27 13.73
N ILE C 96 -21.50 3.57 14.04
CA ILE C 96 -21.99 4.13 15.29
C ILE C 96 -23.03 5.23 14.94
N ASN C 97 -24.29 5.05 15.39
CA ASN C 97 -25.36 5.99 15.14
C ASN C 97 -24.96 7.35 15.67
N PRO C 98 -25.10 8.44 14.89
CA PRO C 98 -24.73 9.77 15.41
C PRO C 98 -25.55 10.25 16.61
N GLU C 99 -26.44 9.38 17.10
CA GLU C 99 -27.30 9.61 18.26
C GLU C 99 -26.94 8.65 19.42
N ALA C 100 -25.82 7.88 19.28
CA ALA C 100 -25.39 6.90 20.30
C ALA C 100 -24.87 7.53 21.57
N PHE C 101 -24.08 8.60 21.42
CA PHE C 101 -23.54 9.29 22.58
C PHE C 101 -24.37 10.50 22.92
N GLN C 102 -25.17 10.34 23.98
CA GLN C 102 -26.07 11.37 24.50
C GLN C 102 -25.38 12.16 25.62
N ASN C 103 -26.14 12.99 26.35
CA ASN C 103 -25.65 13.83 27.44
C ASN C 103 -25.03 13.01 28.56
N LEU C 104 -23.69 13.03 28.61
CA LEU C 104 -22.87 12.35 29.62
C LEU C 104 -22.06 13.41 30.36
N PRO C 105 -22.67 14.08 31.38
CA PRO C 105 -21.99 15.19 32.08
C PRO C 105 -20.74 14.86 32.89
N ASN C 106 -20.50 13.58 33.19
CA ASN C 106 -19.33 13.29 34.00
C ASN C 106 -18.34 12.40 33.30
N LEU C 107 -18.45 12.31 31.95
CA LEU C 107 -17.55 11.52 31.12
C LEU C 107 -16.13 12.13 31.19
N GLN C 108 -15.12 11.28 31.37
CA GLN C 108 -13.73 11.70 31.48
C GLN C 108 -12.85 11.00 30.46
N TYR C 109 -13.28 9.80 30.01
CA TYR C 109 -12.49 8.96 29.12
C TYR C 109 -13.38 8.16 28.19
N LEU C 110 -13.17 8.32 26.88
CA LEU C 110 -13.85 7.54 25.85
C LEU C 110 -12.79 6.84 25.00
N LEU C 111 -12.70 5.52 25.15
CA LEU C 111 -11.74 4.74 24.40
C LEU C 111 -12.44 3.95 23.30
N ILE C 112 -11.94 4.11 22.07
CA ILE C 112 -12.41 3.40 20.90
C ILE C 112 -11.15 2.89 20.24
N SER C 113 -10.80 1.66 20.58
CA SER C 113 -9.59 1.01 20.11
C SER C 113 -9.86 -0.26 19.38
N ASN C 114 -9.07 -0.47 18.31
CA ASN C 114 -9.04 -1.66 17.48
C ASN C 114 -10.42 -2.12 17.00
N THR C 115 -11.21 -1.18 16.41
CA THR C 115 -12.55 -1.45 15.85
C THR C 115 -12.53 -1.24 14.31
N GLY C 116 -13.63 -1.55 13.64
CA GLY C 116 -13.71 -1.39 12.20
C GLY C 116 -14.46 -0.15 11.75
N ILE C 117 -14.80 0.76 12.71
CA ILE C 117 -15.60 1.96 12.48
C ILE C 117 -15.02 2.84 11.35
N LYS C 118 -15.87 3.12 10.34
CA LYS C 118 -15.58 3.89 9.13
C LYS C 118 -15.48 5.40 9.36
N HIS C 119 -16.03 5.88 10.50
CA HIS C 119 -16.07 7.30 10.86
C HIS C 119 -15.86 7.49 12.36
N LEU C 120 -15.47 8.71 12.76
CA LEU C 120 -15.26 9.07 14.17
C LEU C 120 -16.62 9.09 14.93
N PRO C 121 -16.66 9.03 16.29
CA PRO C 121 -17.97 9.06 16.96
C PRO C 121 -18.59 10.45 16.98
N ASP C 122 -19.94 10.54 17.00
CA ASP C 122 -20.58 11.86 17.07
C ASP C 122 -20.65 12.25 18.52
N VAL C 123 -19.90 13.29 18.89
CA VAL C 123 -19.78 13.72 20.29
C VAL C 123 -20.49 15.04 20.64
N HIS C 124 -21.09 15.75 19.67
CA HIS C 124 -21.69 17.07 19.94
C HIS C 124 -22.78 17.09 21.02
N LYS C 125 -23.32 15.92 21.38
CA LYS C 125 -24.37 15.79 22.40
C LYS C 125 -23.89 15.32 23.79
N ILE C 126 -22.58 15.05 23.96
CA ILE C 126 -22.01 14.59 25.23
C ILE C 126 -22.09 15.69 26.31
N HIS C 127 -21.59 16.90 25.97
CA HIS C 127 -21.56 18.10 26.81
C HIS C 127 -21.07 17.85 28.23
N SER C 128 -19.93 17.16 28.36
CA SER C 128 -19.37 16.85 29.67
C SER C 128 -18.91 18.06 30.45
N LEU C 129 -18.99 17.98 31.79
CA LEU C 129 -18.54 19.02 32.70
C LEU C 129 -17.06 18.80 33.09
N GLN C 130 -16.49 17.65 32.66
CA GLN C 130 -15.15 17.19 32.99
C GLN C 130 -14.15 17.34 31.87
N LYS C 131 -12.83 17.35 32.20
CA LYS C 131 -11.78 17.34 31.18
C LYS C 131 -11.88 15.95 30.56
N VAL C 132 -11.98 15.87 29.21
CA VAL C 132 -12.17 14.61 28.52
C VAL C 132 -10.95 14.16 27.72
N LEU C 133 -10.67 12.85 27.79
CA LEU C 133 -9.63 12.20 26.99
C LEU C 133 -10.34 11.29 26.01
N LEU C 134 -10.43 11.77 24.77
CA LEU C 134 -10.99 11.02 23.68
C LEU C 134 -9.78 10.32 23.09
N ASP C 135 -9.74 8.99 23.25
CA ASP C 135 -8.62 8.16 22.80
C ASP C 135 -9.15 7.17 21.78
N ILE C 136 -8.86 7.45 20.51
CA ILE C 136 -9.29 6.69 19.32
C ILE C 136 -8.04 6.22 18.58
N GLN C 137 -7.77 4.91 18.63
CA GLN C 137 -6.55 4.30 18.09
C GLN C 137 -6.82 2.95 17.46
N ASP C 138 -5.99 2.58 16.46
CA ASP C 138 -6.01 1.32 15.73
C ASP C 138 -7.35 1.08 15.00
N ASN C 139 -7.93 2.17 14.44
CA ASN C 139 -9.19 2.14 13.69
C ASN C 139 -8.92 2.51 12.21
N ILE C 140 -8.21 1.62 11.50
CA ILE C 140 -7.75 1.78 10.12
C ILE C 140 -8.85 2.20 9.12
N ASN C 141 -10.13 2.04 9.47
CA ASN C 141 -11.19 2.46 8.56
C ASN C 141 -11.62 3.93 8.76
N ILE C 142 -11.02 4.64 9.75
CA ILE C 142 -11.25 6.07 9.95
C ILE C 142 -10.22 6.78 9.06
N HIS C 143 -10.70 7.46 8.00
CA HIS C 143 -9.85 8.17 7.02
C HIS C 143 -10.02 9.70 7.04
N THR C 144 -11.07 10.24 7.70
CA THR C 144 -11.29 11.69 7.65
C THR C 144 -11.93 12.34 8.91
N ILE C 145 -11.32 13.48 9.32
CA ILE C 145 -11.77 14.32 10.41
C ILE C 145 -12.45 15.49 9.77
N GLU C 146 -13.79 15.50 9.83
CA GLU C 146 -14.66 16.51 9.22
C GLU C 146 -14.81 17.75 10.10
N ARG C 147 -15.31 18.87 9.52
CA ARG C 147 -15.53 20.13 10.25
C ARG C 147 -16.42 19.94 11.50
N ASN C 148 -16.03 20.57 12.63
CA ASN C 148 -16.74 20.57 13.91
C ASN C 148 -16.89 19.15 14.53
N SER C 149 -15.88 18.30 14.34
CA SER C 149 -15.85 16.93 14.84
C SER C 149 -15.88 16.79 16.37
N PHE C 150 -15.38 17.79 17.12
CA PHE C 150 -15.27 17.66 18.58
C PHE C 150 -15.98 18.78 19.39
N VAL C 151 -16.75 19.64 18.69
CA VAL C 151 -17.53 20.69 19.34
C VAL C 151 -18.65 20.03 20.17
N GLY C 152 -18.92 20.58 21.35
CA GLY C 152 -19.94 20.07 22.25
C GLY C 152 -19.56 18.82 23.05
N LEU C 153 -18.32 18.29 22.86
CA LEU C 153 -17.85 17.13 23.63
C LEU C 153 -17.69 17.54 25.09
N SER C 154 -17.08 18.72 25.32
CA SER C 154 -16.84 19.20 26.68
C SER C 154 -16.86 20.72 26.82
N PHE C 155 -17.25 21.18 28.02
CA PHE C 155 -17.22 22.59 28.35
C PHE C 155 -15.81 22.91 28.87
N GLU C 156 -15.06 21.83 29.19
CA GLU C 156 -13.68 21.84 29.71
C GLU C 156 -12.70 21.58 28.59
N SER C 157 -11.39 21.66 28.88
CA SER C 157 -10.34 21.36 27.90
C SER C 157 -10.33 19.89 27.59
N VAL C 158 -9.77 19.54 26.41
CA VAL C 158 -9.86 18.19 25.91
C VAL C 158 -8.51 17.63 25.37
N ILE C 159 -8.26 16.32 25.52
CA ILE C 159 -7.08 15.64 24.98
C ILE C 159 -7.60 14.76 23.85
N LEU C 160 -6.99 14.86 22.65
CA LEU C 160 -7.45 14.13 21.48
C LEU C 160 -6.38 13.24 20.88
N TRP C 161 -6.48 11.95 21.17
CA TRP C 161 -5.58 10.95 20.65
C TRP C 161 -6.27 10.28 19.50
N LEU C 162 -5.84 10.65 18.26
CA LEU C 162 -6.39 10.18 16.98
C LEU C 162 -5.27 9.52 16.23
N ASN C 163 -4.29 9.00 16.96
CA ASN C 163 -3.14 8.33 16.36
C ASN C 163 -3.47 6.90 15.93
N LYS C 164 -2.60 6.34 15.07
CA LYS C 164 -2.64 4.97 14.55
C LYS C 164 -3.95 4.59 13.87
N ASN C 165 -4.68 5.54 13.25
CA ASN C 165 -5.91 5.19 12.53
C ASN C 165 -5.60 5.09 11.02
N GLY C 166 -6.44 5.64 10.15
CA GLY C 166 -6.19 5.63 8.71
C GLY C 166 -6.43 6.97 8.04
N ILE C 167 -6.40 8.04 8.87
CA ILE C 167 -6.63 9.43 8.53
C ILE C 167 -5.70 9.91 7.41
N GLN C 168 -6.30 10.52 6.35
CA GLN C 168 -5.58 11.08 5.18
C GLN C 168 -6.11 12.44 4.79
N GLU C 169 -7.25 12.86 5.43
CA GLU C 169 -7.95 14.13 5.20
C GLU C 169 -8.37 14.78 6.51
N ILE C 170 -8.07 16.07 6.68
CA ILE C 170 -8.50 16.84 7.86
C ILE C 170 -9.10 18.14 7.35
N HIS C 171 -10.41 18.29 7.52
CA HIS C 171 -11.16 19.46 7.05
C HIS C 171 -10.87 20.74 7.85
N ASN C 172 -11.12 21.91 7.23
CA ASN C 172 -10.94 23.19 7.90
C ASN C 172 -11.98 23.32 9.00
N SER C 173 -11.54 23.84 10.17
CA SER C 173 -12.34 24.02 11.39
C SER C 173 -12.76 22.69 12.04
N ALA C 174 -12.08 21.57 11.68
CA ALA C 174 -12.35 20.25 12.27
C ALA C 174 -12.32 20.29 13.81
N PHE C 175 -11.55 21.25 14.35
CA PHE C 175 -11.37 21.46 15.78
C PHE C 175 -12.03 22.73 16.30
N ASN C 176 -13.00 23.28 15.56
CA ASN C 176 -13.71 24.50 16.00
C ASN C 176 -14.55 24.24 17.25
N GLY C 177 -14.66 25.23 18.13
CA GLY C 177 -15.41 25.18 19.38
C GLY C 177 -14.89 24.15 20.35
N THR C 178 -13.55 24.02 20.43
CA THR C 178 -12.84 23.05 21.26
C THR C 178 -11.66 23.71 22.02
N GLN C 179 -11.44 23.31 23.28
CA GLN C 179 -10.28 23.79 24.03
C GLN C 179 -9.25 22.66 23.92
N LEU C 180 -8.37 22.71 22.90
CA LEU C 180 -7.38 21.64 22.68
C LEU C 180 -6.18 21.68 23.61
N ASP C 181 -6.05 20.65 24.43
CA ASP C 181 -4.91 20.57 25.33
C ASP C 181 -3.80 19.89 24.59
N GLU C 182 -4.09 18.69 24.07
CA GLU C 182 -3.16 17.82 23.40
C GLU C 182 -3.84 17.18 22.20
N LEU C 183 -3.13 17.12 21.05
CA LEU C 183 -3.64 16.51 19.82
C LEU C 183 -2.58 15.61 19.26
N ASN C 184 -2.89 14.31 19.12
CA ASN C 184 -1.96 13.33 18.60
C ASN C 184 -2.51 12.74 17.32
N LEU C 185 -1.83 13.06 16.22
CA LEU C 185 -2.19 12.61 14.89
C LEU C 185 -1.14 11.63 14.31
N SER C 186 -0.17 11.21 15.14
CA SER C 186 0.90 10.29 14.74
C SER C 186 0.41 8.96 14.19
N ASP C 187 1.29 8.31 13.44
CA ASP C 187 1.14 6.99 12.85
C ASP C 187 -0.07 6.84 11.93
N ASN C 188 -0.57 7.96 11.38
CA ASN C 188 -1.59 8.04 10.33
C ASN C 188 -0.68 8.38 9.16
N ASN C 189 -0.19 7.35 8.48
CA ASN C 189 0.86 7.48 7.46
C ASN C 189 0.41 8.16 6.18
N ASN C 190 -0.83 7.96 5.76
CA ASN C 190 -1.35 8.57 4.53
C ASN C 190 -1.64 10.07 4.67
N LEU C 191 -1.62 10.61 5.91
CA LEU C 191 -1.90 12.02 6.17
C LEU C 191 -0.84 12.92 5.55
N GLU C 192 -1.25 13.64 4.48
CA GLU C 192 -0.37 14.48 3.66
C GLU C 192 -0.32 15.96 4.03
N GLU C 193 -1.43 16.54 4.54
CA GLU C 193 -1.38 17.97 4.88
C GLU C 193 -2.32 18.44 6.00
N LEU C 194 -1.86 19.48 6.68
CA LEU C 194 -2.61 20.17 7.70
C LEU C 194 -3.09 21.49 7.09
N PRO C 195 -4.39 21.61 6.68
CA PRO C 195 -4.87 22.88 6.11
C PRO C 195 -4.63 24.05 7.07
N ASN C 196 -4.59 25.29 6.53
CA ASN C 196 -4.31 26.46 7.36
C ASN C 196 -5.39 26.75 8.41
N ASP C 197 -6.68 26.52 8.09
CA ASP C 197 -7.76 26.76 9.05
C ASP C 197 -8.09 25.51 9.89
N VAL C 198 -7.11 24.60 10.08
CA VAL C 198 -7.31 23.39 10.87
C VAL C 198 -7.66 23.79 12.32
N PHE C 199 -6.87 24.70 12.91
CA PHE C 199 -7.05 25.18 14.28
C PHE C 199 -7.93 26.45 14.36
N HIS C 200 -8.90 26.60 13.44
CA HIS C 200 -9.77 27.78 13.49
C HIS C 200 -10.85 27.66 14.55
N GLY C 201 -10.89 28.63 15.46
CA GLY C 201 -11.85 28.63 16.57
C GLY C 201 -11.54 27.53 17.59
N ALA C 202 -10.27 27.36 17.94
CA ALA C 202 -9.87 26.34 18.90
C ALA C 202 -8.71 26.84 19.71
N SER C 203 -8.78 26.64 21.03
CA SER C 203 -7.69 27.01 21.90
C SER C 203 -6.59 25.98 21.69
N GLY C 204 -5.34 26.44 21.73
CA GLY C 204 -4.16 25.58 21.58
C GLY C 204 -3.99 24.92 20.22
N PRO C 205 -3.51 23.64 20.18
CA PRO C 205 -3.13 22.77 21.30
C PRO C 205 -1.80 23.13 21.93
N VAL C 206 -1.61 22.71 23.17
CA VAL C 206 -0.37 22.95 23.93
C VAL C 206 0.66 21.88 23.54
N ILE C 207 0.17 20.66 23.28
CA ILE C 207 0.96 19.53 22.84
C ILE C 207 0.43 19.09 21.48
N LEU C 208 1.34 18.87 20.50
CA LEU C 208 1.01 18.38 19.17
C LEU C 208 2.00 17.32 18.73
N ASP C 209 1.47 16.18 18.25
CA ASP C 209 2.29 15.08 17.77
C ASP C 209 1.87 14.71 16.36
N ILE C 210 2.72 15.04 15.38
CA ILE C 210 2.56 14.73 13.95
C ILE C 210 3.67 13.74 13.55
N SER C 211 4.08 12.85 14.46
CA SER C 211 5.14 11.92 14.16
C SER C 211 4.70 10.86 13.19
N ARG C 212 5.61 10.41 12.31
CA ARG C 212 5.34 9.39 11.30
C ARG C 212 4.06 9.72 10.49
N THR C 213 4.08 10.92 9.85
CA THR C 213 3.05 11.45 8.96
C THR C 213 3.74 12.16 7.77
N ARG C 214 3.07 12.17 6.60
CA ARG C 214 3.58 12.82 5.39
C ARG C 214 3.30 14.33 5.38
N ILE C 215 2.97 14.91 6.55
CA ILE C 215 2.67 16.34 6.67
C ILE C 215 3.90 17.16 6.24
N HIS C 216 3.66 18.06 5.26
CA HIS C 216 4.63 18.91 4.58
C HIS C 216 4.94 20.21 5.30
N SER C 217 3.97 20.76 6.05
CA SER C 217 4.09 22.08 6.69
C SER C 217 3.13 22.24 7.88
N LEU C 218 3.46 23.16 8.80
CA LEU C 218 2.61 23.49 9.93
C LEU C 218 1.77 24.74 9.55
N PRO C 219 0.57 24.96 10.14
CA PRO C 219 -0.20 26.15 9.76
C PRO C 219 0.36 27.44 10.38
N SER C 220 0.23 28.56 9.65
CA SER C 220 0.69 29.90 10.04
C SER C 220 0.15 30.39 11.39
N TYR C 221 -1.06 29.98 11.77
CA TYR C 221 -1.67 30.37 13.05
C TYR C 221 -2.22 29.14 13.79
N GLY C 222 -2.51 29.30 15.08
CA GLY C 222 -3.02 28.22 15.93
C GLY C 222 -1.97 27.61 16.84
N LEU C 223 -0.70 27.84 16.51
CA LEU C 223 0.46 27.30 17.23
C LEU C 223 1.04 28.29 18.25
N GLU C 224 0.35 29.41 18.44
CA GLU C 224 0.72 30.46 19.39
C GLU C 224 0.75 29.96 20.85
N ASN C 225 0.11 28.80 21.10
CA ASN C 225 0.04 28.16 22.42
C ASN C 225 0.82 26.87 22.51
N LEU C 226 1.33 26.39 21.37
CA LEU C 226 2.12 25.16 21.28
C LEU C 226 3.39 25.24 22.13
N LYS C 227 3.52 24.34 23.13
CA LYS C 227 4.68 24.24 24.01
C LYS C 227 5.58 23.04 23.61
N LYS C 228 4.96 21.89 23.29
CA LYS C 228 5.67 20.65 22.93
C LYS C 228 5.29 20.14 21.53
N LEU C 229 6.27 20.03 20.64
CA LEU C 229 6.03 19.55 19.29
C LEU C 229 6.77 18.27 19.09
N ARG C 230 6.05 17.23 18.70
CA ARG C 230 6.69 15.94 18.46
C ARG C 230 6.48 15.62 16.99
N ALA C 231 7.59 15.52 16.26
CA ALA C 231 7.59 15.30 14.83
C ALA C 231 8.72 14.36 14.48
N ARG C 232 8.65 13.17 15.05
CA ARG C 232 9.62 12.11 14.85
C ARG C 232 9.26 11.47 13.51
N SER C 233 10.27 11.22 12.64
CA SER C 233 10.08 10.62 11.32
C SER C 233 9.00 11.33 10.50
N THR C 234 9.03 12.66 10.53
CA THR C 234 8.10 13.52 9.80
C THR C 234 8.94 14.18 8.71
N TYR C 235 9.43 13.33 7.80
CA TYR C 235 10.35 13.65 6.73
C TYR C 235 9.89 14.69 5.72
N ASN C 236 8.57 14.91 5.55
CA ASN C 236 8.09 15.88 4.56
C ASN C 236 8.12 17.32 5.05
N LEU C 237 8.29 17.54 6.38
CA LEU C 237 8.32 18.87 6.97
C LEU C 237 9.42 19.74 6.34
N LYS C 238 10.69 19.64 6.81
CA LYS C 238 11.84 20.39 6.25
C LYS C 238 11.82 21.92 6.50
N LYS C 239 10.62 22.53 6.55
CA LYS C 239 10.43 23.95 6.82
C LYS C 239 9.56 24.06 8.05
N LEU C 240 10.04 24.80 9.03
CA LEU C 240 9.32 25.02 10.26
C LEU C 240 9.04 26.51 10.45
N PRO C 241 7.99 26.89 11.19
CA PRO C 241 7.76 28.33 11.45
C PRO C 241 8.85 28.95 12.32
N THR C 242 9.04 30.27 12.22
CA THR C 242 10.04 30.98 13.03
C THR C 242 9.63 31.02 14.50
N LEU C 243 10.62 31.16 15.42
CA LEU C 243 10.38 31.25 16.87
C LEU C 243 9.54 32.48 17.26
N GLU C 244 9.24 33.35 16.26
CA GLU C 244 8.37 34.51 16.39
C GLU C 244 6.90 34.01 16.41
N LYS C 245 6.64 32.89 15.71
CA LYS C 245 5.33 32.21 15.63
C LYS C 245 5.19 31.11 16.68
N LEU C 246 6.31 30.47 17.07
CA LEU C 246 6.28 29.40 18.05
C LEU C 246 6.72 29.87 19.44
N VAL C 247 6.44 31.14 19.77
CA VAL C 247 6.76 31.83 21.04
C VAL C 247 6.62 30.95 22.31
N ALA C 248 5.49 30.23 22.42
CA ALA C 248 5.20 29.36 23.56
C ALA C 248 6.04 28.08 23.61
N LEU C 249 6.55 27.59 22.44
CA LEU C 249 7.35 26.36 22.32
C LEU C 249 8.53 26.34 23.27
N MET C 250 8.67 25.24 24.02
CA MET C 250 9.71 25.05 25.04
C MET C 250 10.43 23.72 24.95
N GLU C 251 9.87 22.77 24.18
CA GLU C 251 10.41 21.44 23.97
C GLU C 251 9.98 20.96 22.58
N ALA C 252 10.92 20.33 21.82
CA ALA C 252 10.64 19.86 20.46
C ALA C 252 11.46 18.63 20.02
N SER C 253 10.80 17.47 19.86
CA SER C 253 11.46 16.26 19.35
C SER C 253 11.11 16.02 17.86
N LEU C 254 12.03 16.50 17.00
CA LEU C 254 11.91 16.53 15.54
C LEU C 254 12.67 15.41 14.79
N THR C 255 12.95 15.63 13.47
CA THR C 255 13.61 14.70 12.56
C THR C 255 15.01 15.19 12.14
N TYR C 256 15.10 16.41 11.58
CA TYR C 256 16.30 17.05 11.06
C TYR C 256 17.07 17.86 12.11
N PRO C 257 18.35 17.51 12.35
CA PRO C 257 19.15 18.25 13.36
C PRO C 257 19.38 19.73 13.04
N SER C 258 19.19 20.12 11.77
CA SER C 258 19.29 21.49 11.27
C SER C 258 18.23 22.38 11.97
N HIS C 259 17.04 21.79 12.23
CA HIS C 259 15.92 22.45 12.90
C HIS C 259 16.27 22.80 14.34
N CYS C 260 17.05 21.92 15.01
CA CYS C 260 17.50 22.12 16.39
C CYS C 260 18.49 23.26 16.52
N CYS C 261 19.43 23.37 15.56
CA CYS C 261 20.44 24.43 15.52
C CYS C 261 19.78 25.79 15.46
N ALA C 262 18.66 25.89 14.71
CA ALA C 262 17.86 27.10 14.59
C ALA C 262 17.19 27.48 15.93
N PHE C 263 16.89 26.48 16.78
CA PHE C 263 16.26 26.71 18.10
C PHE C 263 17.28 27.10 19.18
N ALA C 264 18.57 26.75 18.98
CA ALA C 264 19.64 27.09 19.92
C ALA C 264 20.06 28.55 19.77
N ASN C 265 20.94 29.04 20.68
CA ASN C 265 21.52 30.39 20.72
C ASN C 265 20.50 31.54 20.85
N TRP C 266 19.18 31.24 20.79
CA TRP C 266 18.10 32.22 20.92
C TRP C 266 17.01 31.76 21.91
N ARG C 267 16.55 32.68 22.79
CA ARG C 267 15.51 32.44 23.81
C ARG C 267 14.36 33.45 23.72
N ILE C 276 11.78 34.94 38.00
CA ILE C 276 10.79 35.00 36.92
C ILE C 276 9.37 34.76 37.42
N CYS C 277 9.17 33.64 38.15
CA CYS C 277 7.87 33.25 38.70
C CYS C 277 7.96 32.92 40.20
N ASN C 278 6.98 33.43 40.98
CA ASN C 278 6.89 33.23 42.42
C ASN C 278 6.74 31.76 42.80
N LYS C 279 7.33 31.38 43.95
CA LYS C 279 7.31 30.01 44.48
C LYS C 279 7.40 30.04 46.00
N ASP C 319 10.10 14.78 40.42
CA ASP C 319 10.45 15.72 39.35
C ASP C 319 9.32 16.71 39.12
N TYS C 320 9.65 18.03 39.05
CA TYS C 320 8.69 19.12 38.82
CB TYS C 320 7.79 19.54 40.01
CG TYS C 320 6.33 19.07 39.88
CD1 TYS C 320 5.73 18.51 38.67
CD2 TYS C 320 5.54 19.20 41.05
CE1 TYS C 320 4.38 18.09 38.65
CE2 TYS C 320 4.19 18.83 41.05
CZ TYS C 320 3.60 18.24 39.85
OH TYS C 320 2.31 17.81 39.74
S TYS C 320 1.73 17.24 40.93
O1 TYS C 320 0.74 18.25 41.26
O2 TYS C 320 2.68 16.53 41.79
O3 TYS C 320 0.87 16.19 40.58
C TYS C 320 9.27 20.40 38.22
O TYS C 320 10.24 20.94 38.74
N ASP C 321 8.62 20.89 37.14
CA ASP C 321 8.99 22.12 36.42
C ASP C 321 8.39 23.30 37.20
N LEU C 322 9.10 23.71 38.29
CA LEU C 322 8.73 24.77 39.24
C LEU C 322 8.55 26.16 38.63
N CYS C 323 7.41 26.35 37.91
CA CYS C 323 6.94 27.58 37.26
C CYS C 323 5.52 27.39 36.71
N VAL C 327 14.82 26.17 30.54
CA VAL C 327 14.66 27.61 30.32
C VAL C 327 14.55 27.91 28.79
N ASP C 328 15.31 27.18 27.96
CA ASP C 328 15.29 27.30 26.49
C ASP C 328 14.60 26.07 25.84
N VAL C 329 14.58 26.00 24.48
CA VAL C 329 13.96 24.92 23.71
C VAL C 329 14.76 23.63 23.88
N THR C 330 14.11 22.58 24.41
CA THR C 330 14.70 21.24 24.63
C THR C 330 14.53 20.49 23.31
N CYS C 331 15.50 20.64 22.41
CA CYS C 331 15.43 20.09 21.06
C CYS C 331 16.29 18.86 20.81
N SER C 332 15.75 17.92 20.03
CA SER C 332 16.37 16.66 19.60
C SER C 332 15.85 16.26 18.19
N PRO C 333 16.68 15.70 17.26
CA PRO C 333 18.11 15.35 17.35
C PRO C 333 19.05 16.56 17.45
N LYS C 334 19.99 16.51 18.40
CA LYS C 334 20.98 17.56 18.64
C LYS C 334 22.47 17.11 18.42
N PRO C 335 22.84 16.35 17.35
CA PRO C 335 24.24 15.90 17.24
C PRO C 335 25.25 16.90 16.71
N ASP C 336 26.48 16.77 17.24
CA ASP C 336 27.65 17.60 16.92
C ASP C 336 28.58 16.88 15.94
N ALA C 337 28.40 15.55 15.77
CA ALA C 337 29.22 14.66 14.93
C ALA C 337 29.27 15.04 13.43
N PHE C 338 28.21 15.70 12.93
CA PHE C 338 28.08 16.12 11.53
C PHE C 338 27.47 17.54 11.38
N ASN C 339 26.76 18.04 12.43
CA ASN C 339 26.10 19.35 12.50
C ASN C 339 24.91 19.43 11.46
N PRO C 340 24.77 20.36 10.44
CA PRO C 340 25.62 21.47 9.99
C PRO C 340 25.18 22.85 10.51
N CYS C 341 25.87 23.35 11.56
CA CYS C 341 25.59 24.63 12.21
C CYS C 341 26.80 25.13 13.00
N VAL D 4 -41.00 22.04 -11.45
CA VAL D 4 -41.27 23.18 -10.56
C VAL D 4 -40.61 24.45 -11.12
N GLN D 5 -39.36 24.33 -11.66
CA GLN D 5 -38.59 25.45 -12.21
C GLN D 5 -38.80 25.67 -13.73
N ASP D 6 -39.40 24.69 -14.43
CA ASP D 6 -39.68 24.69 -15.88
C ASP D 6 -38.41 24.91 -16.69
N CYS D 7 -37.50 23.91 -16.64
CA CYS D 7 -36.22 23.88 -17.34
C CYS D 7 -36.50 23.76 -18.84
N PRO D 8 -36.18 24.79 -19.68
CA PRO D 8 -36.51 24.69 -21.12
C PRO D 8 -35.75 23.58 -21.84
N GLU D 9 -36.47 22.76 -22.63
CA GLU D 9 -35.96 21.59 -23.37
C GLU D 9 -34.83 21.89 -24.35
N CYS D 10 -33.97 20.89 -24.54
CA CYS D 10 -32.85 20.88 -25.48
C CYS D 10 -33.33 21.09 -26.92
N THR D 11 -33.00 22.27 -27.47
CA THR D 11 -33.38 22.68 -28.82
C THR D 11 -32.33 23.62 -29.40
N LEU D 12 -32.42 23.91 -30.71
CA LEU D 12 -31.52 24.83 -31.39
C LEU D 12 -31.82 26.28 -31.02
N GLN D 13 -30.74 27.01 -30.68
CA GLN D 13 -30.79 28.44 -30.33
C GLN D 13 -29.70 29.20 -31.09
N GLU D 14 -29.93 30.49 -31.33
CA GLU D 14 -28.98 31.34 -32.03
C GLU D 14 -27.84 31.67 -31.08
N ASN D 15 -26.58 31.40 -31.49
CA ASN D 15 -25.38 31.69 -30.69
C ASN D 15 -25.11 33.20 -30.67
N PRO D 16 -24.95 33.87 -29.50
CA PRO D 16 -24.70 35.34 -29.53
C PRO D 16 -23.37 35.70 -30.21
N LEU D 17 -22.29 35.00 -29.83
CA LEU D 17 -20.96 35.15 -30.43
C LEU D 17 -21.00 34.39 -31.76
N PHE D 18 -20.23 34.86 -32.76
CA PHE D 18 -20.11 34.27 -34.10
C PHE D 18 -21.23 34.64 -35.03
N SER D 19 -22.50 34.56 -34.56
CA SER D 19 -23.66 34.91 -35.35
C SER D 19 -23.57 36.32 -35.90
N GLN D 20 -24.04 36.49 -37.12
CA GLN D 20 -24.06 37.78 -37.80
C GLN D 20 -25.44 37.99 -38.46
N PRO D 21 -25.83 39.22 -38.86
CA PRO D 21 -27.16 39.38 -39.49
C PRO D 21 -27.22 38.65 -40.83
N GLY D 22 -28.16 37.72 -40.95
CA GLY D 22 -28.29 36.90 -42.14
C GLY D 22 -27.44 35.65 -42.07
N ALA D 23 -26.36 35.69 -41.26
CA ALA D 23 -25.44 34.57 -41.06
C ALA D 23 -25.46 34.09 -39.57
N PRO D 24 -26.63 33.61 -39.04
CA PRO D 24 -26.63 33.11 -37.66
C PRO D 24 -25.92 31.77 -37.56
N ILE D 25 -25.50 31.43 -36.34
CA ILE D 25 -24.87 30.16 -36.02
C ILE D 25 -25.77 29.55 -35.00
N LEU D 26 -26.22 28.33 -35.28
CA LEU D 26 -27.16 27.66 -34.41
C LEU D 26 -26.45 26.64 -33.50
N GLN D 27 -26.76 26.72 -32.20
CA GLN D 27 -26.16 25.94 -31.11
C GLN D 27 -27.21 25.14 -30.31
N CYS D 28 -26.86 23.91 -29.92
CA CYS D 28 -27.74 23.04 -29.13
C CYS D 28 -27.67 23.34 -27.67
N MET D 29 -28.75 23.86 -27.13
CA MET D 29 -28.79 24.18 -25.71
C MET D 29 -30.16 23.94 -25.09
N GLY D 30 -30.15 23.67 -23.79
CA GLY D 30 -31.37 23.38 -23.06
C GLY D 30 -31.19 22.35 -21.96
N CYS D 31 -32.32 21.83 -21.50
CA CYS D 31 -32.42 20.91 -20.37
C CYS D 31 -32.75 19.50 -20.76
N CYS D 32 -32.06 18.57 -20.07
CA CYS D 32 -32.16 17.13 -20.21
C CYS D 32 -32.33 16.43 -18.85
N PHE D 33 -32.96 15.24 -18.83
CA PHE D 33 -33.22 14.52 -17.58
C PHE D 33 -32.00 13.74 -17.07
N SER D 34 -31.74 13.90 -15.76
CA SER D 34 -30.68 13.21 -15.04
C SER D 34 -31.16 12.88 -13.63
N ARG D 35 -30.65 11.79 -13.08
CA ARG D 35 -31.01 11.35 -11.73
C ARG D 35 -29.84 10.62 -11.04
N ALA D 36 -29.95 10.46 -9.71
CA ALA D 36 -28.98 9.77 -8.87
C ALA D 36 -29.75 8.87 -7.93
N TYR D 37 -29.20 7.70 -7.62
CA TYR D 37 -29.79 6.70 -6.71
C TYR D 37 -28.72 5.72 -6.21
N PRO D 38 -28.88 5.04 -5.06
CA PRO D 38 -27.84 4.11 -4.64
C PRO D 38 -27.75 2.94 -5.62
N THR D 39 -26.50 2.57 -5.96
CA THR D 39 -26.14 1.48 -6.84
C THR D 39 -26.78 0.18 -6.36
N PRO D 40 -27.54 -0.52 -7.23
CA PRO D 40 -28.12 -1.79 -6.80
C PRO D 40 -27.01 -2.80 -6.54
N LEU D 41 -27.17 -3.64 -5.50
CA LEU D 41 -26.21 -4.66 -5.12
C LEU D 41 -25.77 -5.54 -6.27
N ARG D 42 -26.66 -5.76 -7.25
CA ARG D 42 -26.39 -6.55 -8.45
C ARG D 42 -25.32 -5.88 -9.32
N SER D 43 -25.33 -4.54 -9.40
CA SER D 43 -24.35 -3.76 -10.17
C SER D 43 -23.00 -3.82 -9.50
N LYS D 44 -22.99 -3.68 -8.16
CA LYS D 44 -21.75 -3.75 -7.36
C LYS D 44 -20.94 -5.02 -7.65
N LYS D 45 -21.63 -6.13 -7.99
CA LYS D 45 -21.02 -7.41 -8.36
C LYS D 45 -20.13 -7.28 -9.62
N THR D 46 -20.36 -6.25 -10.45
CA THR D 46 -19.65 -6.02 -11.72
C THR D 46 -18.59 -4.91 -11.67
N MET D 47 -18.29 -4.37 -10.48
CA MET D 47 -17.35 -3.27 -10.35
C MET D 47 -16.12 -3.59 -9.54
N LEU D 48 -14.93 -3.48 -10.15
CA LEU D 48 -13.67 -3.69 -9.44
C LEU D 48 -13.43 -2.52 -8.49
N VAL D 49 -13.81 -1.32 -8.93
CA VAL D 49 -13.78 -0.11 -8.12
C VAL D 49 -15.22 0.12 -7.71
N GLN D 50 -15.49 -0.06 -6.43
CA GLN D 50 -16.83 0.12 -5.87
C GLN D 50 -17.30 1.57 -5.89
N LYS D 51 -18.54 1.78 -6.40
CA LYS D 51 -19.24 3.06 -6.47
C LYS D 51 -20.63 2.82 -5.86
N ASN D 52 -20.84 3.28 -4.60
CA ASN D 52 -22.12 3.12 -3.89
C ASN D 52 -23.28 3.95 -4.47
N VAL D 53 -22.96 5.02 -5.21
CA VAL D 53 -23.96 5.86 -5.87
C VAL D 53 -23.89 5.64 -7.41
N THR D 54 -25.06 5.63 -8.04
CA THR D 54 -25.21 5.52 -9.48
C THR D 54 -25.86 6.79 -9.96
N SER D 55 -25.26 7.43 -10.97
CA SER D 55 -25.76 8.65 -11.58
C SER D 55 -26.09 8.33 -13.04
N GLU D 56 -27.36 8.52 -13.43
CA GLU D 56 -27.79 8.31 -14.83
C GLU D 56 -27.96 9.70 -15.43
N SER D 57 -27.19 10.06 -16.47
CA SER D 57 -27.31 11.40 -17.04
C SER D 57 -27.25 11.50 -18.59
N THR D 58 -27.97 12.52 -19.08
CA THR D 58 -28.06 12.87 -20.48
C THR D 58 -27.85 14.38 -20.62
N CYS D 59 -27.15 14.80 -21.69
CA CYS D 59 -26.77 16.18 -21.98
C CYS D 59 -27.28 16.67 -23.33
N CYS D 60 -27.54 17.99 -23.45
CA CYS D 60 -28.00 18.61 -24.69
C CYS D 60 -26.85 18.73 -25.71
N VAL D 61 -26.97 17.98 -26.82
CA VAL D 61 -25.94 17.90 -27.87
C VAL D 61 -26.50 17.86 -29.30
N ALA D 62 -25.67 18.30 -30.28
CA ALA D 62 -25.98 18.27 -31.70
C ALA D 62 -26.10 16.85 -32.21
N LYS D 63 -27.26 16.53 -32.82
CA LYS D 63 -27.50 15.24 -33.42
C LYS D 63 -26.80 15.27 -34.78
N SER D 64 -26.57 16.49 -35.31
CA SER D 64 -25.95 16.76 -36.61
C SER D 64 -25.50 18.22 -36.71
N TYR D 65 -24.51 18.50 -37.54
CA TYR D 65 -24.05 19.87 -37.77
C TYR D 65 -23.37 20.06 -39.12
N ASN D 66 -22.97 21.31 -39.42
CA ASN D 66 -22.23 21.67 -40.62
C ASN D 66 -21.05 22.54 -40.19
N ARG D 67 -19.83 22.15 -40.59
CA ARG D 67 -18.62 22.91 -40.26
C ARG D 67 -18.54 24.13 -41.18
N VAL D 68 -18.50 25.34 -40.60
CA VAL D 68 -18.45 26.63 -41.33
C VAL D 68 -17.35 27.55 -40.79
N THR D 69 -16.90 28.51 -41.61
CA THR D 69 -15.87 29.46 -41.18
C THR D 69 -16.44 30.86 -41.20
N VAL D 70 -16.59 31.45 -40.01
CA VAL D 70 -17.19 32.77 -39.76
C VAL D 70 -16.17 33.75 -39.19
N MET D 71 -16.54 35.06 -39.14
CA MET D 71 -15.71 36.16 -38.59
C MET D 71 -14.27 36.03 -39.09
N GLY D 72 -14.16 35.96 -40.41
CA GLY D 72 -12.88 35.77 -41.10
C GLY D 72 -12.42 34.33 -41.02
N GLY D 73 -11.76 33.97 -39.91
CA GLY D 73 -11.19 32.63 -39.73
C GLY D 73 -11.50 31.91 -38.43
N PHE D 74 -12.77 31.52 -38.23
CA PHE D 74 -13.17 30.75 -37.05
C PHE D 74 -13.96 29.54 -37.49
N LYS D 75 -13.34 28.36 -37.40
CA LYS D 75 -13.97 27.10 -37.79
C LYS D 75 -14.95 26.72 -36.67
N VAL D 76 -16.25 26.93 -36.94
CA VAL D 76 -17.36 26.65 -36.00
C VAL D 76 -18.35 25.62 -36.54
N GLU D 77 -19.03 24.90 -35.64
CA GLU D 77 -20.09 23.95 -35.98
C GLU D 77 -21.40 24.74 -36.07
N ASN D 78 -22.24 24.46 -37.06
CA ASN D 78 -23.56 25.10 -37.26
C ASN D 78 -24.53 23.95 -37.12
N HIS D 79 -25.07 23.79 -35.89
CA HIS D 79 -25.93 22.66 -35.55
C HIS D 79 -27.20 22.65 -36.36
N THR D 80 -27.50 21.48 -36.94
CA THR D 80 -28.66 21.26 -37.79
C THR D 80 -29.78 20.58 -36.98
N ALA D 81 -29.40 19.79 -35.95
CA ALA D 81 -30.33 19.11 -35.04
C ALA D 81 -29.71 18.95 -33.63
N CYS D 82 -30.58 18.77 -32.60
CA CYS D 82 -30.26 18.55 -31.17
C CYS D 82 -30.94 17.31 -30.68
N HIS D 83 -30.53 16.85 -29.48
CA HIS D 83 -31.06 15.70 -28.75
C HIS D 83 -30.29 15.52 -27.47
N CYS D 84 -30.96 14.97 -26.45
CA CYS D 84 -30.37 14.69 -25.16
C CYS D 84 -29.70 13.32 -25.33
N SER D 85 -28.35 13.30 -25.31
CA SER D 85 -27.57 12.08 -25.47
C SER D 85 -26.47 12.01 -24.42
N THR D 86 -25.51 11.08 -24.58
CA THR D 86 -24.37 10.83 -23.69
C THR D 86 -23.59 12.08 -23.30
N CYS D 87 -23.36 12.24 -22.00
CA CYS D 87 -22.55 13.31 -21.41
C CYS D 87 -21.13 12.84 -21.43
N TYR D 88 -20.26 13.63 -22.03
CA TYR D 88 -18.85 13.27 -22.06
C TYR D 88 -18.07 13.99 -20.93
N TYR D 89 -18.54 15.19 -20.52
CA TYR D 89 -17.86 16.12 -19.61
C TYR D 89 -18.56 16.41 -18.27
N HIS D 90 -19.50 15.56 -17.86
CA HIS D 90 -20.23 15.74 -16.61
C HIS D 90 -19.42 15.41 -15.36
N LYS D 91 -18.50 14.43 -15.44
CA LYS D 91 -17.69 13.99 -14.29
C LYS D 91 -16.41 14.78 -14.06
N SER D 92 -15.86 14.63 -12.84
CA SER D 92 -14.58 15.23 -12.42
C SER D 92 -13.41 14.49 -13.09
N ASN E 1 -31.53 23.71 -14.10
CA ASN E 1 -32.35 24.42 -13.11
C ASN E 1 -33.07 23.43 -12.13
N SER E 2 -34.21 22.85 -12.56
CA SER E 2 -35.09 21.95 -11.77
C SER E 2 -34.48 20.58 -11.35
N CYS E 3 -33.51 20.60 -10.44
CA CYS E 3 -32.92 19.39 -9.87
C CYS E 3 -33.26 19.41 -8.36
N GLU E 4 -34.03 18.39 -7.90
CA GLU E 4 -34.40 18.35 -6.48
C GLU E 4 -34.55 16.93 -5.91
N LEU E 5 -34.67 16.91 -4.56
CA LEU E 5 -34.88 15.73 -3.73
C LEU E 5 -36.23 15.16 -4.08
N THR E 6 -36.25 13.90 -4.48
CA THR E 6 -37.46 13.16 -4.82
C THR E 6 -37.47 11.86 -4.03
N ASN E 7 -38.67 11.39 -3.64
CA ASN E 7 -38.83 10.16 -2.89
C ASN E 7 -38.71 9.00 -3.84
N ILE E 8 -37.72 8.16 -3.60
CA ILE E 8 -37.48 6.99 -4.43
C ILE E 8 -37.69 5.74 -3.59
N THR E 9 -37.70 4.59 -4.25
CA THR E 9 -37.90 3.30 -3.63
C THR E 9 -36.81 2.38 -4.13
N ILE E 10 -35.89 1.97 -3.23
CA ILE E 10 -34.78 1.10 -3.59
C ILE E 10 -35.03 -0.35 -3.25
N ALA E 11 -34.21 -1.23 -3.85
CA ALA E 11 -34.24 -2.66 -3.67
C ALA E 11 -32.98 -3.14 -2.93
N ILE E 12 -33.16 -3.66 -1.72
CA ILE E 12 -32.05 -4.20 -0.98
C ILE E 12 -32.10 -5.71 -1.17
N GLU E 13 -31.22 -6.23 -2.05
CA GLU E 13 -31.08 -7.62 -2.44
C GLU E 13 -30.32 -8.48 -1.40
N LYS E 14 -30.95 -9.56 -0.92
CA LYS E 14 -30.34 -10.51 0.00
C LYS E 14 -30.19 -11.81 -0.78
N GLU E 15 -29.02 -11.95 -1.45
CA GLU E 15 -28.62 -13.06 -2.33
C GLU E 15 -28.84 -14.43 -1.69
N GLU E 16 -28.51 -14.54 -0.39
CA GLU E 16 -28.60 -15.76 0.41
C GLU E 16 -30.04 -16.20 0.76
N CYS E 17 -31.06 -15.34 0.54
CA CYS E 17 -32.47 -15.70 0.81
C CYS E 17 -33.37 -15.62 -0.45
N ARG E 18 -32.77 -15.26 -1.60
CA ARG E 18 -33.39 -15.17 -2.92
C ARG E 18 -34.59 -14.22 -3.00
N PHE E 19 -34.50 -13.06 -2.30
CA PHE E 19 -35.52 -12.01 -2.30
C PHE E 19 -34.91 -10.64 -2.04
N CYS E 20 -35.65 -9.57 -2.37
CA CYS E 20 -35.24 -8.19 -2.12
C CYS E 20 -36.22 -7.55 -1.18
N ILE E 21 -35.77 -6.52 -0.46
CA ILE E 21 -36.67 -5.74 0.39
C ILE E 21 -36.70 -4.30 -0.14
N SER E 22 -37.90 -3.72 -0.20
CA SER E 22 -38.07 -2.35 -0.70
C SER E 22 -38.09 -1.34 0.43
N ILE E 23 -37.22 -0.34 0.32
CA ILE E 23 -37.09 0.73 1.30
C ILE E 23 -37.28 2.07 0.58
N ASN E 24 -38.07 2.99 1.19
CA ASN E 24 -38.28 4.34 0.68
C ASN E 24 -37.21 5.27 1.24
N THR E 25 -36.62 6.06 0.35
CA THR E 25 -35.57 7.02 0.68
C THR E 25 -35.72 8.28 -0.20
N THR E 26 -34.87 9.30 0.03
CA THR E 26 -34.84 10.55 -0.72
C THR E 26 -33.57 10.61 -1.55
N TRP E 27 -33.72 10.77 -2.88
CA TRP E 27 -32.60 10.87 -3.81
C TRP E 27 -32.81 11.99 -4.81
N CYS E 28 -31.93 12.11 -5.81
CA CYS E 28 -31.98 13.17 -6.81
C CYS E 28 -32.60 12.74 -8.11
N ALA E 29 -33.26 13.70 -8.77
CA ALA E 29 -33.91 13.59 -10.07
C ALA E 29 -34.31 14.99 -10.54
N GLY E 30 -34.38 15.16 -11.85
CA GLY E 30 -34.76 16.43 -12.45
C GLY E 30 -33.96 16.80 -13.66
N TYR E 31 -34.13 18.04 -14.11
CA TYR E 31 -33.45 18.54 -15.30
C TYR E 31 -32.41 19.61 -14.96
N CYS E 32 -31.31 19.61 -15.73
CA CYS E 32 -30.16 20.53 -15.65
C CYS E 32 -29.95 21.14 -17.02
N TYR E 33 -29.49 22.41 -17.08
CA TYR E 33 -29.23 23.09 -18.36
C TYR E 33 -27.85 22.72 -18.88
N THR E 34 -27.70 22.57 -20.24
CA THR E 34 -26.42 22.26 -20.91
C THR E 34 -26.34 22.90 -22.31
N ARG E 35 -25.10 23.16 -22.75
CA ARG E 35 -24.79 23.78 -24.04
C ARG E 35 -23.78 22.89 -24.74
N ASP E 36 -23.88 22.77 -26.07
CA ASP E 36 -22.91 22.03 -26.88
C ASP E 36 -22.12 23.12 -27.57
N LEU E 37 -20.83 23.24 -27.24
CA LEU E 37 -19.98 24.31 -27.75
C LEU E 37 -19.83 24.20 -29.23
N VAL E 38 -19.99 25.33 -29.88
CA VAL E 38 -19.97 25.51 -31.33
C VAL E 38 -18.55 25.62 -31.86
N TYR E 39 -17.60 26.19 -31.07
CA TYR E 39 -16.16 26.38 -31.36
C TYR E 39 -15.36 25.40 -30.49
N LYS E 40 -14.72 24.43 -31.13
CA LYS E 40 -14.00 23.37 -30.42
C LYS E 40 -12.52 23.74 -30.04
N ASP E 41 -12.35 24.79 -29.21
CA ASP E 41 -11.01 25.21 -28.76
C ASP E 41 -10.46 24.25 -27.69
N PRO E 42 -9.24 23.66 -27.79
CA PRO E 42 -8.78 22.73 -26.73
C PRO E 42 -8.87 23.28 -25.29
N ALA E 43 -8.70 24.63 -25.15
CA ALA E 43 -8.76 25.39 -23.91
C ALA E 43 -10.15 26.00 -23.61
N ARG E 44 -11.18 25.65 -24.40
CA ARG E 44 -12.54 26.14 -24.17
C ARG E 44 -13.16 25.40 -22.96
N PRO E 45 -14.24 25.89 -22.31
CA PRO E 45 -14.78 25.14 -21.17
C PRO E 45 -15.88 24.15 -21.57
N LYS E 46 -15.46 22.93 -22.00
CA LYS E 46 -16.38 21.84 -22.34
C LYS E 46 -16.79 21.26 -20.97
N ILE E 47 -17.89 21.79 -20.42
CA ILE E 47 -18.32 21.38 -19.09
C ILE E 47 -19.82 21.14 -19.02
N GLN E 48 -20.21 19.99 -18.45
CA GLN E 48 -21.60 19.57 -18.34
C GLN E 48 -22.07 19.33 -16.91
N LYS E 49 -23.27 19.79 -16.60
CA LYS E 49 -23.87 19.55 -15.30
C LYS E 49 -24.93 18.43 -15.37
N THR E 50 -25.00 17.62 -14.31
CA THR E 50 -25.95 16.52 -14.11
C THR E 50 -26.64 16.73 -12.75
N CYS E 51 -27.87 16.18 -12.58
CA CYS E 51 -28.59 16.24 -11.31
C CYS E 51 -28.03 15.12 -10.44
N THR E 52 -27.47 15.48 -9.25
CA THR E 52 -26.78 14.55 -8.33
C THR E 52 -26.69 15.07 -6.90
N PHE E 53 -26.34 14.19 -5.97
CA PHE E 53 -26.21 14.54 -4.56
C PHE E 53 -25.13 15.63 -4.33
N LYS E 54 -25.52 16.72 -3.65
CA LYS E 54 -24.62 17.80 -3.27
C LYS E 54 -23.98 17.33 -1.96
N GLU E 55 -24.79 16.67 -1.10
CA GLU E 55 -24.39 16.08 0.20
C GLU E 55 -25.26 14.83 0.46
N LEU E 56 -24.75 13.86 1.25
CA LEU E 56 -25.51 12.67 1.61
C LEU E 56 -25.22 12.18 3.04
N VAL E 57 -25.95 11.14 3.46
CA VAL E 57 -25.84 10.46 4.75
C VAL E 57 -25.94 8.97 4.50
N TYR E 58 -25.59 8.14 5.49
CA TYR E 58 -25.67 6.70 5.35
C TYR E 58 -26.60 6.11 6.44
N GLU E 59 -27.73 5.51 6.03
CA GLU E 59 -28.69 4.92 6.96
C GLU E 59 -28.52 3.42 7.02
N THR E 60 -28.59 2.83 8.21
CA THR E 60 -28.41 1.39 8.34
C THR E 60 -29.74 0.78 8.67
N VAL E 61 -30.14 -0.22 7.87
CA VAL E 61 -31.39 -0.95 7.96
C VAL E 61 -31.15 -2.45 8.26
N ARG E 62 -32.11 -3.09 8.98
CA ARG E 62 -32.03 -4.51 9.29
C ARG E 62 -32.85 -5.26 8.25
N VAL E 63 -32.17 -6.15 7.52
CA VAL E 63 -32.72 -6.96 6.45
C VAL E 63 -33.11 -8.35 7.00
N PRO E 64 -34.36 -8.81 6.75
CA PRO E 64 -34.78 -10.12 7.28
C PRO E 64 -34.03 -11.30 6.69
N GLY E 65 -33.94 -12.38 7.46
CA GLY E 65 -33.33 -13.62 7.04
C GLY E 65 -34.39 -14.59 6.56
N CYS E 66 -34.06 -15.89 6.58
CA CYS E 66 -34.95 -16.98 6.17
C CYS E 66 -34.55 -18.29 6.88
N ALA E 67 -34.79 -19.45 6.26
CA ALA E 67 -34.40 -20.73 6.84
C ALA E 67 -32.93 -20.96 6.54
N HIS E 68 -32.16 -21.40 7.56
CA HIS E 68 -30.71 -21.71 7.48
C HIS E 68 -29.86 -20.52 6.97
N HIS E 69 -30.35 -19.29 7.20
CA HIS E 69 -29.69 -18.04 6.82
C HIS E 69 -30.16 -16.88 7.72
N ALA E 70 -29.22 -16.37 8.54
CA ALA E 70 -29.46 -15.29 9.52
C ALA E 70 -29.79 -13.94 8.89
N ASP E 71 -30.48 -13.10 9.66
CA ASP E 71 -30.83 -11.74 9.27
C ASP E 71 -29.56 -10.90 9.26
N SER E 72 -29.36 -10.15 8.18
CA SER E 72 -28.17 -9.32 8.01
C SER E 72 -28.51 -7.83 8.22
N LEU E 73 -27.48 -6.96 8.07
CA LEU E 73 -27.58 -5.49 8.18
C LEU E 73 -27.09 -4.84 6.87
N TYR E 74 -27.85 -3.87 6.32
CA TYR E 74 -27.44 -3.17 5.11
C TYR E 74 -27.39 -1.64 5.28
N THR E 75 -26.26 -1.02 4.85
CA THR E 75 -26.02 0.44 4.94
C THR E 75 -26.10 1.05 3.58
N TYR E 76 -27.00 2.03 3.42
CA TYR E 76 -27.21 2.68 2.13
C TYR E 76 -27.15 4.22 2.24
N PRO E 77 -26.76 4.91 1.13
CA PRO E 77 -26.69 6.38 1.18
C PRO E 77 -28.03 7.03 0.92
N VAL E 78 -28.26 8.20 1.55
CA VAL E 78 -29.47 8.99 1.40
C VAL E 78 -29.03 10.39 1.07
N ALA E 79 -29.66 11.00 0.05
CA ALA E 79 -29.35 12.37 -0.38
C ALA E 79 -29.91 13.36 0.62
N THR E 80 -29.08 14.32 1.01
CA THR E 80 -29.35 15.38 1.98
C THR E 80 -29.67 16.67 1.20
N GLN E 81 -28.96 16.86 0.08
CA GLN E 81 -29.05 17.97 -0.86
C GLN E 81 -28.77 17.44 -2.26
N CYS E 82 -29.43 18.04 -3.25
CA CYS E 82 -29.29 17.75 -4.67
C CYS E 82 -28.82 19.03 -5.32
N HIS E 83 -28.19 18.92 -6.49
CA HIS E 83 -27.77 20.08 -7.29
C HIS E 83 -27.42 19.67 -8.72
N CYS E 84 -27.31 20.67 -9.60
CA CYS E 84 -26.82 20.47 -10.96
C CYS E 84 -25.34 20.78 -10.86
N GLY E 85 -24.55 19.74 -10.94
CA GLY E 85 -23.11 19.88 -10.81
C GLY E 85 -22.36 18.78 -11.49
N LYS E 86 -21.14 18.56 -11.04
CA LYS E 86 -20.31 17.53 -11.62
C LYS E 86 -20.75 16.21 -11.05
N CYS E 87 -20.52 15.13 -11.81
CA CYS E 87 -20.74 13.79 -11.31
C CYS E 87 -19.45 13.38 -10.58
N ASP E 88 -19.54 13.07 -9.27
CA ASP E 88 -18.37 12.70 -8.50
C ASP E 88 -17.94 11.25 -8.73
N SER E 89 -17.10 11.04 -9.76
CA SER E 89 -16.57 9.73 -10.18
C SER E 89 -15.96 8.89 -9.04
N ASP E 90 -15.50 9.59 -7.98
CA ASP E 90 -14.91 9.09 -6.75
C ASP E 90 -15.89 8.19 -6.00
N SER E 91 -17.17 8.60 -5.92
CA SER E 91 -18.23 7.89 -5.20
C SER E 91 -19.34 7.38 -6.10
N THR E 92 -19.39 7.89 -7.34
CA THR E 92 -20.48 7.64 -8.24
C THR E 92 -20.11 6.96 -9.54
N ASP E 93 -21.04 6.12 -10.04
CA ASP E 93 -20.96 5.46 -11.32
C ASP E 93 -21.63 6.42 -12.28
N CYS E 94 -20.80 7.20 -12.99
CA CYS E 94 -21.24 8.22 -13.94
C CYS E 94 -21.50 7.55 -15.30
N THR E 95 -22.73 7.05 -15.47
CA THR E 95 -23.19 6.34 -16.68
C THR E 95 -24.35 7.09 -17.37
N VAL E 96 -24.92 6.48 -18.42
CA VAL E 96 -26.05 7.01 -19.16
C VAL E 96 -27.31 6.39 -18.56
N ARG E 97 -27.32 5.06 -18.40
CA ARG E 97 -28.41 4.30 -17.80
C ARG E 97 -27.82 3.24 -16.89
N GLY E 98 -28.39 3.12 -15.69
CA GLY E 98 -28.04 2.10 -14.71
C GLY E 98 -29.14 1.05 -14.65
N LEU E 99 -29.08 0.13 -13.66
CA LEU E 99 -30.10 -0.93 -13.54
C LEU E 99 -31.45 -0.43 -13.01
N GLY E 100 -31.44 0.72 -12.34
CA GLY E 100 -32.62 1.31 -11.70
C GLY E 100 -32.50 1.17 -10.19
N PRO E 101 -33.05 2.12 -9.40
CA PRO E 101 -32.90 2.05 -7.93
C PRO E 101 -33.52 0.81 -7.29
N SER E 102 -34.67 0.41 -7.83
CA SER E 102 -35.52 -0.70 -7.44
C SER E 102 -35.19 -1.96 -8.23
N TYR E 103 -33.97 -2.08 -8.75
CA TYR E 103 -33.64 -3.30 -9.48
C TYR E 103 -33.42 -4.48 -8.54
N CYS E 104 -34.11 -5.58 -8.86
CA CYS E 104 -34.00 -6.84 -8.13
C CYS E 104 -33.79 -8.02 -9.08
N SER E 105 -32.88 -8.93 -8.70
CA SER E 105 -32.55 -10.13 -9.46
C SER E 105 -33.53 -11.28 -9.15
N PHE E 106 -34.58 -10.99 -8.34
CA PHE E 106 -35.58 -11.97 -7.92
C PHE E 106 -37.04 -11.51 -8.17
N GLY E 107 -37.20 -10.54 -9.08
CA GLY E 107 -38.51 -9.98 -9.45
C GLY E 107 -38.75 -8.60 -8.89
N GLU E 108 -39.74 -7.86 -9.46
CA GLU E 108 -40.06 -6.50 -9.02
C GLU E 108 -41.57 -6.24 -8.86
N CYS F 3 -41.68 -3.09 -33.11
CA CYS F 3 -40.42 -3.82 -33.19
C CYS F 3 -40.15 -4.70 -31.97
N HIS F 4 -39.87 -5.99 -32.25
CA HIS F 4 -39.61 -7.03 -31.25
C HIS F 4 -38.57 -8.06 -31.76
N HIS F 5 -37.64 -8.47 -30.87
CA HIS F 5 -36.61 -9.47 -31.16
C HIS F 5 -36.76 -10.72 -30.25
N ARG F 6 -36.30 -11.88 -30.75
CA ARG F 6 -36.31 -13.19 -30.11
C ARG F 6 -35.89 -13.10 -28.63
N ILE F 7 -34.67 -12.58 -28.35
CA ILE F 7 -34.13 -12.43 -26.99
C ILE F 7 -34.18 -10.97 -26.56
N CYS F 8 -33.44 -10.11 -27.28
CA CYS F 8 -33.30 -8.67 -27.01
C CYS F 8 -34.62 -7.90 -27.13
N HIS F 9 -34.68 -6.72 -26.46
CA HIS F 9 -35.85 -5.82 -26.47
C HIS F 9 -35.59 -4.73 -27.49
N CYS F 10 -36.61 -4.39 -28.29
CA CYS F 10 -36.46 -3.39 -29.35
C CYS F 10 -37.40 -2.21 -29.24
N SER F 11 -36.87 -1.01 -29.57
CA SER F 11 -37.63 0.24 -29.63
C SER F 11 -36.96 1.20 -30.62
N ASN F 12 -37.56 1.33 -31.82
CA ASN F 12 -37.09 2.18 -32.92
C ASN F 12 -35.58 2.02 -33.21
N ARG F 13 -35.24 0.88 -33.86
CA ARG F 13 -33.89 0.46 -34.29
C ARG F 13 -32.81 0.46 -33.15
N VAL F 14 -33.24 0.41 -31.87
CA VAL F 14 -32.41 0.33 -30.66
C VAL F 14 -32.65 -1.05 -30.04
N PHE F 15 -31.55 -1.81 -29.79
CA PHE F 15 -31.65 -3.17 -29.29
C PHE F 15 -30.87 -3.43 -28.01
N LEU F 16 -31.61 -3.62 -26.90
CA LEU F 16 -31.01 -3.92 -25.60
C LEU F 16 -31.16 -5.40 -25.32
N CYS F 17 -30.03 -6.06 -25.04
CA CYS F 17 -29.98 -7.47 -24.69
C CYS F 17 -29.55 -7.48 -23.23
N GLN F 18 -30.52 -7.77 -22.34
CA GLN F 18 -30.34 -7.75 -20.89
C GLN F 18 -30.58 -9.10 -20.21
N GLU F 19 -30.08 -9.24 -18.96
CA GLU F 19 -30.22 -10.40 -18.06
C GLU F 19 -29.45 -11.66 -18.50
N SER F 20 -29.44 -12.66 -17.59
CA SER F 20 -28.77 -13.95 -17.72
C SER F 20 -29.22 -14.80 -18.93
N LYS F 21 -30.39 -14.51 -19.52
CA LYS F 21 -30.88 -15.21 -20.72
C LYS F 21 -30.03 -14.91 -21.98
N VAL F 22 -29.06 -13.98 -21.86
CA VAL F 22 -28.14 -13.58 -22.94
C VAL F 22 -26.74 -14.13 -22.63
N THR F 23 -26.36 -15.23 -23.31
CA THR F 23 -25.07 -15.92 -23.18
C THR F 23 -24.16 -15.66 -24.40
N GLU F 24 -24.78 -15.36 -25.55
CA GLU F 24 -24.07 -15.05 -26.80
C GLU F 24 -24.79 -13.96 -27.59
N ILE F 25 -24.03 -13.15 -28.35
CA ILE F 25 -24.59 -12.06 -29.16
C ILE F 25 -25.48 -12.66 -30.28
N PRO F 26 -26.78 -12.27 -30.35
CA PRO F 26 -27.69 -12.86 -31.36
C PRO F 26 -27.27 -12.67 -32.81
N SER F 27 -27.19 -13.79 -33.54
CA SER F 27 -26.82 -13.81 -34.95
C SER F 27 -27.91 -13.20 -35.82
N ASP F 28 -29.17 -13.24 -35.35
CA ASP F 28 -30.35 -12.71 -36.06
C ASP F 28 -30.65 -11.22 -35.75
N LEU F 29 -29.65 -10.48 -35.20
CA LEU F 29 -29.78 -9.05 -34.91
C LEU F 29 -29.90 -8.24 -36.22
N PRO F 30 -31.02 -7.47 -36.41
CA PRO F 30 -31.19 -6.68 -37.66
C PRO F 30 -30.00 -5.78 -37.97
N ARG F 31 -29.55 -5.75 -39.23
CA ARG F 31 -28.38 -4.95 -39.67
C ARG F 31 -28.63 -3.45 -39.61
N ASN F 32 -29.89 -3.04 -39.86
CA ASN F 32 -30.35 -1.65 -39.82
C ASN F 32 -30.23 -0.98 -38.44
N ALA F 33 -29.91 -1.78 -37.38
CA ALA F 33 -29.75 -1.33 -35.99
C ALA F 33 -28.86 -0.11 -35.91
N ILE F 34 -29.28 0.84 -35.07
CA ILE F 34 -28.64 2.14 -34.82
C ILE F 34 -27.90 2.07 -33.48
N GLU F 35 -28.46 1.30 -32.53
CA GLU F 35 -27.91 1.13 -31.20
C GLU F 35 -28.05 -0.32 -30.73
N LEU F 36 -26.95 -0.87 -30.15
CA LEU F 36 -26.87 -2.21 -29.58
C LEU F 36 -26.35 -2.12 -28.15
N ARG F 37 -27.13 -2.63 -27.18
CA ARG F 37 -26.77 -2.62 -25.76
C ARG F 37 -26.70 -4.04 -25.22
N PHE F 38 -25.69 -4.29 -24.41
CA PHE F 38 -25.44 -5.56 -23.72
C PHE F 38 -25.22 -5.28 -22.23
N VAL F 39 -26.33 -5.37 -21.45
CA VAL F 39 -26.39 -5.11 -20.01
C VAL F 39 -26.78 -6.40 -19.29
N LEU F 40 -26.11 -6.73 -18.18
CA LEU F 40 -26.32 -7.91 -17.33
C LEU F 40 -26.27 -9.27 -18.06
N THR F 41 -25.58 -9.32 -19.21
CA THR F 41 -25.46 -10.54 -20.01
C THR F 41 -24.44 -11.50 -19.43
N LYS F 42 -24.77 -12.79 -19.47
CA LYS F 42 -23.87 -13.86 -19.03
C LYS F 42 -23.01 -14.32 -20.22
N LEU F 43 -22.40 -13.32 -20.87
CA LEU F 43 -21.50 -13.40 -22.01
C LEU F 43 -20.11 -13.56 -21.47
N ARG F 44 -19.38 -14.51 -21.98
CA ARG F 44 -18.01 -14.76 -21.54
C ARG F 44 -17.01 -14.19 -22.53
N VAL F 45 -17.37 -14.21 -23.82
CA VAL F 45 -16.53 -13.81 -24.95
C VAL F 45 -17.30 -12.96 -25.97
N ILE F 46 -16.71 -11.86 -26.45
CA ILE F 46 -17.31 -11.08 -27.53
C ILE F 46 -16.60 -11.58 -28.80
N GLN F 47 -17.20 -12.63 -29.41
CA GLN F 47 -16.77 -13.43 -30.58
C GLN F 47 -16.21 -12.60 -31.76
N LYS F 48 -15.26 -13.20 -32.51
CA LYS F 48 -14.58 -12.61 -33.66
C LYS F 48 -15.56 -12.02 -34.67
N GLY F 49 -15.35 -10.73 -35.00
CA GLY F 49 -16.19 -9.98 -35.92
C GLY F 49 -17.65 -9.97 -35.52
N ALA F 50 -17.91 -9.66 -34.24
CA ALA F 50 -19.25 -9.66 -33.64
C ALA F 50 -20.14 -8.61 -34.25
N PHE F 51 -19.66 -7.36 -34.30
CA PHE F 51 -20.44 -6.23 -34.80
C PHE F 51 -20.09 -5.87 -36.24
N SER F 52 -19.40 -6.76 -36.98
CA SER F 52 -19.06 -6.52 -38.38
C SER F 52 -20.31 -6.63 -39.25
N GLY F 53 -20.65 -5.55 -39.96
CA GLY F 53 -21.79 -5.54 -40.87
C GLY F 53 -22.90 -4.54 -40.60
N PHE F 54 -23.02 -4.03 -39.37
CA PHE F 54 -24.06 -3.05 -39.04
C PHE F 54 -23.62 -1.66 -39.50
N GLY F 55 -23.85 -1.39 -40.79
CA GLY F 55 -23.48 -0.13 -41.42
C GLY F 55 -24.30 1.07 -41.02
N ASP F 56 -25.38 0.85 -40.27
CA ASP F 56 -26.26 1.92 -39.80
C ASP F 56 -25.93 2.29 -38.36
N LEU F 57 -25.37 1.31 -37.60
CA LEU F 57 -24.98 1.35 -36.17
C LEU F 57 -24.10 2.53 -35.81
N GLU F 58 -24.53 3.27 -34.79
CA GLU F 58 -23.91 4.47 -34.25
C GLU F 58 -23.35 4.29 -32.85
N LYS F 59 -24.01 3.47 -32.00
CA LYS F 59 -23.60 3.27 -30.60
C LYS F 59 -23.59 1.79 -30.16
N ILE F 60 -22.56 1.41 -29.40
CA ILE F 60 -22.36 0.07 -28.83
C ILE F 60 -22.15 0.24 -27.32
N GLU F 61 -22.97 -0.44 -26.51
CA GLU F 61 -22.89 -0.38 -25.03
C GLU F 61 -22.65 -1.78 -24.43
N ILE F 62 -21.48 -1.97 -23.80
CA ILE F 62 -21.12 -3.23 -23.11
C ILE F 62 -20.90 -2.93 -21.59
N SER F 63 -22.02 -2.84 -20.85
CA SER F 63 -22.02 -2.53 -19.43
C SER F 63 -22.51 -3.70 -18.56
N GLN F 64 -21.99 -3.75 -17.32
CA GLN F 64 -22.33 -4.68 -16.25
C GLN F 64 -22.32 -6.18 -16.68
N ASN F 65 -21.16 -6.64 -17.16
CA ASN F 65 -20.95 -8.02 -17.58
C ASN F 65 -19.82 -8.66 -16.74
N ASP F 66 -20.24 -9.29 -15.64
CA ASP F 66 -19.34 -9.87 -14.65
C ASP F 66 -18.70 -11.20 -15.05
N VAL F 67 -19.07 -11.78 -16.21
CA VAL F 67 -18.50 -13.07 -16.64
C VAL F 67 -17.76 -12.94 -18.00
N LEU F 68 -17.76 -11.73 -18.59
CA LEU F 68 -17.04 -11.44 -19.84
C LEU F 68 -15.54 -11.36 -19.55
N GLU F 69 -14.74 -12.14 -20.27
CA GLU F 69 -13.30 -12.27 -20.06
C GLU F 69 -12.45 -11.78 -21.24
N VAL F 70 -12.93 -11.97 -22.49
CA VAL F 70 -12.18 -11.59 -23.70
C VAL F 70 -13.03 -10.96 -24.78
N ILE F 71 -12.45 -9.96 -25.48
CA ILE F 71 -13.03 -9.30 -26.65
C ILE F 71 -12.10 -9.71 -27.81
N GLU F 72 -12.60 -10.58 -28.71
CA GLU F 72 -11.87 -11.14 -29.85
C GLU F 72 -11.51 -10.11 -30.94
N ALA F 73 -10.81 -10.57 -32.00
CA ALA F 73 -10.40 -9.73 -33.12
C ALA F 73 -11.60 -9.32 -33.99
N ASP F 74 -11.41 -8.22 -34.77
CA ASP F 74 -12.36 -7.60 -35.70
C ASP F 74 -13.75 -7.31 -35.11
N VAL F 75 -13.86 -7.29 -33.77
CA VAL F 75 -15.12 -6.99 -33.09
C VAL F 75 -15.61 -5.60 -33.52
N PHE F 76 -14.73 -4.59 -33.46
CA PHE F 76 -15.07 -3.24 -33.90
C PHE F 76 -14.44 -2.95 -35.26
N SER F 77 -15.03 -3.56 -36.31
CA SER F 77 -14.63 -3.45 -37.71
C SER F 77 -15.86 -3.31 -38.60
N ASN F 78 -15.71 -2.64 -39.76
CA ASN F 78 -16.78 -2.42 -40.74
C ASN F 78 -18.04 -1.82 -40.09
N LEU F 79 -17.87 -0.63 -39.48
CA LEU F 79 -18.93 0.12 -38.80
C LEU F 79 -18.74 1.61 -39.14
N PRO F 80 -18.90 2.02 -40.42
CA PRO F 80 -18.62 3.43 -40.78
C PRO F 80 -19.44 4.53 -40.09
N LYS F 81 -20.56 4.17 -39.43
CA LYS F 81 -21.42 5.17 -38.76
C LYS F 81 -21.19 5.24 -37.24
N LEU F 82 -20.48 4.24 -36.68
CA LEU F 82 -20.19 4.12 -35.25
C LEU F 82 -19.31 5.27 -34.75
N HIS F 83 -19.85 6.03 -33.79
CA HIS F 83 -19.18 7.19 -33.21
C HIS F 83 -18.94 7.02 -31.70
N GLU F 84 -19.54 5.97 -31.11
CA GLU F 84 -19.44 5.76 -29.67
C GLU F 84 -19.45 4.26 -29.24
N ILE F 85 -18.49 3.88 -28.37
CA ILE F 85 -18.37 2.55 -27.77
C ILE F 85 -18.17 2.76 -26.28
N ARG F 86 -19.06 2.19 -25.46
CA ARG F 86 -18.98 2.25 -24.00
C ARG F 86 -18.88 0.86 -23.36
N ILE F 87 -17.66 0.51 -22.89
CA ILE F 87 -17.30 -0.74 -22.20
C ILE F 87 -17.20 -0.34 -20.72
N GLU F 88 -18.29 -0.60 -19.98
CA GLU F 88 -18.45 -0.24 -18.57
C GLU F 88 -18.63 -1.46 -17.69
N LYS F 89 -18.24 -1.32 -16.42
CA LYS F 89 -18.43 -2.28 -15.34
C LYS F 89 -18.34 -3.76 -15.79
N ALA F 90 -17.14 -4.18 -16.23
CA ALA F 90 -16.85 -5.54 -16.67
C ALA F 90 -15.63 -6.02 -15.88
N ASN F 91 -15.86 -6.34 -14.59
CA ASN F 91 -14.83 -6.70 -13.62
C ASN F 91 -13.99 -7.97 -14.00
N ASN F 92 -14.56 -8.94 -14.72
CA ASN F 92 -13.77 -10.12 -15.04
C ASN F 92 -13.18 -10.06 -16.45
N LEU F 93 -13.28 -8.89 -17.12
CA LEU F 93 -12.69 -8.66 -18.43
C LEU F 93 -11.24 -8.24 -18.19
N LEU F 94 -10.27 -9.08 -18.62
CA LEU F 94 -8.84 -8.88 -18.40
C LEU F 94 -8.01 -8.66 -19.69
N TYR F 95 -8.46 -9.27 -20.81
CA TYR F 95 -7.79 -9.24 -22.11
C TYR F 95 -8.64 -8.68 -23.24
N ILE F 96 -8.07 -7.72 -23.97
CA ILE F 96 -8.66 -7.19 -25.20
C ILE F 96 -7.62 -7.43 -26.29
N ASN F 97 -8.01 -8.26 -27.27
CA ASN F 97 -7.19 -8.64 -28.42
C ASN F 97 -6.70 -7.38 -29.15
N PRO F 98 -5.39 -7.33 -29.53
CA PRO F 98 -4.87 -6.13 -30.22
C PRO F 98 -5.42 -5.89 -31.63
N GLU F 99 -6.35 -6.76 -32.08
CA GLU F 99 -7.01 -6.67 -33.38
C GLU F 99 -8.53 -6.48 -33.24
N ALA F 100 -9.02 -6.07 -32.03
CA ALA F 100 -10.43 -5.82 -31.73
C ALA F 100 -10.88 -4.48 -32.28
N PHE F 101 -10.04 -3.45 -32.15
CA PHE F 101 -10.35 -2.13 -32.67
C PHE F 101 -9.74 -1.89 -34.05
N GLN F 102 -10.60 -1.96 -35.09
CA GLN F 102 -10.24 -1.77 -36.50
C GLN F 102 -10.59 -0.36 -37.01
N ASN F 103 -10.67 -0.14 -38.35
CA ASN F 103 -10.96 1.18 -38.90
C ASN F 103 -12.38 1.61 -38.64
N LEU F 104 -12.50 2.58 -37.75
CA LEU F 104 -13.75 3.21 -37.34
C LEU F 104 -13.55 4.71 -37.63
N PRO F 105 -13.85 5.18 -38.88
CA PRO F 105 -13.58 6.58 -39.24
C PRO F 105 -14.43 7.64 -38.52
N ASN F 106 -15.57 7.21 -37.97
CA ASN F 106 -16.51 8.09 -37.31
C ASN F 106 -16.46 8.02 -35.81
N LEU F 107 -15.54 7.24 -35.23
CA LEU F 107 -15.41 7.13 -33.77
C LEU F 107 -15.08 8.50 -33.13
N GLN F 108 -15.79 8.88 -32.07
CA GLN F 108 -15.59 10.14 -31.37
C GLN F 108 -15.31 9.91 -29.91
N TYR F 109 -15.85 8.80 -29.37
CA TYR F 109 -15.76 8.48 -27.96
C TYR F 109 -15.61 6.99 -27.73
N LEU F 110 -14.54 6.62 -27.01
CA LEU F 110 -14.27 5.25 -26.59
C LEU F 110 -14.10 5.24 -25.07
N LEU F 111 -15.14 4.82 -24.36
CA LEU F 111 -15.10 4.74 -22.91
C LEU F 111 -14.87 3.29 -22.44
N ILE F 112 -13.82 3.10 -21.60
CA ILE F 112 -13.46 1.85 -20.94
C ILE F 112 -13.31 2.20 -19.47
N SER F 113 -14.32 1.86 -18.68
CA SER F 113 -14.30 2.15 -17.27
C SER F 113 -14.69 0.97 -16.44
N ASN F 114 -14.08 0.85 -15.26
CA ASN F 114 -14.32 -0.20 -14.28
C ASN F 114 -14.21 -1.60 -14.87
N THR F 115 -13.04 -1.92 -15.43
CA THR F 115 -12.70 -3.23 -16.00
C THR F 115 -11.32 -3.69 -15.44
N GLY F 116 -11.02 -4.96 -15.63
CA GLY F 116 -9.74 -5.49 -15.18
C GLY F 116 -8.73 -5.60 -16.29
N ILE F 117 -8.87 -4.76 -17.35
CA ILE F 117 -7.95 -4.79 -18.48
C ILE F 117 -6.55 -4.43 -17.95
N LYS F 118 -5.57 -5.30 -18.25
CA LYS F 118 -4.19 -5.24 -17.75
C LYS F 118 -3.28 -4.27 -18.48
N HIS F 119 -3.72 -3.88 -19.68
CA HIS F 119 -2.98 -3.00 -20.59
C HIS F 119 -3.97 -2.05 -21.23
N LEU F 120 -3.46 -1.03 -21.93
CA LEU F 120 -4.29 -0.06 -22.63
C LEU F 120 -4.89 -0.71 -23.91
N PRO F 121 -5.97 -0.17 -24.53
CA PRO F 121 -6.48 -0.79 -25.76
C PRO F 121 -5.57 -0.50 -26.96
N ASP F 122 -5.58 -1.40 -27.96
CA ASP F 122 -4.74 -1.19 -29.15
C ASP F 122 -5.51 -0.36 -30.14
N VAL F 123 -5.18 0.94 -30.18
CA VAL F 123 -5.91 1.91 -31.02
C VAL F 123 -5.23 2.29 -32.38
N HIS F 124 -4.01 1.79 -32.68
CA HIS F 124 -3.25 2.20 -33.86
C HIS F 124 -3.95 1.96 -35.24
N LYS F 125 -5.07 1.23 -35.26
CA LYS F 125 -5.80 0.91 -36.49
C LYS F 125 -7.17 1.61 -36.62
N ILE F 126 -7.54 2.47 -35.65
CA ILE F 126 -8.84 3.15 -35.68
C ILE F 126 -8.89 4.17 -36.80
N HIS F 127 -7.88 5.07 -36.84
CA HIS F 127 -7.69 6.13 -37.83
C HIS F 127 -8.94 6.96 -38.10
N SER F 128 -9.63 7.36 -37.02
CA SER F 128 -10.85 8.15 -37.08
C SER F 128 -10.60 9.51 -37.72
N LEU F 129 -11.58 10.01 -38.49
CA LEU F 129 -11.52 11.32 -39.14
C LEU F 129 -11.99 12.43 -38.20
N GLN F 130 -12.55 12.00 -37.05
CA GLN F 130 -13.14 12.84 -36.03
C GLN F 130 -12.19 13.05 -34.88
N LYS F 131 -12.39 14.12 -34.10
CA LYS F 131 -11.62 14.33 -32.86
C LYS F 131 -12.08 13.24 -31.92
N VAL F 132 -11.15 12.53 -31.27
CA VAL F 132 -11.50 11.41 -30.40
C VAL F 132 -11.24 11.72 -28.91
N LEU F 133 -12.22 11.35 -28.06
CA LEU F 133 -12.12 11.42 -26.61
C LEU F 133 -11.97 9.98 -26.12
N LEU F 134 -10.75 9.62 -25.72
CA LEU F 134 -10.46 8.30 -25.20
C LEU F 134 -10.57 8.46 -23.69
N ASP F 135 -11.60 7.83 -23.11
CA ASP F 135 -11.90 7.91 -21.68
C ASP F 135 -11.67 6.56 -21.02
N ILE F 136 -10.55 6.41 -20.31
CA ILE F 136 -10.14 5.17 -19.63
C ILE F 136 -9.87 5.44 -18.13
N GLN F 137 -10.86 5.10 -17.28
CA GLN F 137 -10.74 5.33 -15.84
C GLN F 137 -11.28 4.14 -15.02
N ASP F 138 -10.79 4.01 -13.75
CA ASP F 138 -11.14 2.97 -12.80
C ASP F 138 -10.76 1.55 -13.31
N ASN F 139 -9.57 1.44 -13.95
CA ASN F 139 -8.99 0.18 -14.47
C ASN F 139 -7.64 -0.10 -13.77
N ILE F 140 -7.70 -0.33 -12.45
CA ILE F 140 -6.59 -0.54 -11.50
C ILE F 140 -5.54 -1.58 -11.95
N ASN F 141 -5.80 -2.33 -13.03
CA ASN F 141 -4.85 -3.30 -13.55
C ASN F 141 -3.95 -2.72 -14.66
N ILE F 142 -4.29 -1.51 -15.19
CA ILE F 142 -3.49 -0.83 -16.21
C ILE F 142 -2.39 -0.12 -15.42
N HIS F 143 -1.15 -0.63 -15.50
CA HIS F 143 -0.02 -0.08 -14.75
C HIS F 143 0.98 0.66 -15.64
N THR F 144 0.91 0.46 -16.97
CA THR F 144 1.96 1.03 -17.83
C THR F 144 1.47 1.59 -19.19
N ILE F 145 2.05 2.74 -19.58
CA ILE F 145 1.82 3.35 -20.88
C ILE F 145 3.02 3.00 -21.75
N GLU F 146 2.82 2.12 -22.72
CA GLU F 146 3.84 1.70 -23.68
C GLU F 146 4.18 2.85 -24.64
N ARG F 147 5.35 2.78 -25.30
CA ARG F 147 5.74 3.77 -26.30
C ARG F 147 4.81 3.63 -27.52
N ASN F 148 4.45 4.75 -28.18
CA ASN F 148 3.57 4.78 -29.37
C ASN F 148 2.11 4.29 -29.07
N SER F 149 1.67 4.38 -27.80
CA SER F 149 0.35 3.91 -27.34
C SER F 149 -0.87 4.61 -27.94
N PHE F 150 -0.72 5.82 -28.51
CA PHE F 150 -1.85 6.58 -29.04
C PHE F 150 -1.74 6.98 -30.50
N VAL F 151 -0.64 6.59 -31.18
CA VAL F 151 -0.48 6.89 -32.59
C VAL F 151 -1.50 6.09 -33.41
N GLY F 152 -2.07 6.71 -34.43
CA GLY F 152 -3.04 6.07 -35.32
C GLY F 152 -4.49 6.13 -34.89
N LEU F 153 -4.76 6.52 -33.60
CA LEU F 153 -6.10 6.63 -33.03
C LEU F 153 -6.96 7.54 -33.87
N SER F 154 -6.43 8.72 -34.27
CA SER F 154 -7.16 9.70 -35.07
C SER F 154 -6.22 10.58 -35.93
N PHE F 155 -6.74 11.13 -37.04
CA PHE F 155 -6.04 12.08 -37.90
C PHE F 155 -6.22 13.49 -37.34
N GLU F 156 -7.15 13.61 -36.38
CA GLU F 156 -7.56 14.82 -35.69
C GLU F 156 -6.98 14.83 -34.29
N SER F 157 -7.06 16.01 -33.60
CA SER F 157 -6.58 16.12 -32.23
C SER F 157 -7.39 15.24 -31.30
N VAL F 158 -6.77 14.87 -30.18
CA VAL F 158 -7.29 13.87 -29.27
C VAL F 158 -7.28 14.30 -27.78
N ILE F 159 -8.27 13.83 -27.01
CA ILE F 159 -8.36 14.07 -25.56
C ILE F 159 -8.14 12.73 -24.90
N LEU F 160 -7.16 12.68 -23.99
CA LEU F 160 -6.79 11.46 -23.29
C LEU F 160 -7.04 11.55 -21.82
N TRP F 161 -8.04 10.79 -21.35
CA TRP F 161 -8.36 10.72 -19.93
C TRP F 161 -7.98 9.32 -19.49
N LEU F 162 -6.79 9.21 -18.91
CA LEU F 162 -6.23 7.94 -18.43
C LEU F 162 -6.11 8.01 -16.90
N ASN F 163 -6.96 8.85 -16.30
CA ASN F 163 -7.00 9.08 -14.84
C ASN F 163 -7.60 7.89 -14.05
N LYS F 164 -7.42 7.87 -12.73
CA LYS F 164 -7.97 6.87 -11.82
C LYS F 164 -7.67 5.39 -12.18
N ASN F 165 -6.56 5.09 -12.87
CA ASN F 165 -6.25 3.70 -13.18
C ASN F 165 -5.22 3.20 -12.14
N GLY F 166 -4.14 2.56 -12.60
CA GLY F 166 -3.07 2.09 -11.74
C GLY F 166 -1.70 2.34 -12.34
N ILE F 167 -1.66 3.27 -13.34
CA ILE F 167 -0.47 3.68 -14.09
C ILE F 167 0.66 4.11 -13.15
N GLN F 168 1.84 3.50 -13.32
CA GLN F 168 3.04 3.75 -12.53
C GLN F 168 4.29 3.87 -13.41
N GLU F 169 4.17 3.49 -14.73
CA GLU F 169 5.23 3.52 -15.73
C GLU F 169 4.81 4.18 -17.05
N ILE F 170 5.36 5.37 -17.39
CA ILE F 170 5.06 6.02 -18.67
C ILE F 170 6.36 6.08 -19.47
N HIS F 171 6.45 5.31 -20.56
CA HIS F 171 7.63 5.24 -21.41
C HIS F 171 7.88 6.49 -22.25
N ASN F 172 9.12 6.65 -22.71
CA ASN F 172 9.49 7.73 -23.62
C ASN F 172 8.76 7.47 -24.93
N SER F 173 8.17 8.52 -25.51
CA SER F 173 7.42 8.52 -26.77
C SER F 173 6.09 7.77 -26.65
N ALA F 174 5.52 7.71 -25.42
CA ALA F 174 4.23 7.08 -25.17
C ALA F 174 3.13 7.81 -25.98
N PHE F 175 3.32 9.12 -26.17
CA PHE F 175 2.37 9.99 -26.86
C PHE F 175 2.86 10.45 -28.23
N ASN F 176 3.85 9.77 -28.82
CA ASN F 176 4.37 10.17 -30.13
C ASN F 176 3.31 9.96 -31.25
N GLY F 177 3.33 10.83 -32.26
CA GLY F 177 2.41 10.84 -33.39
C GLY F 177 0.97 11.09 -32.99
N THR F 178 0.77 11.95 -31.99
CA THR F 178 -0.55 12.26 -31.44
C THR F 178 -0.72 13.77 -31.29
N GLN F 179 -1.87 14.28 -31.75
CA GLN F 179 -2.17 15.68 -31.52
C GLN F 179 -2.88 15.78 -30.13
N LEU F 180 -2.09 15.97 -29.05
CA LEU F 180 -2.64 16.07 -27.69
C LEU F 180 -3.28 17.38 -27.40
N ASP F 181 -4.56 17.34 -27.07
CA ASP F 181 -5.32 18.51 -26.70
C ASP F 181 -5.29 18.59 -25.19
N GLU F 182 -5.74 17.51 -24.56
CA GLU F 182 -5.88 17.39 -23.13
C GLU F 182 -5.35 16.03 -22.72
N LEU F 183 -4.67 15.98 -21.55
CA LEU F 183 -4.14 14.76 -20.96
C LEU F 183 -4.40 14.72 -19.48
N ASN F 184 -5.26 13.76 -19.01
CA ASN F 184 -5.56 13.58 -17.59
C ASN F 184 -4.90 12.31 -17.02
N LEU F 185 -3.76 12.47 -16.32
CA LEU F 185 -3.03 11.38 -15.67
C LEU F 185 -3.34 11.30 -14.14
N SER F 186 -4.20 12.22 -13.62
CA SER F 186 -4.60 12.33 -12.22
C SER F 186 -5.09 11.03 -11.56
N ASP F 187 -5.03 10.97 -10.23
CA ASP F 187 -5.49 9.88 -9.39
C ASP F 187 -4.82 8.53 -9.64
N ASN F 188 -3.69 8.50 -10.41
CA ASN F 188 -2.82 7.33 -10.60
C ASN F 188 -1.77 7.58 -9.53
N ASN F 189 -2.06 7.11 -8.32
CA ASN F 189 -1.30 7.39 -7.10
C ASN F 189 0.15 6.94 -7.11
N ASN F 190 0.46 5.78 -7.71
CA ASN F 190 1.82 5.21 -7.74
C ASN F 190 2.70 5.74 -8.87
N LEU F 191 2.20 6.74 -9.60
CA LEU F 191 2.95 7.31 -10.71
C LEU F 191 3.94 8.31 -10.14
N GLU F 192 5.26 8.00 -10.24
CA GLU F 192 6.32 8.86 -9.68
C GLU F 192 7.18 9.57 -10.71
N GLU F 193 7.38 8.98 -11.92
CA GLU F 193 8.29 9.58 -12.91
C GLU F 193 7.76 9.77 -14.34
N LEU F 194 7.79 11.04 -14.79
CA LEU F 194 7.47 11.51 -16.15
C LEU F 194 8.81 11.73 -16.92
N PRO F 195 9.33 10.77 -17.73
CA PRO F 195 10.62 11.03 -18.43
C PRO F 195 10.55 12.20 -19.40
N ASN F 196 11.70 12.82 -19.72
CA ASN F 196 11.78 13.99 -20.59
C ASN F 196 11.12 13.83 -21.94
N ASP F 197 11.35 12.68 -22.58
CA ASP F 197 10.75 12.40 -23.88
C ASP F 197 9.33 11.81 -23.78
N VAL F 198 8.47 12.30 -22.85
CA VAL F 198 7.09 11.82 -22.80
C VAL F 198 6.32 12.47 -23.93
N PHE F 199 6.51 13.79 -24.06
CA PHE F 199 5.84 14.60 -25.06
C PHE F 199 6.69 14.74 -26.33
N HIS F 200 7.51 13.71 -26.66
CA HIS F 200 8.28 13.69 -27.90
C HIS F 200 7.32 13.28 -29.00
N GLY F 201 7.45 13.89 -30.18
CA GLY F 201 6.57 13.65 -31.33
C GLY F 201 5.10 13.95 -31.08
N ALA F 202 4.78 14.78 -30.07
CA ALA F 202 3.40 15.07 -29.76
C ALA F 202 3.14 16.54 -29.72
N SER F 203 2.08 16.97 -30.42
CA SER F 203 1.61 18.33 -30.37
C SER F 203 0.93 18.45 -29.01
N GLY F 204 1.09 19.58 -28.33
CA GLY F 204 0.50 19.80 -27.02
C GLY F 204 1.15 18.98 -25.91
N PRO F 205 0.45 18.68 -24.79
CA PRO F 205 -0.95 18.98 -24.48
C PRO F 205 -1.22 20.44 -24.15
N VAL F 206 -2.46 20.88 -24.35
CA VAL F 206 -2.90 22.25 -24.08
C VAL F 206 -3.45 22.26 -22.65
N ILE F 207 -4.01 21.11 -22.24
CA ILE F 207 -4.52 20.85 -20.89
C ILE F 207 -3.78 19.61 -20.34
N LEU F 208 -3.21 19.75 -19.12
CA LEU F 208 -2.51 18.68 -18.42
C LEU F 208 -2.95 18.66 -16.99
N ASP F 209 -3.53 17.53 -16.56
CA ASP F 209 -3.91 17.31 -15.18
C ASP F 209 -3.10 16.15 -14.66
N ILE F 210 -2.23 16.47 -13.67
CA ILE F 210 -1.38 15.50 -12.98
C ILE F 210 -1.71 15.50 -11.46
N SER F 211 -2.94 15.88 -11.09
CA SER F 211 -3.42 15.92 -9.71
C SER F 211 -3.34 14.58 -9.00
N ARG F 212 -3.01 14.57 -7.70
CA ARG F 212 -2.94 13.35 -6.90
C ARG F 212 -2.06 12.25 -7.57
N THR F 213 -0.82 12.62 -7.89
CA THR F 213 0.23 11.74 -8.43
C THR F 213 1.56 12.06 -7.71
N ARG F 214 2.32 10.99 -7.38
CA ARG F 214 3.65 11.09 -6.76
C ARG F 214 4.71 11.70 -7.73
N ILE F 215 4.27 12.27 -8.89
CA ILE F 215 5.15 12.89 -9.88
C ILE F 215 5.99 13.96 -9.18
N HIS F 216 7.34 13.86 -9.37
CA HIS F 216 8.40 14.67 -8.78
C HIS F 216 8.79 15.95 -9.55
N SER F 217 8.63 15.95 -10.90
CA SER F 217 9.01 17.07 -11.77
C SER F 217 8.34 16.98 -13.14
N LEU F 218 8.36 18.10 -13.89
CA LEU F 218 7.81 18.20 -15.25
C LEU F 218 8.91 18.16 -16.31
N PRO F 219 8.66 17.62 -17.54
CA PRO F 219 9.72 17.63 -18.57
C PRO F 219 10.06 19.04 -19.06
N SER F 220 11.35 19.28 -19.34
CA SER F 220 11.93 20.55 -19.80
C SER F 220 11.29 21.09 -21.07
N TYR F 221 10.77 20.17 -21.92
CA TYR F 221 10.17 20.48 -23.21
C TYR F 221 8.88 19.70 -23.47
N GLY F 222 8.13 20.17 -24.47
CA GLY F 222 6.86 19.61 -24.91
C GLY F 222 5.69 20.44 -24.47
N LEU F 223 5.87 21.20 -23.37
CA LEU F 223 4.88 22.06 -22.71
C LEU F 223 4.77 23.48 -23.30
N GLU F 224 5.39 23.68 -24.47
CA GLU F 224 5.38 24.96 -25.18
C GLU F 224 3.95 25.38 -25.61
N ASN F 225 3.00 24.42 -25.67
CA ASN F 225 1.61 24.67 -26.05
C ASN F 225 0.64 24.54 -24.85
N LEU F 226 1.17 24.20 -23.67
CA LEU F 226 0.39 24.07 -22.44
C LEU F 226 -0.21 25.38 -21.94
N LYS F 227 -1.56 25.47 -21.94
CA LYS F 227 -2.34 26.61 -21.46
C LYS F 227 -2.91 26.37 -20.05
N LYS F 228 -3.32 25.12 -19.71
CA LYS F 228 -3.88 24.85 -18.36
C LYS F 228 -3.15 23.73 -17.60
N LEU F 229 -2.57 24.07 -16.43
CA LEU F 229 -1.87 23.09 -15.60
C LEU F 229 -2.66 22.82 -14.32
N ARG F 230 -2.97 21.53 -14.10
CA ARG F 230 -3.72 21.10 -12.93
C ARG F 230 -2.86 20.10 -12.18
N ALA F 231 -2.43 20.47 -10.96
CA ALA F 231 -1.57 19.70 -10.08
C ALA F 231 -2.05 19.84 -8.61
N ARG F 232 -3.32 19.51 -8.39
CA ARG F 232 -3.97 19.54 -7.07
C ARG F 232 -3.45 18.34 -6.27
N SER F 233 -2.97 18.59 -5.05
CA SER F 233 -2.45 17.55 -4.15
C SER F 233 -1.37 16.67 -4.82
N THR F 234 -0.37 17.32 -5.43
CA THR F 234 0.79 16.70 -6.08
C THR F 234 2.04 17.22 -5.33
N TYR F 235 2.18 16.72 -4.10
CA TYR F 235 3.14 17.15 -3.11
C TYR F 235 4.60 16.98 -3.51
N ASN F 236 4.94 15.99 -4.34
CA ASN F 236 6.34 15.81 -4.76
C ASN F 236 6.81 16.86 -5.77
N LEU F 237 5.87 17.44 -6.54
CA LEU F 237 6.18 18.49 -7.51
C LEU F 237 6.55 19.76 -6.76
N LYS F 238 7.84 19.89 -6.48
CA LYS F 238 8.35 21.01 -5.69
C LYS F 238 9.00 22.11 -6.51
N LYS F 239 9.57 21.79 -7.70
CA LYS F 239 10.24 22.83 -8.49
C LYS F 239 9.31 23.57 -9.48
N LEU F 240 8.85 22.90 -10.56
CA LEU F 240 8.07 23.42 -11.68
C LEU F 240 8.99 24.20 -12.66
N PRO F 241 8.69 24.21 -13.99
CA PRO F 241 9.52 24.99 -14.92
C PRO F 241 9.20 26.48 -14.87
N THR F 242 10.07 27.32 -15.43
CA THR F 242 9.86 28.77 -15.43
C THR F 242 8.91 29.18 -16.57
N LEU F 243 8.21 30.34 -16.40
CA LEU F 243 7.29 30.92 -17.41
C LEU F 243 8.03 31.19 -18.74
N GLU F 244 9.36 31.00 -18.72
CA GLU F 244 10.30 31.10 -19.83
C GLU F 244 9.94 29.98 -20.84
N LYS F 245 9.83 28.73 -20.37
CA LYS F 245 9.48 27.58 -21.21
C LYS F 245 7.97 27.22 -21.12
N LEU F 246 7.24 27.93 -20.24
CA LEU F 246 5.80 27.77 -20.09
C LEU F 246 5.06 28.99 -20.68
N VAL F 247 5.63 29.57 -21.77
CA VAL F 247 5.15 30.76 -22.51
C VAL F 247 3.65 30.80 -22.77
N ALA F 248 3.02 29.62 -22.98
CA ALA F 248 1.59 29.49 -23.31
C ALA F 248 0.65 29.48 -22.10
N LEU F 249 1.12 29.01 -20.90
CA LEU F 249 0.33 28.90 -19.66
C LEU F 249 -0.56 30.11 -19.35
N MET F 250 -1.83 29.83 -19.04
CA MET F 250 -2.89 30.80 -18.78
C MET F 250 -3.54 30.59 -17.42
N GLU F 251 -3.65 29.32 -17.03
CA GLU F 251 -4.28 28.90 -15.79
C GLU F 251 -3.40 27.82 -15.13
N ALA F 252 -3.23 27.93 -13.82
CA ALA F 252 -2.46 26.97 -13.03
C ALA F 252 -3.11 26.76 -11.69
N SER F 253 -3.60 25.54 -11.45
CA SER F 253 -4.19 25.14 -10.17
C SER F 253 -3.26 24.08 -9.55
N LEU F 254 -2.40 24.57 -8.66
CA LEU F 254 -1.33 23.84 -8.04
C LEU F 254 -1.54 23.44 -6.56
N THR F 255 -0.48 22.89 -5.94
CA THR F 255 -0.52 22.43 -4.56
C THR F 255 0.03 23.49 -3.59
N TYR F 256 1.25 23.97 -3.86
CA TYR F 256 1.97 24.94 -3.04
C TYR F 256 1.73 26.37 -3.47
N PRO F 257 1.35 27.27 -2.52
CA PRO F 257 1.08 28.67 -2.86
C PRO F 257 2.31 29.49 -3.27
N SER F 258 3.51 28.94 -2.98
CA SER F 258 4.82 29.51 -3.30
C SER F 258 5.01 29.55 -4.83
N HIS F 259 4.37 28.60 -5.53
CA HIS F 259 4.38 28.46 -6.98
C HIS F 259 3.56 29.56 -7.65
N CYS F 260 2.52 30.09 -6.96
CA CYS F 260 1.65 31.16 -7.48
C CYS F 260 2.37 32.48 -7.59
N CYS F 261 3.36 32.66 -6.72
CA CYS F 261 4.22 33.84 -6.62
C CYS F 261 4.97 34.07 -7.92
N ALA F 262 5.49 32.99 -8.53
CA ALA F 262 6.22 33.01 -9.79
C ALA F 262 5.36 33.57 -10.94
N PHE F 263 4.04 33.31 -10.90
CA PHE F 263 3.06 33.72 -11.91
C PHE F 263 2.41 35.09 -11.64
N ALA F 264 2.54 35.62 -10.40
CA ALA F 264 1.98 36.93 -10.02
C ALA F 264 2.56 38.07 -10.86
N ASN F 265 3.87 37.98 -11.16
CA ASN F 265 4.61 38.91 -12.02
C ASN F 265 5.04 38.12 -13.27
N TRP F 266 4.59 38.57 -14.47
CA TRP F 266 4.87 37.97 -15.79
C TRP F 266 4.47 36.50 -15.90
N ASP F 319 -19.55 32.18 -22.29
CA ASP F 319 -19.21 33.56 -21.97
C ASP F 319 -17.85 34.01 -22.53
N TYS F 320 -16.93 33.03 -22.73
CA TYS F 320 -15.55 33.11 -23.24
CB TYS F 320 -15.18 31.68 -23.80
CG TYS F 320 -16.06 31.03 -24.95
CD1 TYS F 320 -15.81 29.66 -25.39
CD2 TYS F 320 -17.13 31.75 -25.63
CE1 TYS F 320 -16.60 29.11 -26.45
CE2 TYS F 320 -17.93 31.23 -26.66
CZ TYS F 320 -17.69 29.90 -27.08
OH TYS F 320 -18.53 29.55 -28.09
S TYS F 320 -19.47 28.49 -27.82
O1 TYS F 320 -20.47 28.55 -28.81
O2 TYS F 320 -19.78 28.40 -26.41
O3 TYS F 320 -18.70 27.36 -28.25
C TYS F 320 -15.24 34.19 -24.29
O TYS F 320 -16.13 34.59 -25.05
N ASP F 321 -13.96 34.62 -24.35
CA ASP F 321 -13.51 35.63 -25.32
C ASP F 321 -12.07 35.38 -25.82
N LEU F 322 -11.59 36.25 -26.75
CA LEU F 322 -10.25 36.22 -27.34
C LEU F 322 -9.84 37.61 -27.80
N VAL F 327 -4.32 41.18 -17.64
CA VAL F 327 -5.07 39.93 -17.48
C VAL F 327 -4.31 38.96 -16.54
N ASP F 328 -3.05 38.59 -16.92
CA ASP F 328 -2.11 37.69 -16.21
C ASP F 328 -2.63 36.23 -16.04
N VAL F 329 -1.77 35.35 -15.48
CA VAL F 329 -2.02 33.92 -15.26
C VAL F 329 -2.83 33.69 -13.98
N THR F 330 -3.99 33.00 -14.10
CA THR F 330 -4.85 32.67 -12.95
C THR F 330 -4.16 31.56 -12.17
N CYS F 331 -3.92 31.80 -10.87
CA CYS F 331 -3.22 30.79 -10.10
C CYS F 331 -3.94 30.38 -8.82
N SER F 332 -3.70 29.13 -8.40
CA SER F 332 -4.30 28.52 -7.24
C SER F 332 -3.27 27.60 -6.58
N PRO F 333 -3.08 27.64 -5.25
CA PRO F 333 -3.77 28.47 -4.24
C PRO F 333 -3.09 29.84 -4.07
N LYS F 334 -3.88 30.93 -4.02
CA LYS F 334 -3.36 32.28 -3.87
C LYS F 334 -2.59 32.49 -2.55
N PRO F 335 -1.51 33.33 -2.52
CA PRO F 335 -0.72 33.51 -1.28
C PRO F 335 -1.39 34.35 -0.18
N ASP F 336 -2.72 34.17 0.00
CA ASP F 336 -3.56 34.88 0.97
C ASP F 336 -3.31 34.52 2.44
N ALA F 337 -2.87 33.26 2.72
CA ALA F 337 -2.59 32.74 4.06
C ALA F 337 -1.30 33.32 4.69
N PHE F 338 -1.14 34.66 4.62
CA PHE F 338 -0.02 35.47 5.13
C PHE F 338 1.33 35.03 4.52
N ASN F 339 1.49 35.26 3.20
CA ASN F 339 2.69 34.87 2.45
C ASN F 339 3.38 36.04 1.74
N PRO F 340 4.64 36.40 2.14
CA PRO F 340 5.35 37.51 1.47
C PRO F 340 5.90 37.12 0.09
N CYS F 341 5.71 35.84 -0.27
CA CYS F 341 6.06 35.13 -1.49
C CYS F 341 7.55 34.75 -1.61
N GLU F 342 7.79 33.42 -1.62
CA GLU F 342 9.09 32.77 -1.71
C GLU F 342 9.29 32.21 -3.12
N GLN G 5 27.23 -17.81 -33.81
CA GLN G 5 27.40 -19.12 -34.44
C GLN G 5 28.32 -20.03 -33.61
N ASP G 6 29.65 -19.78 -33.65
CA ASP G 6 30.66 -20.54 -32.90
C ASP G 6 30.77 -20.00 -31.47
N CYS G 7 30.48 -20.85 -30.50
CA CYS G 7 30.59 -20.48 -29.09
C CYS G 7 31.50 -21.46 -28.37
N PRO G 8 32.82 -21.14 -28.28
CA PRO G 8 33.78 -22.06 -27.64
C PRO G 8 33.43 -22.44 -26.21
N GLU G 9 33.34 -23.75 -25.94
CA GLU G 9 33.03 -24.37 -24.66
C GLU G 9 33.99 -23.89 -23.59
N CYS G 10 33.42 -23.54 -22.44
CA CYS G 10 34.09 -23.08 -21.22
C CYS G 10 35.34 -23.92 -20.89
N THR G 11 36.53 -23.27 -20.95
CA THR G 11 37.83 -23.89 -20.67
C THR G 11 38.86 -22.92 -20.10
N LEU G 12 40.03 -23.43 -19.72
CA LEU G 12 41.15 -22.66 -19.21
C LEU G 12 41.87 -21.96 -20.35
N GLN G 13 42.14 -20.66 -20.17
CA GLN G 13 42.86 -19.79 -21.10
C GLN G 13 43.84 -18.94 -20.27
N GLU G 14 44.85 -18.35 -20.91
CA GLU G 14 45.79 -17.48 -20.19
C GLU G 14 45.13 -16.12 -20.03
N ASN G 15 45.28 -15.48 -18.86
CA ASN G 15 44.76 -14.13 -18.63
C ASN G 15 45.80 -13.17 -19.27
N PRO G 16 45.41 -12.23 -20.18
CA PRO G 16 46.42 -11.33 -20.79
C PRO G 16 47.20 -10.53 -19.73
N LEU G 17 46.47 -9.85 -18.82
CA LEU G 17 47.03 -9.13 -17.67
C LEU G 17 47.38 -10.21 -16.63
N PHE G 18 48.51 -10.03 -15.92
CA PHE G 18 49.01 -10.95 -14.87
C PHE G 18 49.84 -12.11 -15.40
N SER G 19 49.42 -12.77 -16.50
CA SER G 19 50.20 -13.88 -17.04
C SER G 19 51.56 -13.38 -17.48
N GLN G 20 52.61 -14.09 -17.08
CA GLN G 20 53.98 -13.71 -17.43
C GLN G 20 54.75 -14.87 -18.09
N PRO G 21 55.82 -14.62 -18.88
CA PRO G 21 56.54 -15.75 -19.51
C PRO G 21 57.11 -16.72 -18.47
N GLY G 22 56.69 -17.98 -18.55
CA GLY G 22 57.07 -19.01 -17.59
C GLY G 22 56.16 -19.07 -16.38
N ALA G 23 55.43 -17.95 -16.11
CA ALA G 23 54.49 -17.85 -14.99
C ALA G 23 53.07 -17.37 -15.49
N PRO G 24 52.42 -18.11 -16.41
CA PRO G 24 51.11 -17.65 -16.88
C PRO G 24 50.02 -17.96 -15.86
N ILE G 25 49.08 -17.06 -15.67
CA ILE G 25 48.01 -17.40 -14.76
C ILE G 25 46.80 -17.81 -15.62
N LEU G 26 46.18 -18.93 -15.25
CA LEU G 26 45.09 -19.51 -16.01
C LEU G 26 43.73 -19.04 -15.54
N GLN G 27 42.79 -18.96 -16.47
CA GLN G 27 41.44 -18.45 -16.24
C GLN G 27 40.38 -19.23 -16.99
N CYS G 28 39.26 -19.46 -16.31
CA CYS G 28 38.11 -20.14 -16.89
C CYS G 28 37.29 -19.16 -17.67
N MET G 29 37.11 -19.45 -18.96
CA MET G 29 36.31 -18.63 -19.87
C MET G 29 35.73 -19.45 -20.99
N GLY G 30 34.66 -18.93 -21.57
CA GLY G 30 33.96 -19.60 -22.64
C GLY G 30 32.47 -19.70 -22.41
N CYS G 31 31.82 -20.36 -23.35
CA CYS G 31 30.39 -20.51 -23.43
C CYS G 31 29.82 -21.64 -22.61
N CYS G 32 28.60 -21.39 -22.10
CA CYS G 32 27.77 -22.28 -21.31
C CYS G 32 26.30 -22.24 -21.80
N PHE G 33 25.52 -23.31 -21.57
CA PHE G 33 24.13 -23.36 -22.02
C PHE G 33 23.19 -22.61 -21.11
N SER G 34 22.28 -21.84 -21.71
CA SER G 34 21.26 -21.07 -21.02
C SER G 34 20.00 -21.06 -21.85
N ARG G 35 18.84 -20.97 -21.18
CA ARG G 35 17.54 -20.93 -21.84
C ARG G 35 16.47 -20.19 -20.99
N ALA G 36 15.35 -19.84 -21.63
CA ALA G 36 14.20 -19.19 -21.00
C ALA G 36 12.95 -19.82 -21.58
N TYR G 37 11.85 -19.78 -20.82
CA TYR G 37 10.55 -20.35 -21.18
C TYR G 37 9.49 -19.91 -20.17
N PRO G 38 8.17 -19.95 -20.48
CA PRO G 38 7.19 -19.52 -19.48
C PRO G 38 7.15 -20.49 -18.32
N THR G 39 7.03 -19.95 -17.10
CA THR G 39 6.96 -20.69 -15.84
C THR G 39 5.74 -21.62 -15.86
N PRO G 40 5.93 -22.96 -15.72
CA PRO G 40 4.75 -23.84 -15.68
C PRO G 40 3.82 -23.50 -14.52
N LEU G 41 2.52 -23.73 -14.71
CA LEU G 41 1.48 -23.47 -13.72
C LEU G 41 1.69 -24.21 -12.38
N ARG G 42 2.56 -25.24 -12.37
CA ARG G 42 2.88 -25.98 -11.16
C ARG G 42 3.83 -25.16 -10.30
N SER G 43 4.91 -24.62 -10.91
CA SER G 43 5.93 -23.80 -10.25
C SER G 43 5.30 -22.59 -9.61
N LYS G 44 4.33 -22.00 -10.31
CA LYS G 44 3.61 -20.82 -9.88
C LYS G 44 2.95 -21.00 -8.52
N LYS G 45 2.46 -22.22 -8.23
CA LYS G 45 1.81 -22.55 -6.96
C LYS G 45 2.77 -22.34 -5.78
N THR G 46 4.09 -22.47 -6.03
CA THR G 46 5.18 -22.36 -5.04
C THR G 46 5.84 -20.98 -4.95
N MET G 47 5.40 -20.04 -5.77
CA MET G 47 5.98 -18.70 -5.78
C MET G 47 5.13 -17.68 -5.03
N LEU G 48 5.72 -17.04 -4.00
CA LEU G 48 5.02 -15.99 -3.25
C LEU G 48 4.98 -14.72 -4.14
N VAL G 49 6.12 -14.41 -4.80
CA VAL G 49 6.30 -13.33 -5.75
C VAL G 49 6.17 -14.03 -7.11
N GLN G 50 5.10 -13.72 -7.85
CA GLN G 50 4.86 -14.37 -9.13
C GLN G 50 5.85 -13.91 -10.19
N LYS G 51 6.41 -14.87 -10.94
CA LYS G 51 7.36 -14.63 -12.04
C LYS G 51 6.86 -15.47 -13.22
N ASN G 52 6.26 -14.83 -14.27
CA ASN G 52 5.67 -15.53 -15.44
C ASN G 52 6.68 -16.18 -16.42
N VAL G 53 7.98 -15.85 -16.33
CA VAL G 53 9.05 -16.39 -17.16
C VAL G 53 10.05 -17.11 -16.23
N THR G 54 10.70 -18.19 -16.74
CA THR G 54 11.70 -18.97 -16.01
C THR G 54 12.99 -19.01 -16.79
N SER G 55 14.11 -18.63 -16.15
CA SER G 55 15.44 -18.65 -16.75
C SER G 55 16.29 -19.71 -16.11
N GLU G 56 16.72 -20.70 -16.92
CA GLU G 56 17.63 -21.77 -16.45
C GLU G 56 19.02 -21.40 -16.98
N SER G 57 19.99 -21.12 -16.09
CA SER G 57 21.34 -20.74 -16.53
C SER G 57 22.54 -21.39 -15.79
N THR G 58 23.62 -21.51 -16.58
CA THR G 58 24.93 -22.01 -16.20
C THR G 58 26.00 -21.02 -16.70
N CYS G 59 27.02 -20.79 -15.86
CA CYS G 59 28.12 -19.85 -16.13
C CYS G 59 29.48 -20.53 -16.02
N CYS G 60 30.45 -20.03 -16.82
CA CYS G 60 31.81 -20.55 -16.85
C CYS G 60 32.64 -20.16 -15.64
N VAL G 61 32.82 -21.11 -14.71
CA VAL G 61 33.50 -20.90 -13.42
C VAL G 61 34.65 -21.90 -13.16
N ALA G 62 35.61 -21.51 -12.32
CA ALA G 62 36.72 -22.38 -11.94
C ALA G 62 36.22 -23.47 -10.98
N LYS G 63 36.43 -24.75 -11.34
CA LYS G 63 36.05 -25.90 -10.51
C LYS G 63 37.01 -25.96 -9.33
N SER G 64 38.27 -25.54 -9.58
CA SER G 64 39.37 -25.54 -8.62
C SER G 64 40.40 -24.51 -9.03
N TYR G 65 41.08 -23.92 -8.05
CA TYR G 65 42.12 -22.94 -8.32
C TYR G 65 43.21 -22.99 -7.24
N ASN G 66 44.35 -22.32 -7.49
CA ASN G 66 45.42 -22.17 -6.51
C ASN G 66 45.75 -20.68 -6.42
N ARG G 67 45.69 -20.10 -5.20
CA ARG G 67 45.98 -18.69 -4.98
C ARG G 67 47.48 -18.39 -5.10
N VAL G 68 47.82 -17.33 -5.88
CA VAL G 68 49.21 -16.90 -6.15
C VAL G 68 49.35 -15.36 -5.99
N THR G 69 50.61 -14.84 -5.97
CA THR G 69 50.87 -13.39 -5.85
C THR G 69 51.84 -12.92 -6.94
N VAL G 70 51.26 -12.42 -8.05
CA VAL G 70 51.93 -11.92 -9.26
C VAL G 70 52.18 -10.41 -9.19
N MET G 71 52.92 -9.86 -10.20
CA MET G 71 53.24 -8.43 -10.37
C MET G 71 53.46 -7.74 -9.03
N GLY G 72 54.51 -8.18 -8.35
CA GLY G 72 54.85 -7.69 -7.03
C GLY G 72 53.88 -8.18 -5.98
N GLY G 73 52.78 -7.43 -5.81
CA GLY G 73 51.75 -7.76 -4.83
C GLY G 73 50.32 -7.72 -5.33
N PHE G 74 49.89 -8.80 -6.00
CA PHE G 74 48.52 -8.95 -6.50
C PHE G 74 48.01 -10.35 -6.20
N LYS G 75 47.11 -10.50 -5.21
CA LYS G 75 46.56 -11.79 -4.81
C LYS G 75 45.55 -12.22 -5.89
N VAL G 76 46.00 -13.06 -6.84
CA VAL G 76 45.18 -13.56 -7.96
C VAL G 76 44.96 -15.08 -7.88
N GLU G 77 43.86 -15.57 -8.48
CA GLU G 77 43.56 -17.01 -8.53
C GLU G 77 44.14 -17.63 -9.80
N ASN G 78 44.93 -18.71 -9.69
CA ASN G 78 45.44 -19.43 -10.87
C ASN G 78 44.52 -20.65 -10.99
N HIS G 79 43.60 -20.62 -11.97
CA HIS G 79 42.59 -21.65 -12.18
C HIS G 79 43.18 -22.94 -12.68
N THR G 80 42.67 -24.09 -12.16
CA THR G 80 43.23 -25.41 -12.52
C THR G 80 42.23 -26.30 -13.28
N ALA G 81 40.92 -26.01 -13.15
CA ALA G 81 39.83 -26.71 -13.83
C ALA G 81 38.63 -25.76 -14.02
N CYS G 82 37.83 -26.01 -15.07
CA CYS G 82 36.63 -25.22 -15.44
C CYS G 82 35.42 -26.10 -15.67
N HIS G 83 34.24 -25.57 -15.30
CA HIS G 83 32.95 -26.21 -15.54
C HIS G 83 31.86 -25.20 -15.64
N CYS G 84 30.77 -25.55 -16.32
CA CYS G 84 29.61 -24.68 -16.44
C CYS G 84 28.80 -24.99 -15.20
N SER G 85 28.67 -24.00 -14.30
CA SER G 85 27.97 -24.16 -13.03
C SER G 85 27.05 -22.97 -12.70
N THR G 86 26.67 -22.83 -11.42
CA THR G 86 25.75 -21.82 -10.90
C THR G 86 26.26 -20.41 -11.16
N CYS G 87 25.38 -19.58 -11.70
CA CYS G 87 25.64 -18.16 -11.96
C CYS G 87 25.29 -17.41 -10.72
N TYR G 88 26.14 -16.52 -10.31
CA TYR G 88 25.89 -15.74 -9.13
C TYR G 88 25.56 -14.27 -9.52
N TYR G 89 26.19 -13.77 -10.61
CA TYR G 89 26.13 -12.38 -11.06
C TYR G 89 25.38 -12.14 -12.37
N HIS G 90 24.40 -13.02 -12.68
CA HIS G 90 23.66 -12.95 -13.94
C HIS G 90 22.36 -12.13 -13.91
N LYS G 91 21.87 -11.75 -12.71
CA LYS G 91 20.60 -11.03 -12.61
C LYS G 91 20.75 -9.57 -12.25
N SER G 92 19.63 -8.81 -12.35
CA SER G 92 19.52 -7.38 -12.06
C SER G 92 19.29 -7.14 -10.56
N ASN H 1 27.62 -15.70 -26.93
CA ASN H 1 27.45 -15.34 -28.33
C ASN H 1 26.13 -15.91 -28.97
N SER H 2 26.10 -17.21 -29.38
CA SER H 2 24.97 -17.90 -30.05
C SER H 2 23.71 -18.14 -29.18
N CYS H 3 22.86 -17.11 -29.09
CA CYS H 3 21.61 -17.14 -28.34
C CYS H 3 20.51 -16.60 -29.26
N GLU H 4 19.49 -17.43 -29.59
CA GLU H 4 18.41 -16.97 -30.47
C GLU H 4 17.02 -17.60 -30.19
N LEU H 5 16.02 -17.07 -30.96
CA LEU H 5 14.63 -17.49 -30.92
C LEU H 5 14.52 -18.89 -31.45
N THR H 6 14.17 -19.80 -30.55
CA THR H 6 13.97 -21.21 -30.86
C THR H 6 12.56 -21.59 -30.51
N ASN H 7 11.94 -22.42 -31.36
CA ASN H 7 10.59 -22.90 -31.15
C ASN H 7 10.59 -23.93 -30.04
N ILE H 8 9.67 -23.77 -29.11
CA ILE H 8 9.49 -24.70 -27.99
C ILE H 8 8.04 -25.11 -27.91
N THR H 9 7.79 -26.13 -27.08
CA THR H 9 6.48 -26.69 -26.81
C THR H 9 6.25 -26.52 -25.32
N ILE H 10 5.18 -25.83 -24.94
CA ILE H 10 4.84 -25.58 -23.54
C ILE H 10 3.58 -26.32 -23.12
N ALA H 11 3.49 -26.61 -21.81
CA ALA H 11 2.35 -27.27 -21.19
C ALA H 11 1.43 -26.24 -20.48
N ILE H 12 0.14 -26.27 -20.82
CA ILE H 12 -0.89 -25.43 -20.20
C ILE H 12 -1.73 -26.42 -19.40
N GLU H 13 -1.67 -26.30 -18.06
CA GLU H 13 -2.29 -27.20 -17.06
C GLU H 13 -3.66 -26.75 -16.53
N LYS H 14 -4.71 -27.56 -16.80
CA LYS H 14 -6.07 -27.31 -16.30
C LYS H 14 -6.28 -28.23 -15.12
N GLU H 15 -6.13 -27.67 -13.89
CA GLU H 15 -6.21 -28.37 -12.60
C GLU H 15 -7.51 -29.19 -12.39
N GLU H 16 -8.71 -28.56 -12.61
CA GLU H 16 -10.01 -29.23 -12.40
C GLU H 16 -10.36 -30.28 -13.46
N CYS H 17 -9.61 -30.33 -14.58
CA CYS H 17 -9.86 -31.31 -15.64
C CYS H 17 -8.84 -32.46 -15.65
N ARG H 18 -7.81 -32.35 -14.79
CA ARG H 18 -6.74 -33.33 -14.58
C ARG H 18 -5.96 -33.65 -15.88
N PHE H 19 -5.71 -32.61 -16.70
CA PHE H 19 -4.94 -32.74 -17.96
C PHE H 19 -4.19 -31.46 -18.34
N CYS H 20 -3.28 -31.58 -19.33
CA CYS H 20 -2.51 -30.48 -19.90
C CYS H 20 -2.61 -30.49 -21.40
N ILE H 21 -2.58 -29.30 -21.99
CA ILE H 21 -2.57 -29.12 -23.43
C ILE H 21 -1.19 -28.59 -23.81
N SER H 22 -0.67 -29.01 -24.96
CA SER H 22 0.64 -28.57 -25.41
C SER H 22 0.51 -27.56 -26.54
N ILE H 23 1.11 -26.39 -26.36
CA ILE H 23 1.06 -25.30 -27.34
C ILE H 23 2.49 -25.00 -27.81
N ASN H 24 2.66 -24.79 -29.13
CA ASN H 24 3.98 -24.48 -29.69
C ASN H 24 4.18 -22.98 -29.75
N THR H 25 5.24 -22.51 -29.09
CA THR H 25 5.56 -21.09 -29.01
C THR H 25 7.04 -20.84 -29.35
N THR H 26 7.47 -19.57 -29.32
CA THR H 26 8.84 -19.18 -29.65
C THR H 26 9.55 -18.56 -28.44
N TRP H 27 10.61 -19.24 -27.94
CA TRP H 27 11.36 -18.75 -26.78
C TRP H 27 12.87 -18.66 -27.01
N CYS H 28 13.66 -18.55 -25.93
CA CYS H 28 15.12 -18.45 -26.00
C CYS H 28 15.85 -19.69 -25.52
N ALA H 29 16.98 -19.95 -26.17
CA ALA H 29 17.89 -21.05 -25.87
C ALA H 29 19.21 -20.75 -26.57
N GLY H 30 20.31 -21.17 -25.96
CA GLY H 30 21.61 -20.94 -26.56
C GLY H 30 22.77 -20.87 -25.60
N TYR H 31 23.87 -20.31 -26.08
CA TYR H 31 25.12 -20.22 -25.36
C TYR H 31 25.62 -18.79 -25.25
N CYS H 32 26.22 -18.47 -24.12
CA CYS H 32 26.76 -17.16 -23.84
C CYS H 32 28.15 -17.34 -23.27
N TYR H 33 29.09 -16.51 -23.75
CA TYR H 33 30.48 -16.48 -23.29
C TYR H 33 30.51 -15.88 -21.88
N THR H 34 31.30 -16.46 -20.99
CA THR H 34 31.44 -15.97 -19.60
C THR H 34 32.89 -16.07 -19.16
N ARG H 35 33.24 -15.31 -18.11
CA ARG H 35 34.57 -15.29 -17.53
C ARG H 35 34.50 -15.41 -16.01
N ASP H 36 35.57 -15.96 -15.43
CA ASP H 36 35.67 -16.06 -13.99
C ASP H 36 36.87 -15.27 -13.64
N LEU H 37 36.64 -14.17 -12.96
CA LEU H 37 37.67 -13.23 -12.58
C LEU H 37 38.70 -13.86 -11.69
N VAL H 38 39.95 -13.64 -12.06
CA VAL H 38 41.12 -14.17 -11.39
C VAL H 38 41.43 -13.28 -10.18
N TYR H 39 41.33 -11.94 -10.38
CA TYR H 39 41.55 -10.93 -9.35
C TYR H 39 40.21 -10.59 -8.74
N LYS H 40 40.01 -11.00 -7.49
CA LYS H 40 38.74 -10.76 -6.79
C LYS H 40 38.72 -9.41 -6.02
N ASP H 41 38.65 -8.28 -6.78
CA ASP H 41 38.57 -6.91 -6.25
C ASP H 41 37.12 -6.55 -5.91
N PRO H 42 36.82 -5.89 -4.76
CA PRO H 42 35.42 -5.53 -4.45
C PRO H 42 34.71 -4.67 -5.52
N ALA H 43 35.47 -3.75 -6.19
CA ALA H 43 35.02 -2.87 -7.27
C ALA H 43 35.08 -3.51 -8.68
N ARG H 44 35.65 -4.72 -8.80
CA ARG H 44 35.76 -5.46 -10.07
C ARG H 44 34.39 -5.63 -10.74
N PRO H 45 34.33 -5.90 -12.08
CA PRO H 45 33.02 -6.07 -12.71
C PRO H 45 32.65 -7.55 -12.84
N LYS H 46 32.00 -8.09 -11.79
CA LYS H 46 31.53 -9.49 -11.79
C LYS H 46 30.18 -9.43 -12.55
N ILE H 47 30.21 -9.80 -13.84
CA ILE H 47 29.02 -9.74 -14.68
C ILE H 47 28.88 -11.04 -15.42
N GLN H 48 27.65 -11.56 -15.49
CA GLN H 48 27.40 -12.80 -16.19
C GLN H 48 26.20 -12.67 -17.08
N LYS H 49 26.38 -12.96 -18.35
CA LYS H 49 25.24 -12.90 -19.25
C LYS H 49 24.62 -14.29 -19.35
N THR H 50 23.33 -14.34 -19.60
CA THR H 50 22.60 -15.58 -19.82
C THR H 50 21.70 -15.36 -21.02
N CYS H 51 21.39 -16.45 -21.76
CA CYS H 51 20.48 -16.39 -22.90
C CYS H 51 19.04 -16.28 -22.40
N THR H 52 18.39 -15.12 -22.63
CA THR H 52 17.01 -14.84 -22.20
C THR H 52 16.31 -13.87 -23.14
N PHE H 53 15.01 -13.70 -22.92
CA PHE H 53 14.16 -12.78 -23.69
C PHE H 53 14.62 -11.33 -23.61
N LYS H 54 14.68 -10.66 -24.77
CA LYS H 54 14.99 -9.24 -24.83
C LYS H 54 13.65 -8.54 -24.83
N GLU H 55 12.71 -8.99 -25.69
CA GLU H 55 11.33 -8.46 -25.80
C GLU H 55 10.38 -9.64 -25.81
N LEU H 56 9.15 -9.40 -25.32
CA LEU H 56 8.14 -10.44 -25.29
C LEU H 56 6.74 -9.90 -25.48
N VAL H 57 5.81 -10.80 -25.84
CA VAL H 57 4.39 -10.51 -25.99
C VAL H 57 3.61 -11.54 -25.16
N TYR H 58 2.38 -11.20 -24.77
CA TYR H 58 1.53 -12.16 -24.08
C TYR H 58 0.56 -12.66 -25.14
N GLU H 59 0.16 -13.92 -25.04
CA GLU H 59 -0.73 -14.53 -26.02
C GLU H 59 -1.79 -15.32 -25.29
N THR H 60 -3.05 -15.19 -25.74
CA THR H 60 -4.15 -15.90 -25.09
C THR H 60 -4.56 -17.09 -25.93
N VAL H 61 -4.85 -18.20 -25.25
CA VAL H 61 -5.26 -19.47 -25.80
C VAL H 61 -6.48 -19.97 -25.01
N ARG H 62 -7.45 -20.60 -25.71
CA ARG H 62 -8.66 -21.17 -25.13
C ARG H 62 -8.34 -22.59 -24.70
N VAL H 63 -8.28 -22.82 -23.38
CA VAL H 63 -7.98 -24.13 -22.80
C VAL H 63 -9.29 -24.91 -22.75
N PRO H 64 -9.34 -26.13 -23.34
CA PRO H 64 -10.61 -26.88 -23.36
C PRO H 64 -11.05 -27.41 -22.00
N GLY H 65 -12.36 -27.45 -21.78
CA GLY H 65 -12.97 -27.96 -20.56
C GLY H 65 -13.21 -29.46 -20.59
N CYS H 66 -14.02 -29.97 -19.65
CA CYS H 66 -14.35 -31.39 -19.53
C CYS H 66 -15.72 -31.60 -18.87
N ALA H 67 -16.13 -32.89 -18.73
CA ALA H 67 -17.39 -33.40 -18.16
C ALA H 67 -18.32 -32.35 -17.47
N HIS H 68 -17.96 -31.86 -16.26
CA HIS H 68 -18.78 -30.89 -15.52
C HIS H 68 -17.97 -29.63 -15.14
N HIS H 69 -17.13 -29.16 -16.10
CA HIS H 69 -16.27 -27.98 -15.98
C HIS H 69 -16.14 -27.22 -17.29
N ALA H 70 -16.50 -25.93 -17.24
CA ALA H 70 -16.45 -25.00 -18.37
C ALA H 70 -15.02 -24.75 -18.82
N ASP H 71 -14.88 -24.30 -20.08
CA ASP H 71 -13.59 -23.94 -20.66
C ASP H 71 -13.10 -22.64 -20.03
N SER H 72 -11.78 -22.50 -19.92
CA SER H 72 -11.14 -21.31 -19.36
C SER H 72 -10.22 -20.68 -20.41
N LEU H 73 -9.56 -19.58 -20.04
CA LEU H 73 -8.60 -18.90 -20.90
C LEU H 73 -7.27 -18.86 -20.18
N TYR H 74 -6.17 -18.99 -20.93
CA TYR H 74 -4.85 -18.88 -20.34
C TYR H 74 -3.94 -18.04 -21.21
N THR H 75 -3.42 -16.94 -20.63
CA THR H 75 -2.52 -16.03 -21.33
C THR H 75 -1.11 -16.36 -20.93
N TYR H 76 -0.21 -16.50 -21.90
CA TYR H 76 1.19 -16.88 -21.63
C TYR H 76 2.20 -15.95 -22.34
N PRO H 77 3.44 -15.79 -21.82
CA PRO H 77 4.40 -14.92 -22.51
C PRO H 77 5.06 -15.64 -23.69
N VAL H 78 5.43 -14.88 -24.72
CA VAL H 78 6.08 -15.36 -25.95
C VAL H 78 7.25 -14.42 -26.21
N ALA H 79 8.45 -14.98 -26.48
CA ALA H 79 9.63 -14.17 -26.79
C ALA H 79 9.51 -13.64 -28.20
N THR H 80 10.08 -12.46 -28.42
CA THR H 80 10.03 -11.71 -29.67
C THR H 80 11.47 -11.44 -30.12
N GLN H 81 12.36 -11.42 -29.13
CA GLN H 81 13.78 -11.17 -29.25
C GLN H 81 14.47 -11.91 -28.12
N CYS H 82 15.69 -12.38 -28.39
CA CYS H 82 16.54 -13.09 -27.45
C CYS H 82 17.87 -12.41 -27.43
N HIS H 83 18.49 -12.35 -26.25
CA HIS H 83 19.83 -11.78 -26.10
C HIS H 83 20.62 -12.43 -24.97
N CYS H 84 21.96 -12.38 -25.07
CA CYS H 84 22.84 -12.80 -23.99
C CYS H 84 22.97 -11.50 -23.17
N GLY H 85 22.20 -11.43 -22.11
CA GLY H 85 22.18 -10.25 -21.27
C GLY H 85 21.91 -10.62 -19.84
N LYS H 86 21.44 -9.65 -19.07
CA LYS H 86 21.13 -9.93 -17.68
C LYS H 86 19.76 -10.51 -17.58
N CYS H 87 19.61 -11.44 -16.63
CA CYS H 87 18.36 -12.10 -16.27
C CYS H 87 17.54 -11.07 -15.51
N ASP H 88 16.36 -10.67 -16.05
CA ASP H 88 15.56 -9.65 -15.37
C ASP H 88 14.65 -10.25 -14.28
N SER H 89 15.18 -10.28 -13.05
CA SER H 89 14.57 -10.83 -11.85
C SER H 89 13.23 -10.22 -11.47
N ASP H 90 12.86 -9.04 -12.04
CA ASP H 90 11.55 -8.38 -11.82
C ASP H 90 10.42 -9.16 -12.47
N SER H 91 10.75 -9.97 -13.52
CA SER H 91 9.80 -10.74 -14.34
C SER H 91 10.09 -12.22 -14.46
N THR H 92 11.39 -12.58 -14.40
CA THR H 92 11.90 -13.92 -14.61
C THR H 92 12.37 -14.53 -13.33
N ASP H 93 12.29 -15.88 -13.24
CA ASP H 93 12.81 -16.67 -12.13
C ASP H 93 14.20 -17.09 -12.59
N CYS H 94 15.21 -16.41 -12.03
CA CYS H 94 16.62 -16.58 -12.35
C CYS H 94 17.24 -17.68 -11.48
N THR H 95 17.10 -18.95 -11.95
CA THR H 95 17.59 -20.16 -11.26
C THR H 95 18.60 -20.92 -12.12
N VAL H 96 18.99 -22.15 -11.67
CA VAL H 96 19.83 -23.08 -12.40
C VAL H 96 18.88 -24.01 -13.15
N ARG H 97 17.90 -24.61 -12.45
CA ARG H 97 16.94 -25.52 -13.08
C ARG H 97 15.51 -25.31 -12.61
N GLY H 98 14.60 -25.29 -13.58
CA GLY H 98 13.16 -25.24 -13.37
C GLY H 98 12.59 -26.61 -13.68
N LEU H 99 11.26 -26.72 -13.84
CA LEU H 99 10.61 -28.00 -14.11
C LEU H 99 10.51 -28.32 -15.59
N GLY H 100 10.88 -27.36 -16.43
CA GLY H 100 10.80 -27.52 -17.87
C GLY H 100 9.57 -26.88 -18.46
N PRO H 101 9.65 -26.40 -19.72
CA PRO H 101 8.50 -25.72 -20.35
C PRO H 101 7.27 -26.60 -20.52
N SER H 102 7.53 -27.91 -20.65
CA SER H 102 6.59 -28.97 -20.92
C SER H 102 6.15 -29.69 -19.65
N TYR H 103 6.40 -29.10 -18.47
CA TYR H 103 6.00 -29.80 -17.26
C TYR H 103 4.49 -29.82 -17.03
N CYS H 104 4.00 -31.01 -16.71
CA CYS H 104 2.61 -31.28 -16.39
C CYS H 104 2.50 -32.20 -15.18
N SER H 105 1.55 -31.88 -14.29
CA SER H 105 1.30 -32.64 -13.06
C SER H 105 0.45 -33.91 -13.32
N PHE H 106 0.27 -34.31 -14.61
CA PHE H 106 -0.55 -35.49 -14.97
C PHE H 106 0.17 -36.49 -15.91
N GLY H 107 0.88 -35.98 -16.93
CA GLY H 107 1.62 -36.80 -17.89
C GLY H 107 2.64 -36.03 -18.70
N GLU H 108 3.21 -36.70 -19.75
CA GLU H 108 4.19 -36.10 -20.67
C GLU H 108 4.22 -36.81 -22.03
N CYS I 3 23.27 -45.99 -12.12
CA CYS I 3 22.96 -45.66 -10.73
C CYS I 3 21.44 -45.61 -10.49
N HIS I 4 20.99 -46.21 -9.37
CA HIS I 4 19.58 -46.26 -8.98
C HIS I 4 19.35 -46.25 -7.45
N HIS I 5 18.61 -45.22 -6.97
CA HIS I 5 18.22 -45.06 -5.58
C HIS I 5 16.72 -45.37 -5.41
N ARG I 6 16.34 -45.84 -4.20
CA ARG I 6 14.99 -46.17 -3.72
C ARG I 6 13.93 -45.26 -4.37
N ILE I 7 14.02 -43.94 -4.12
CA ILE I 7 13.09 -42.97 -4.69
C ILE I 7 13.81 -41.96 -5.58
N CYS I 8 14.79 -41.22 -5.01
CA CYS I 8 15.58 -40.17 -5.68
C CYS I 8 16.31 -40.69 -6.92
N HIS I 9 16.32 -39.89 -7.99
CA HIS I 9 17.00 -40.24 -9.23
C HIS I 9 18.50 -39.98 -9.02
N CYS I 10 19.35 -40.75 -9.69
CA CYS I 10 20.79 -40.62 -9.48
C CYS I 10 21.61 -40.53 -10.77
N SER I 11 22.67 -39.70 -10.74
CA SER I 11 23.61 -39.49 -11.85
C SER I 11 24.95 -38.96 -11.35
N ASN I 12 25.96 -39.85 -11.24
CA ASN I 12 27.32 -39.55 -10.79
C ASN I 12 27.35 -38.74 -9.47
N ARG I 13 26.97 -39.45 -8.38
CA ARG I 13 26.90 -39.00 -6.98
C ARG I 13 26.07 -37.71 -6.78
N VAL I 14 25.16 -37.43 -7.72
CA VAL I 14 24.23 -36.30 -7.70
C VAL I 14 22.85 -36.94 -7.53
N PHE I 15 22.12 -36.53 -6.48
CA PHE I 15 20.82 -37.10 -6.17
C PHE I 15 19.71 -36.08 -6.16
N LEU I 16 18.77 -36.26 -7.10
CA LEU I 16 17.60 -35.42 -7.25
C LEU I 16 16.40 -36.16 -6.68
N CYS I 17 15.77 -35.58 -5.66
CA CYS I 17 14.57 -36.13 -5.06
C CYS I 17 13.41 -35.24 -5.56
N GLN I 18 12.67 -35.73 -6.55
CA GLN I 18 11.62 -34.94 -7.18
C GLN I 18 10.23 -35.56 -7.02
N GLU I 19 9.20 -34.72 -7.24
CA GLU I 19 7.77 -35.01 -7.23
C GLU I 19 7.16 -35.20 -5.85
N SER I 20 5.84 -35.28 -5.84
CA SER I 20 4.96 -35.42 -4.70
C SER I 20 5.12 -36.74 -3.92
N LYS I 21 5.82 -37.74 -4.52
CA LYS I 21 6.09 -39.04 -3.89
C LYS I 21 7.02 -38.91 -2.66
N VAL I 22 7.81 -37.81 -2.61
CA VAL I 22 8.73 -37.47 -1.52
C VAL I 22 7.94 -36.77 -0.40
N THR I 23 8.11 -37.20 0.86
CA THR I 23 7.42 -36.65 2.04
C THR I 23 8.41 -36.34 3.20
N GLU I 24 9.54 -37.05 3.25
CA GLU I 24 10.60 -36.85 4.24
C GLU I 24 11.97 -37.10 3.61
N ILE I 25 13.04 -36.46 4.12
CA ILE I 25 14.39 -36.63 3.56
C ILE I 25 14.87 -38.10 3.73
N PRO I 26 15.11 -38.83 2.61
CA PRO I 26 15.48 -40.26 2.71
C PRO I 26 16.63 -40.59 3.67
N SER I 27 16.35 -41.54 4.57
CA SER I 27 17.33 -42.02 5.56
C SER I 27 18.45 -42.83 4.91
N ASP I 28 18.17 -43.44 3.74
CA ASP I 28 19.10 -44.30 2.99
C ASP I 28 19.94 -43.55 1.93
N LEU I 29 20.03 -42.19 2.03
CA LEU I 29 20.81 -41.39 1.09
C LEU I 29 22.32 -41.70 1.20
N PRO I 30 22.98 -42.12 0.08
CA PRO I 30 24.41 -42.49 0.12
C PRO I 30 25.31 -41.38 0.62
N ARG I 31 26.08 -41.65 1.68
CA ARG I 31 26.97 -40.67 2.34
C ARG I 31 28.16 -40.18 1.46
N ASN I 32 28.33 -40.76 0.25
CA ASN I 32 29.35 -40.38 -0.73
C ASN I 32 28.84 -39.24 -1.65
N ALA I 33 27.55 -38.82 -1.47
CA ALA I 33 26.88 -37.77 -2.26
C ALA I 33 27.71 -36.53 -2.42
N ILE I 34 27.64 -35.95 -3.63
CA ILE I 34 28.36 -34.75 -4.06
C ILE I 34 27.36 -33.58 -4.12
N GLU I 35 26.14 -33.86 -4.62
CA GLU I 35 25.05 -32.89 -4.76
C GLU I 35 23.70 -33.50 -4.34
N LEU I 36 22.95 -32.79 -3.48
CA LEU I 36 21.61 -33.19 -3.04
C LEU I 36 20.55 -32.14 -3.47
N ARG I 37 19.61 -32.57 -4.32
CA ARG I 37 18.52 -31.73 -4.84
C ARG I 37 17.16 -32.18 -4.31
N PHE I 38 16.27 -31.22 -4.03
CA PHE I 38 14.91 -31.45 -3.53
C PHE I 38 13.92 -30.53 -4.28
N VAL I 39 13.24 -31.09 -5.29
CA VAL I 39 12.29 -30.37 -6.17
C VAL I 39 10.90 -31.01 -6.10
N LEU I 40 9.84 -30.19 -5.96
CA LEU I 40 8.43 -30.60 -5.91
C LEU I 40 8.09 -31.59 -4.80
N THR I 41 8.95 -31.67 -3.79
CA THR I 41 8.77 -32.59 -2.67
C THR I 41 7.62 -32.14 -1.78
N LYS I 42 6.90 -33.11 -1.20
CA LYS I 42 5.82 -32.82 -0.28
C LYS I 42 6.35 -32.77 1.15
N LEU I 43 7.60 -32.27 1.27
CA LEU I 43 8.34 -32.04 2.50
C LEU I 43 7.63 -30.95 3.26
N ARG I 44 7.45 -31.15 4.56
CA ARG I 44 6.79 -30.17 5.42
C ARG I 44 7.81 -29.67 6.43
N VAL I 45 8.78 -30.53 6.73
CA VAL I 45 9.86 -30.32 7.70
C VAL I 45 11.17 -30.81 7.08
N ILE I 46 12.28 -30.26 7.55
CA ILE I 46 13.63 -30.72 7.21
C ILE I 46 14.19 -31.10 8.59
N GLN I 47 13.91 -32.36 9.02
CA GLN I 47 14.23 -32.94 10.32
C GLN I 47 15.66 -32.65 10.79
N LYS I 48 15.81 -32.41 12.12
CA LYS I 48 17.04 -32.10 12.87
C LYS I 48 18.29 -32.81 12.31
N GLY I 49 19.28 -32.00 11.91
CA GLY I 49 20.55 -32.47 11.35
C GLY I 49 20.40 -33.38 10.15
N ALA I 50 19.52 -33.00 9.21
CA ALA I 50 19.18 -33.78 8.02
C ALA I 50 20.35 -34.23 7.17
N PHE I 51 21.22 -33.28 6.79
CA PHE I 51 22.35 -33.51 5.92
C PHE I 51 23.68 -33.63 6.68
N SER I 52 23.62 -33.75 8.02
CA SER I 52 24.80 -33.89 8.86
C SER I 52 25.57 -35.17 8.59
N GLY I 53 26.81 -35.00 8.14
CA GLY I 53 27.73 -36.10 7.86
C GLY I 53 27.75 -36.60 6.43
N PHE I 54 27.65 -35.68 5.44
CA PHE I 54 27.67 -36.04 4.02
C PHE I 54 29.00 -35.72 3.32
N GLY I 55 30.06 -35.67 4.12
CA GLY I 55 31.48 -35.44 3.83
C GLY I 55 31.95 -34.84 2.52
N ASP I 56 31.57 -35.46 1.40
CA ASP I 56 31.92 -35.06 0.03
C ASP I 56 31.05 -33.91 -0.48
N LEU I 57 29.76 -33.86 -0.03
CA LEU I 57 28.68 -32.92 -0.42
C LEU I 57 29.11 -31.47 -0.56
N GLU I 58 29.06 -30.97 -1.79
CA GLU I 58 29.45 -29.60 -2.12
C GLU I 58 28.26 -28.63 -2.29
N LYS I 59 27.13 -29.08 -2.88
CA LYS I 59 25.94 -28.24 -3.15
C LYS I 59 24.61 -28.84 -2.67
N ILE I 60 23.73 -28.02 -2.07
CA ILE I 60 22.38 -28.46 -1.63
C ILE I 60 21.30 -27.58 -2.29
N GLU I 61 20.30 -28.23 -2.93
CA GLU I 61 19.16 -27.58 -3.60
C GLU I 61 17.86 -27.98 -2.90
N ILE I 62 17.03 -26.99 -2.56
CA ILE I 62 15.69 -27.12 -1.96
C ILE I 62 14.78 -26.10 -2.71
N SER I 63 14.16 -26.57 -3.79
CA SER I 63 13.33 -25.71 -4.62
C SER I 63 11.91 -26.25 -4.86
N GLN I 64 10.97 -25.31 -5.09
CA GLN I 64 9.55 -25.52 -5.39
C GLN I 64 8.86 -26.53 -4.45
N ASN I 65 8.75 -26.13 -3.18
CA ASN I 65 8.12 -26.97 -2.14
C ASN I 65 7.01 -26.16 -1.47
N ASP I 66 5.81 -26.30 -2.04
CA ASP I 66 4.61 -25.60 -1.64
C ASP I 66 4.08 -25.97 -0.25
N VAL I 67 4.58 -27.05 0.36
CA VAL I 67 4.09 -27.48 1.69
C VAL I 67 5.20 -27.47 2.77
N LEU I 68 6.41 -26.95 2.46
CA LEU I 68 7.47 -26.86 3.47
C LEU I 68 7.26 -25.63 4.36
N GLU I 69 7.36 -25.81 5.70
CA GLU I 69 7.16 -24.74 6.70
C GLU I 69 8.35 -24.53 7.65
N VAL I 70 9.13 -25.59 7.97
CA VAL I 70 10.24 -25.50 8.93
C VAL I 70 11.47 -26.31 8.57
N ILE I 71 12.64 -25.68 8.76
CA ILE I 71 13.96 -26.29 8.62
C ILE I 71 14.48 -26.32 10.06
N GLU I 72 14.60 -27.53 10.64
CA GLU I 72 15.03 -27.74 12.02
C GLU I 72 16.52 -27.42 12.28
N ALA I 73 16.94 -27.45 13.56
CA ALA I 73 18.30 -27.15 14.02
C ALA I 73 19.34 -28.16 13.56
N ASP I 74 20.61 -27.71 13.52
CA ASP I 74 21.79 -28.50 13.14
C ASP I 74 21.70 -29.12 11.73
N VAL I 75 20.70 -28.73 10.92
CA VAL I 75 20.48 -29.26 9.58
C VAL I 75 21.65 -28.98 8.64
N PHE I 76 22.20 -27.77 8.71
CA PHE I 76 23.37 -27.42 7.91
C PHE I 76 24.63 -27.46 8.80
N SER I 77 24.97 -28.68 9.27
CA SER I 77 26.15 -29.00 10.10
C SER I 77 26.87 -30.22 9.55
N ASN I 78 28.18 -30.37 9.90
CA ASN I 78 29.06 -31.48 9.49
C ASN I 78 29.07 -31.68 7.97
N LEU I 79 29.30 -30.58 7.24
CA LEU I 79 29.36 -30.54 5.79
C LEU I 79 30.64 -29.76 5.42
N PRO I 80 31.85 -30.34 5.67
CA PRO I 80 33.09 -29.57 5.42
C PRO I 80 33.36 -29.14 3.98
N LYS I 81 32.77 -29.83 2.99
CA LYS I 81 32.95 -29.50 1.58
C LYS I 81 31.82 -28.64 0.96
N LEU I 82 30.77 -28.30 1.75
CA LEU I 82 29.63 -27.53 1.27
C LEU I 82 29.94 -26.05 1.02
N HIS I 83 29.78 -25.61 -0.24
CA HIS I 83 30.03 -24.24 -0.68
C HIS I 83 28.76 -23.55 -1.22
N GLU I 84 27.71 -24.34 -1.49
CA GLU I 84 26.50 -23.76 -2.04
C GLU I 84 25.19 -24.34 -1.46
N ILE I 85 24.27 -23.44 -1.02
CA ILE I 85 22.93 -23.75 -0.51
C ILE I 85 21.91 -22.89 -1.27
N ARG I 86 20.96 -23.55 -1.96
CA ARG I 86 19.88 -22.90 -2.70
C ARG I 86 18.51 -23.27 -2.12
N ILE I 87 17.87 -22.29 -1.45
CA ILE I 87 16.54 -22.36 -0.83
C ILE I 87 15.64 -21.42 -1.63
N GLU I 88 15.16 -21.92 -2.77
CA GLU I 88 14.36 -21.20 -3.76
C GLU I 88 12.93 -21.69 -3.78
N LYS I 89 11.99 -20.75 -3.96
CA LYS I 89 10.56 -20.99 -4.13
C LYS I 89 9.98 -21.96 -3.08
N ALA I 90 9.86 -21.43 -1.86
CA ALA I 90 9.30 -22.13 -0.72
C ALA I 90 8.34 -21.14 -0.07
N ASN I 91 7.19 -20.92 -0.75
CA ASN I 91 6.15 -19.94 -0.40
C ASN I 91 5.55 -20.10 0.99
N ASN I 92 5.56 -21.32 1.56
CA ASN I 92 4.96 -21.56 2.86
C ASN I 92 5.99 -21.70 3.95
N LEU I 93 7.28 -21.70 3.59
CA LEU I 93 8.38 -21.77 4.56
C LEU I 93 8.48 -20.40 5.24
N LEU I 94 8.07 -20.33 6.53
CA LEU I 94 8.03 -19.10 7.33
C LEU I 94 9.13 -19.05 8.39
N TYR I 95 9.43 -20.21 9.01
CA TYR I 95 10.40 -20.32 10.09
C TYR I 95 11.60 -21.21 9.81
N ILE I 96 12.79 -20.62 9.95
CA ILE I 96 14.07 -21.33 9.89
C ILE I 96 14.68 -21.17 11.27
N ASN I 97 14.80 -22.29 11.99
CA ASN I 97 15.38 -22.38 13.33
C ASN I 97 16.73 -21.64 13.38
N PRO I 98 17.02 -20.82 14.42
CA PRO I 98 18.32 -20.11 14.46
C PRO I 98 19.56 -21.04 14.42
N GLU I 99 19.48 -22.18 15.13
CA GLU I 99 20.53 -23.19 15.17
C GLU I 99 20.60 -24.09 13.90
N ALA I 100 19.87 -23.75 12.81
CA ALA I 100 19.89 -24.52 11.55
C ALA I 100 21.19 -24.34 10.81
N PHE I 101 21.74 -23.11 10.80
CA PHE I 101 23.02 -22.86 10.14
C PHE I 101 24.18 -22.89 11.11
N GLN I 102 24.84 -24.06 11.16
CA GLN I 102 26.02 -24.35 12.00
C GLN I 102 27.32 -24.07 11.22
N ASN I 103 28.49 -24.38 11.80
CA ASN I 103 29.80 -24.15 11.17
C ASN I 103 29.91 -24.85 9.83
N LEU I 104 29.98 -24.03 8.78
CA LEU I 104 30.16 -24.43 7.39
C LEU I 104 31.39 -23.65 6.90
N PRO I 105 32.62 -24.22 7.04
CA PRO I 105 33.83 -23.45 6.68
C PRO I 105 34.06 -23.17 5.20
N ASN I 106 33.35 -23.87 4.33
CA ASN I 106 33.54 -23.73 2.90
C ASN I 106 32.42 -23.01 2.19
N LEU I 107 31.37 -22.55 2.91
CA LEU I 107 30.25 -21.83 2.33
C LEU I 107 30.76 -20.62 1.53
N GLN I 108 30.25 -20.46 0.31
CA GLN I 108 30.63 -19.37 -0.58
C GLN I 108 29.40 -18.65 -1.06
N TYR I 109 28.28 -19.37 -1.12
CA TYR I 109 27.02 -18.87 -1.62
C TYR I 109 25.82 -19.48 -0.87
N LEU I 110 25.01 -18.60 -0.24
CA LEU I 110 23.75 -18.92 0.44
C LEU I 110 22.63 -18.12 -0.23
N LEU I 111 21.77 -18.83 -0.97
CA LEU I 111 20.65 -18.21 -1.69
C LEU I 111 19.32 -18.63 -1.09
N ILE I 112 18.51 -17.64 -0.64
CA ILE I 112 17.15 -17.77 -0.14
C ILE I 112 16.27 -16.83 -0.99
N SER I 113 15.69 -17.37 -2.05
CA SER I 113 14.84 -16.61 -2.95
C SER I 113 13.41 -17.07 -2.90
N ASN I 114 12.47 -16.11 -3.04
CA ASN I 114 11.03 -16.32 -3.09
C ASN I 114 10.50 -17.26 -2.00
N THR I 115 10.70 -16.89 -0.72
CA THR I 115 10.20 -17.66 0.45
C THR I 115 9.30 -16.79 1.35
N GLY I 116 8.58 -17.42 2.28
CA GLY I 116 7.70 -16.72 3.20
C GLY I 116 8.32 -16.45 4.56
N ILE I 117 9.67 -16.44 4.62
CA ILE I 117 10.42 -16.26 5.87
C ILE I 117 10.21 -14.83 6.42
N LYS I 118 10.01 -14.74 7.74
CA LYS I 118 9.70 -13.49 8.45
C LYS I 118 10.92 -12.68 8.88
N HIS I 119 12.10 -13.32 8.94
CA HIS I 119 13.36 -12.71 9.35
C HIS I 119 14.53 -13.31 8.59
N LEU I 120 15.65 -12.55 8.52
CA LEU I 120 16.91 -12.97 7.87
C LEU I 120 17.48 -14.22 8.58
N PRO I 121 18.27 -15.09 7.88
CA PRO I 121 18.80 -16.28 8.58
C PRO I 121 19.85 -15.93 9.63
N ASP I 122 19.98 -16.80 10.66
CA ASP I 122 20.96 -16.63 11.73
C ASP I 122 22.31 -17.14 11.21
N VAL I 123 23.21 -16.22 10.87
CA VAL I 123 24.49 -16.56 10.24
C VAL I 123 25.74 -16.58 11.17
N HIS I 124 25.59 -16.21 12.45
CA HIS I 124 26.71 -16.09 13.40
C HIS I 124 27.50 -17.39 13.71
N LYS I 125 27.02 -18.56 13.28
CA LYS I 125 27.68 -19.85 13.56
C LYS I 125 28.40 -20.49 12.34
N ILE I 126 28.15 -19.98 11.12
CA ILE I 126 28.73 -20.50 9.87
C ILE I 126 30.26 -20.38 9.87
N HIS I 127 30.80 -19.19 10.20
CA HIS I 127 32.23 -18.90 10.32
C HIS I 127 33.06 -19.48 9.18
N SER I 128 32.62 -19.21 7.94
CA SER I 128 33.26 -19.67 6.71
C SER I 128 34.61 -19.01 6.53
N LEU I 129 35.56 -19.79 5.98
CA LEU I 129 36.92 -19.31 5.68
C LEU I 129 36.98 -18.75 4.25
N GLN I 130 35.80 -18.46 3.64
CA GLN I 130 35.67 -18.02 2.26
C GLN I 130 34.92 -16.72 2.13
N LYS I 131 35.10 -16.02 1.00
CA LYS I 131 34.29 -14.84 0.72
C LYS I 131 32.87 -15.39 0.47
N VAL I 132 31.86 -14.92 1.26
CA VAL I 132 30.48 -15.40 1.15
C VAL I 132 29.56 -14.41 0.47
N LEU I 133 28.81 -14.88 -0.53
CA LEU I 133 27.79 -14.06 -1.19
C LEU I 133 26.46 -14.50 -0.56
N LEU I 134 25.82 -13.58 0.18
CA LEU I 134 24.55 -13.86 0.82
C LEU I 134 23.46 -13.16 0.00
N ASP I 135 22.72 -13.96 -0.78
CA ASP I 135 21.67 -13.50 -1.70
C ASP I 135 20.26 -13.88 -1.21
N ILE I 136 19.56 -12.90 -0.60
CA ILE I 136 18.23 -13.03 -0.03
C ILE I 136 17.30 -12.05 -0.74
N GLN I 137 16.55 -12.57 -1.72
CA GLN I 137 15.65 -11.78 -2.56
C GLN I 137 14.26 -12.41 -2.63
N ASP I 138 13.24 -11.57 -2.95
CA ASP I 138 11.83 -11.91 -3.11
C ASP I 138 11.22 -12.55 -1.86
N ASN I 139 11.64 -12.06 -0.69
CA ASN I 139 11.15 -12.56 0.61
C ASN I 139 10.38 -11.44 1.30
N ILE I 140 9.24 -11.06 0.69
CA ILE I 140 8.36 -9.95 1.09
C ILE I 140 8.02 -9.94 2.61
N ASN I 141 8.15 -11.07 3.33
CA ASN I 141 7.82 -11.09 4.74
C ASN I 141 9.02 -10.72 5.65
N ILE I 142 10.21 -10.45 5.07
CA ILE I 142 11.34 -9.98 5.85
C ILE I 142 11.16 -8.46 5.92
N HIS I 143 10.97 -7.89 7.12
CA HIS I 143 10.73 -6.45 7.27
C HIS I 143 11.84 -5.72 8.03
N THR I 144 12.66 -6.46 8.81
CA THR I 144 13.69 -5.80 9.60
C THR I 144 15.07 -6.45 9.57
N ILE I 145 16.11 -5.61 9.71
CA ILE I 145 17.50 -6.02 9.79
C ILE I 145 17.93 -5.63 11.20
N GLU I 146 18.08 -6.63 12.07
CA GLU I 146 18.44 -6.48 13.47
C GLU I 146 19.90 -6.07 13.63
N ARG I 147 20.33 -5.80 14.88
CA ARG I 147 21.71 -5.48 15.23
C ARG I 147 22.52 -6.78 15.06
N ASN I 148 23.82 -6.66 14.71
CA ASN I 148 24.74 -7.79 14.53
C ASN I 148 24.17 -8.89 13.57
N SER I 149 23.35 -8.48 12.58
CA SER I 149 22.66 -9.37 11.63
C SER I 149 23.58 -10.25 10.80
N PHE I 150 24.85 -9.83 10.61
CA PHE I 150 25.78 -10.55 9.74
C PHE I 150 27.14 -10.83 10.41
N VAL I 151 27.26 -10.54 11.72
CA VAL I 151 28.52 -10.83 12.43
C VAL I 151 28.74 -12.36 12.44
N GLY I 152 30.01 -12.75 12.26
CA GLY I 152 30.42 -14.14 12.30
C GLY I 152 30.00 -15.02 11.15
N LEU I 153 29.44 -14.41 10.07
CA LEU I 153 29.05 -15.11 8.85
C LEU I 153 30.30 -15.70 8.23
N SER I 154 31.39 -14.88 8.17
CA SER I 154 32.67 -15.28 7.59
C SER I 154 33.85 -14.41 8.09
N PHE I 155 35.06 -15.03 8.14
CA PHE I 155 36.30 -14.35 8.49
C PHE I 155 36.81 -13.51 7.29
N GLU I 156 36.19 -13.71 6.10
CA GLU I 156 36.51 -13.03 4.84
C GLU I 156 35.52 -11.93 4.49
N SER I 157 35.85 -11.16 3.42
CA SER I 157 34.99 -10.08 2.93
C SER I 157 33.66 -10.69 2.51
N VAL I 158 32.60 -9.89 2.50
CA VAL I 158 31.28 -10.45 2.27
C VAL I 158 30.42 -9.55 1.34
N ILE I 159 29.58 -10.19 0.47
CA ILE I 159 28.64 -9.50 -0.44
C ILE I 159 27.26 -9.80 0.07
N LEU I 160 26.46 -8.75 0.30
CA LEU I 160 25.10 -8.91 0.81
C LEU I 160 24.04 -8.33 -0.13
N TRP I 161 23.26 -9.22 -0.76
CA TRP I 161 22.15 -8.81 -1.62
C TRP I 161 20.87 -9.10 -0.85
N LEU I 162 20.32 -8.05 -0.22
CA LEU I 162 19.10 -8.10 0.59
C LEU I 162 18.01 -7.32 -0.13
N ASN I 163 18.20 -7.17 -1.44
CA ASN I 163 17.26 -6.42 -2.28
C ASN I 163 15.95 -7.19 -2.53
N LYS I 164 14.94 -6.48 -3.10
CA LYS I 164 13.62 -7.01 -3.47
C LYS I 164 12.91 -7.76 -2.31
N ASN I 165 12.99 -7.27 -1.08
CA ASN I 165 12.33 -7.97 0.01
C ASN I 165 11.17 -7.15 0.54
N GLY I 166 11.22 -6.80 1.83
CA GLY I 166 10.21 -5.98 2.48
C GLY I 166 10.78 -5.16 3.61
N ILE I 167 12.13 -5.05 3.64
CA ILE I 167 12.87 -4.30 4.64
C ILE I 167 12.37 -2.84 4.70
N GLN I 168 12.12 -2.34 5.92
CA GLN I 168 11.64 -0.98 6.23
C GLN I 168 12.23 -0.49 7.55
N GLU I 169 12.96 -1.41 8.23
CA GLU I 169 13.65 -1.22 9.51
C GLU I 169 15.11 -1.73 9.48
N ILE I 170 16.12 -0.82 9.58
CA ILE I 170 17.54 -1.18 9.65
C ILE I 170 18.16 -0.58 10.91
N HIS I 171 18.40 -1.43 11.92
CA HIS I 171 18.96 -1.04 13.21
C HIS I 171 20.43 -0.60 13.13
N ASN I 172 20.90 0.14 14.16
CA ASN I 172 22.31 0.55 14.27
C ASN I 172 23.15 -0.71 14.51
N SER I 173 24.36 -0.76 13.92
CA SER I 173 25.32 -1.85 14.00
C SER I 173 24.79 -3.16 13.38
N ALA I 174 23.79 -3.05 12.47
CA ALA I 174 23.21 -4.18 11.72
C ALA I 174 24.32 -4.94 11.02
N PHE I 175 25.34 -4.20 10.55
CA PHE I 175 26.51 -4.70 9.82
C PHE I 175 27.80 -4.64 10.64
N ASN I 176 27.70 -4.71 11.96
CA ASN I 176 28.92 -4.69 12.75
C ASN I 176 29.59 -6.06 12.68
N GLY I 177 30.91 -6.09 12.88
CA GLY I 177 31.76 -7.27 12.79
C GLY I 177 31.70 -7.92 11.42
N THR I 178 31.71 -7.10 10.35
CA THR I 178 31.56 -7.58 8.97
C THR I 178 32.40 -6.78 7.98
N GLN I 179 33.23 -7.49 7.17
CA GLN I 179 33.95 -6.85 6.08
C GLN I 179 32.93 -6.68 4.90
N LEU I 180 32.35 -5.49 4.73
CA LEU I 180 31.35 -5.32 3.66
C LEU I 180 31.93 -4.92 2.31
N ASP I 181 31.94 -5.85 1.34
CA ASP I 181 32.40 -5.54 -0.01
C ASP I 181 31.30 -4.76 -0.74
N GLU I 182 30.11 -5.36 -0.86
CA GLU I 182 28.97 -4.71 -1.48
C GLU I 182 27.69 -5.06 -0.77
N LEU I 183 26.76 -4.08 -0.73
CA LEU I 183 25.48 -4.17 -0.04
C LEU I 183 24.36 -3.64 -0.89
N ASN I 184 23.43 -4.53 -1.26
CA ASN I 184 22.28 -4.20 -2.07
C ASN I 184 21.01 -4.20 -1.23
N LEU I 185 20.46 -2.98 -1.00
CA LEU I 185 19.23 -2.72 -0.26
C LEU I 185 18.13 -2.23 -1.20
N SER I 186 18.35 -2.31 -2.53
CA SER I 186 17.40 -1.85 -3.55
C SER I 186 16.07 -2.58 -3.54
N ASP I 187 15.06 -1.92 -4.11
CA ASP I 187 13.70 -2.38 -4.29
C ASP I 187 12.97 -2.81 -3.00
N ASN I 188 13.38 -2.18 -1.88
CA ASN I 188 12.75 -2.32 -0.56
C ASN I 188 12.05 -0.99 -0.45
N ASN I 189 10.91 -0.91 -1.15
CA ASN I 189 10.11 0.28 -1.36
C ASN I 189 9.63 0.94 -0.08
N ASN I 190 9.55 0.18 1.05
CA ASN I 190 9.07 0.76 2.30
C ASN I 190 10.17 1.32 3.17
N LEU I 191 11.43 1.02 2.80
CA LEU I 191 12.58 1.46 3.55
C LEU I 191 12.85 2.94 3.31
N GLU I 192 12.84 3.74 4.39
CA GLU I 192 13.05 5.18 4.32
C GLU I 192 13.99 5.73 5.38
N GLU I 193 14.50 4.87 6.28
CA GLU I 193 15.41 5.33 7.34
C GLU I 193 16.71 4.53 7.44
N LEU I 194 17.85 5.17 7.05
CA LEU I 194 19.20 4.59 7.15
C LEU I 194 19.93 5.25 8.35
N PRO I 195 19.76 4.73 9.60
CA PRO I 195 20.42 5.36 10.78
C PRO I 195 21.91 5.64 10.64
N ASN I 196 22.42 6.67 11.35
CA ASN I 196 23.83 7.07 11.30
C ASN I 196 24.81 5.95 11.69
N ASP I 197 24.50 5.16 12.73
CA ASP I 197 25.39 4.06 13.12
C ASP I 197 25.10 2.71 12.38
N VAL I 198 24.62 2.71 11.11
CA VAL I 198 24.40 1.44 10.41
C VAL I 198 25.73 0.79 10.05
N PHE I 199 26.66 1.60 9.50
CA PHE I 199 27.97 1.16 9.06
C PHE I 199 29.02 1.20 10.19
N HIS I 200 28.56 1.02 11.45
CA HIS I 200 29.43 0.93 12.61
C HIS I 200 29.96 -0.49 12.61
N GLY I 201 31.22 -0.66 13.03
CA GLY I 201 31.90 -1.96 13.06
C GLY I 201 31.97 -2.70 11.72
N ALA I 202 31.85 -1.96 10.61
CA ALA I 202 31.88 -2.52 9.27
C ALA I 202 33.09 -1.99 8.55
N SER I 203 33.75 -2.83 7.73
CA SER I 203 34.92 -2.42 6.98
C SER I 203 34.53 -2.08 5.53
N GLY I 204 33.30 -1.63 5.34
CA GLY I 204 32.78 -1.27 4.04
C GLY I 204 31.53 -0.42 4.15
N PRO I 205 30.70 -0.31 3.09
CA PRO I 205 30.79 -0.97 1.78
C PRO I 205 31.68 -0.25 0.76
N VAL I 206 31.93 -0.92 -0.38
CA VAL I 206 32.72 -0.45 -1.51
C VAL I 206 31.76 -0.25 -2.68
N ILE I 207 30.62 -0.96 -2.63
CA ILE I 207 29.47 -0.84 -3.54
C ILE I 207 28.21 -0.77 -2.68
N LEU I 208 27.39 0.26 -2.87
CA LEU I 208 26.13 0.39 -2.18
C LEU I 208 25.05 0.61 -3.21
N ASP I 209 23.99 -0.21 -3.13
CA ASP I 209 22.82 -0.06 -3.99
C ASP I 209 21.60 0.16 -3.13
N ILE I 210 21.04 1.39 -3.20
CA ILE I 210 19.84 1.83 -2.47
C ILE I 210 18.72 2.28 -3.45
N SER I 211 18.81 1.86 -4.71
CA SER I 211 17.87 2.22 -5.76
C SER I 211 16.44 1.81 -5.43
N ARG I 212 15.47 2.65 -5.78
CA ARG I 212 14.05 2.40 -5.55
C ARG I 212 13.72 2.10 -4.08
N THR I 213 14.21 2.96 -3.16
CA THR I 213 13.90 2.94 -1.73
C THR I 213 13.45 4.35 -1.38
N ARG I 214 12.66 4.48 -0.32
CA ARG I 214 12.17 5.78 0.12
C ARG I 214 13.24 6.49 1.00
N ILE I 215 14.46 5.90 1.11
CA ILE I 215 15.57 6.45 1.92
C ILE I 215 15.69 7.95 1.69
N HIS I 216 15.65 8.71 2.80
CA HIS I 216 15.69 10.17 2.80
C HIS I 216 17.09 10.74 2.89
N SER I 217 18.03 10.01 3.53
CA SER I 217 19.39 10.49 3.76
C SER I 217 20.37 9.35 3.93
N LEU I 218 21.63 9.56 3.50
CA LEU I 218 22.74 8.63 3.67
C LEU I 218 23.52 8.96 4.93
N PRO I 219 23.90 7.98 5.78
CA PRO I 219 24.75 8.30 6.96
C PRO I 219 26.12 8.87 6.60
N SER I 220 26.57 9.90 7.35
CA SER I 220 27.86 10.60 7.16
C SER I 220 29.09 9.69 7.20
N TYR I 221 29.24 8.88 8.28
CA TYR I 221 30.37 7.99 8.43
C TYR I 221 30.09 6.54 8.01
N GLY I 222 31.17 5.83 7.65
CA GLY I 222 31.15 4.44 7.22
C GLY I 222 31.12 4.28 5.71
N LEU I 223 31.31 5.39 4.96
CA LEU I 223 31.25 5.42 3.49
C LEU I 223 32.55 5.89 2.82
N GLU I 224 33.62 6.05 3.61
CA GLU I 224 34.94 6.48 3.16
C GLU I 224 35.66 5.37 2.34
N ASN I 225 34.98 4.22 2.19
CA ASN I 225 35.45 3.08 1.43
C ASN I 225 34.62 2.83 0.18
N LEU I 226 33.40 3.44 0.13
CA LEU I 226 32.43 3.38 -0.96
C LEU I 226 33.01 3.91 -2.28
N LYS I 227 33.24 3.01 -3.27
CA LYS I 227 33.79 3.34 -4.59
C LYS I 227 32.67 3.58 -5.61
N LYS I 228 31.56 2.82 -5.49
CA LYS I 228 30.41 2.93 -6.40
C LYS I 228 29.11 3.19 -5.65
N LEU I 229 28.34 4.18 -6.12
CA LEU I 229 27.05 4.49 -5.53
C LEU I 229 25.97 4.34 -6.57
N ARG I 230 25.02 3.45 -6.30
CA ARG I 230 23.89 3.18 -7.19
C ARG I 230 22.65 3.56 -6.39
N ALA I 231 21.95 4.61 -6.83
CA ALA I 231 20.76 5.16 -6.17
C ALA I 231 19.82 5.69 -7.25
N ARG I 232 19.29 4.77 -8.06
CA ARG I 232 18.36 5.07 -9.14
C ARG I 232 16.98 5.20 -8.50
N SER I 233 16.09 6.07 -9.04
CA SER I 233 14.74 6.29 -8.54
C SER I 233 14.65 6.38 -7.00
N THR I 234 15.54 7.16 -6.39
CA THR I 234 15.55 7.40 -4.95
C THR I 234 15.28 8.88 -4.74
N TYR I 235 14.02 9.23 -4.99
CA TYR I 235 13.52 10.59 -5.03
C TYR I 235 13.59 11.34 -3.73
N ASN I 236 13.33 10.67 -2.59
CA ASN I 236 13.40 11.29 -1.27
C ASN I 236 14.86 11.64 -0.89
N LEU I 237 15.85 11.08 -1.60
CA LEU I 237 17.24 11.37 -1.33
C LEU I 237 17.66 12.67 -2.07
N LYS I 238 17.17 13.83 -1.59
CA LYS I 238 17.43 15.12 -2.23
C LYS I 238 18.84 15.67 -1.99
N LYS I 239 19.50 15.34 -0.86
CA LYS I 239 20.86 15.80 -0.62
C LYS I 239 21.82 14.67 -0.42
N LEU I 240 23.02 14.80 -0.98
CA LEU I 240 24.06 13.78 -0.87
C LEU I 240 25.24 14.23 -0.04
N PRO I 241 25.95 13.32 0.65
CA PRO I 241 27.16 13.73 1.39
C PRO I 241 28.26 14.21 0.43
N THR I 242 29.12 15.12 0.88
CA THR I 242 30.19 15.67 0.05
C THR I 242 31.32 14.65 -0.22
N LEU I 243 32.12 14.89 -1.30
CA LEU I 243 33.28 14.04 -1.62
C LEU I 243 34.34 14.18 -0.52
N GLU I 244 34.08 15.14 0.40
CA GLU I 244 34.84 15.42 1.61
C GLU I 244 34.77 14.16 2.49
N LYS I 245 33.57 13.50 2.50
CA LYS I 245 33.27 12.26 3.20
C LYS I 245 33.39 11.04 2.26
N LEU I 246 32.87 11.16 1.01
CA LEU I 246 32.91 10.11 -0.03
C LEU I 246 34.22 10.20 -0.82
N VAL I 247 35.35 10.07 -0.11
CA VAL I 247 36.71 10.14 -0.65
C VAL I 247 37.01 9.03 -1.68
N ALA I 248 36.45 7.82 -1.46
CA ALA I 248 36.71 6.68 -2.34
C ALA I 248 35.83 6.62 -3.57
N LEU I 249 34.70 7.38 -3.61
CA LEU I 249 33.76 7.38 -4.73
C LEU I 249 34.38 7.72 -6.08
N MET I 250 34.19 6.83 -7.05
CA MET I 250 34.72 7.01 -8.38
C MET I 250 33.66 6.79 -9.47
N GLU I 251 32.53 6.14 -9.10
CA GLU I 251 31.39 5.88 -10.01
C GLU I 251 30.05 6.08 -9.26
N ALA I 252 29.12 6.86 -9.87
CA ALA I 252 27.83 7.18 -9.26
C ALA I 252 26.68 7.25 -10.25
N SER I 253 25.81 6.22 -10.25
CA SER I 253 24.61 6.19 -11.08
C SER I 253 23.42 6.53 -10.16
N LEU I 254 23.02 7.81 -10.21
CA LEU I 254 22.03 8.43 -9.34
C LEU I 254 20.69 8.78 -10.00
N THR I 255 19.88 9.64 -9.32
CA THR I 255 18.55 10.05 -9.76
C THR I 255 18.50 11.51 -10.30
N TYR I 256 18.95 12.47 -9.47
CA TYR I 256 18.94 13.90 -9.79
C TYR I 256 20.20 14.40 -10.50
N PRO I 257 20.08 15.10 -11.65
CA PRO I 257 21.28 15.58 -12.36
C PRO I 257 22.03 16.71 -11.64
N SER I 258 21.38 17.33 -10.63
CA SER I 258 21.96 18.37 -9.77
C SER I 258 23.10 17.73 -8.94
N HIS I 259 22.89 16.46 -8.55
CA HIS I 259 23.84 15.64 -7.82
C HIS I 259 25.07 15.31 -8.65
N CYS I 260 24.94 15.36 -10.00
CA CYS I 260 26.04 15.12 -10.93
C CYS I 260 26.89 16.33 -11.05
N CYS I 261 26.25 17.52 -11.08
CA CYS I 261 26.91 18.81 -11.17
C CYS I 261 27.76 19.08 -9.95
N ALA I 262 27.33 18.55 -8.79
CA ALA I 262 28.04 18.68 -7.51
C ALA I 262 29.37 17.90 -7.57
N PHE I 263 29.34 16.64 -8.05
CA PHE I 263 30.53 15.79 -8.20
C PHE I 263 31.43 16.25 -9.35
N ALA I 264 30.89 17.07 -10.27
CA ALA I 264 31.62 17.60 -11.42
C ALA I 264 32.51 18.75 -11.01
N ASN I 265 32.09 19.54 -10.01
CA ASN I 265 32.81 20.71 -9.50
C ASN I 265 33.84 20.36 -8.41
N TRP I 266 33.52 19.36 -7.57
CA TRP I 266 34.38 18.83 -6.51
C TRP I 266 35.41 17.92 -7.22
N ARG I 267 36.67 18.40 -7.38
CA ARG I 267 37.71 17.63 -8.08
C ARG I 267 38.95 17.30 -7.22
N ARG I 268 38.72 16.76 -6.00
CA ARG I 268 39.71 16.30 -5.00
C ARG I 268 40.96 17.17 -4.88
N PRO I 275 48.23 8.16 -6.33
CA PRO I 275 49.51 7.53 -6.67
C PRO I 275 49.41 6.72 -7.98
N ILE I 276 50.24 7.10 -8.99
CA ILE I 276 50.27 6.49 -10.33
C ILE I 276 51.66 5.88 -10.66
N CYS I 277 51.67 4.73 -11.36
CA CYS I 277 52.89 4.02 -11.81
C CYS I 277 53.04 4.01 -13.33
N ASP I 319 36.47 -4.40 -20.51
CA ASP I 319 37.37 -4.92 -19.48
C ASP I 319 37.79 -3.86 -18.44
N TYS I 320 38.75 -4.22 -17.55
CA TYS I 320 39.25 -3.40 -16.43
CB TYS I 320 38.74 -4.01 -15.03
CG TYS I 320 38.93 -5.54 -14.72
CD1 TYS I 320 39.17 -6.01 -13.37
CD2 TYS I 320 38.83 -6.52 -15.77
CE1 TYS I 320 39.33 -7.42 -13.13
CE2 TYS I 320 38.98 -7.89 -15.55
CZ TYS I 320 39.27 -8.37 -14.24
OH TYS I 320 39.36 -9.74 -14.05
S TYS I 320 40.53 -10.51 -14.43
O1 TYS I 320 41.25 -10.65 -13.18
O2 TYS I 320 41.05 -10.11 -15.73
O3 TYS I 320 39.98 -11.84 -14.61
C TYS I 320 40.77 -3.13 -16.44
O TYS I 320 41.52 -3.73 -17.22
N ASP I 321 41.19 -2.22 -15.54
CA ASP I 321 42.56 -1.77 -15.28
C ASP I 321 42.61 -1.06 -13.90
N LEU I 322 43.84 -0.82 -13.38
CA LEU I 322 44.07 -0.14 -12.09
C LEU I 322 45.07 1.01 -12.22
N CYS I 323 46.32 0.70 -12.65
CA CYS I 323 47.41 1.66 -12.85
C CYS I 323 47.68 1.84 -14.36
N ASN I 324 48.05 0.74 -15.05
CA ASN I 324 48.33 0.72 -16.49
C ASN I 324 47.12 0.16 -17.24
N VAL I 327 40.85 9.97 -13.42
CA VAL I 327 40.14 9.76 -12.17
C VAL I 327 39.35 11.05 -11.77
N ASP I 328 38.01 10.93 -11.79
CA ASP I 328 36.94 11.91 -11.44
C ASP I 328 35.61 11.19 -11.64
N VAL I 329 34.70 11.29 -10.65
CA VAL I 329 33.40 10.61 -10.58
C VAL I 329 32.70 10.46 -11.92
N THR I 330 32.30 9.22 -12.26
CA THR I 330 31.55 8.86 -13.45
C THR I 330 30.11 9.04 -13.04
N CYS I 331 29.50 10.15 -13.39
CA CYS I 331 28.17 10.40 -12.90
C CYS I 331 27.07 10.37 -13.94
N SER I 332 25.91 9.85 -13.52
CA SER I 332 24.67 9.76 -14.30
C SER I 332 23.48 10.06 -13.37
N PRO I 333 22.46 10.85 -13.80
CA PRO I 333 22.24 11.42 -15.14
C PRO I 333 23.05 12.70 -15.46
N LYS I 334 23.71 12.72 -16.63
CA LYS I 334 24.47 13.89 -17.09
C LYS I 334 23.54 15.04 -17.53
N PRO I 335 23.88 16.32 -17.23
CA PRO I 335 22.98 17.43 -17.59
C PRO I 335 22.84 17.74 -19.10
N ASP I 336 23.16 16.76 -19.98
CA ASP I 336 23.06 16.87 -21.45
C ASP I 336 21.63 17.22 -21.95
N ALA I 337 20.60 16.87 -21.15
CA ALA I 337 19.18 17.14 -21.39
C ALA I 337 18.80 18.61 -21.03
N PHE I 338 19.82 19.44 -20.75
CA PHE I 338 19.79 20.89 -20.45
C PHE I 338 19.00 21.26 -19.20
N ASN I 339 19.76 21.60 -18.14
CA ASN I 339 19.25 21.99 -16.83
C ASN I 339 20.31 22.79 -16.04
N PRO I 340 19.98 24.03 -15.57
CA PRO I 340 20.98 24.85 -14.84
C PRO I 340 21.23 24.41 -13.38
N CYS I 341 21.33 23.08 -13.16
CA CYS I 341 21.60 22.34 -11.91
C CYS I 341 21.32 23.15 -10.62
C1 NAG J . 2.74 -12.22 15.39
C2 NAG J . 4.09 -12.35 14.70
C3 NAG J . 3.66 -12.55 13.25
C4 NAG J . 2.95 -13.90 13.09
C5 NAG J . 1.91 -14.17 14.20
C6 NAG J . 1.72 -15.64 14.46
C7 NAG J . 4.79 -9.95 14.75
C8 NAG J . 5.95 -9.04 14.92
N2 NAG J . 5.06 -11.26 14.82
O3 NAG J . 4.78 -12.51 12.39
O4 NAG J . 2.30 -13.95 11.83
O5 NAG J . 2.32 -13.58 15.44
O6 NAG J . 1.07 -15.87 15.70
O7 NAG J . 3.65 -9.52 14.56
C1 NAG K . -6.60 19.04 51.90
C2 NAG K . -6.77 20.40 52.58
C3 NAG K . -6.42 20.35 54.07
C4 NAG K . -7.13 19.19 54.75
C5 NAG K . -6.89 17.88 54.01
C6 NAG K . -7.69 16.73 54.58
C7 NAG K . -6.28 22.47 51.34
C8 NAG K . -5.22 23.31 50.71
N2 NAG K . -5.88 21.33 51.90
O3 NAG K . -6.80 21.57 54.71
O4 NAG K . -6.62 19.05 56.08
O5 NAG K . -7.29 18.02 52.64
O6 NAG K . -9.06 16.80 54.19
O7 NAG K . -7.46 22.83 51.35
C1 NAG L . 11.27 -20.35 35.99
C2 NAG L . 12.06 -20.22 37.29
C3 NAG L . 13.49 -20.72 37.05
C4 NAG L . 13.48 -22.15 36.52
C5 NAG L . 12.56 -22.28 35.31
C6 NAG L . 12.33 -23.71 34.86
C7 NAG L . 12.14 -17.70 37.23
C8 NAG L . 12.04 -16.47 38.07
N2 NAG L . 12.07 -18.88 37.89
O3 NAG L . 14.21 -20.68 38.28
O4 NAG L . 14.79 -22.54 36.16
O5 NAG L . 11.26 -21.73 35.60
O6 NAG L . 11.45 -24.41 35.75
O7 NAG L . 12.27 -17.65 36.00
C1 NAG M . 5.42 -26.99 33.70
C2 NAG M . 5.50 -26.62 35.18
C3 NAG M . 4.74 -27.56 36.13
C4 NAG M . 3.41 -27.99 35.51
C5 NAG M . 3.62 -28.49 34.08
C6 NAG M . 2.35 -28.98 33.41
C7 NAG M . 7.84 -27.45 35.61
C8 NAG M . 9.21 -27.04 36.05
N2 NAG M . 6.89 -26.47 35.62
O3 NAG M . 4.50 -26.88 37.36
O4 NAG M . 2.85 -29.03 36.31
O5 NAG M . 4.13 -27.42 33.28
O6 NAG M . 2.64 -29.56 32.14
O7 NAG M . 7.59 -28.61 35.25
C1 EDO N . -3.72 -29.82 28.36
O1 EDO N . -2.59 -30.47 27.76
C2 EDO N . -4.99 -29.94 27.46
O2 EDO N . -6.00 -29.00 27.85
C1 EDO O . 12.03 8.74 35.17
O1 EDO O . 10.67 8.48 35.48
C2 EDO O . 12.64 7.57 34.33
O2 EDO O . 12.20 7.65 32.98
C1 EDO P . 7.54 9.78 19.79
O1 EDO P . 8.28 8.96 18.87
C2 EDO P . 6.33 10.48 19.10
O2 EDO P . 5.14 9.68 19.11
C1 EDO Q . -20.25 16.76 11.84
O1 EDO Q . -19.02 16.05 11.85
C2 EDO Q . -20.80 16.88 13.30
O2 EDO Q . -21.92 17.75 13.33
C1 NAG R . -17.80 26.95 15.12
C2 NAG R . -18.79 27.01 13.95
C3 NAG R . -20.00 27.85 14.31
C4 NAG R . -20.61 27.39 15.64
C5 NAG R . -19.54 27.34 16.73
C6 NAG R . -20.04 26.76 18.04
C7 NAG R . -17.82 26.88 11.68
C8 NAG R . -16.84 27.51 10.74
N2 NAG R . -18.10 27.57 12.79
O3 NAG R . -20.96 27.73 13.27
O4 NAG R . -21.64 28.30 16.04
O5 NAG R . -18.46 26.50 16.30
O6 NAG R . -18.99 26.65 18.99
O7 NAG R . -18.30 25.77 11.46
C1 NAG S . -20.25 1.69 0.47
C2 NAG S . -19.87 2.34 1.78
C3 NAG S . -18.98 1.29 2.44
C4 NAG S . -19.78 0.01 2.72
C5 NAG S . -20.56 -0.45 1.48
C6 NAG S . -21.67 -1.42 1.78
C7 NAG S . -18.22 3.98 0.89
C8 NAG S . -17.65 5.35 1.08
N2 NAG S . -19.20 3.63 1.74
O3 NAG S . -18.41 1.80 3.64
O4 NAG S . -18.90 -1.04 3.11
O5 NAG S . -21.18 0.67 0.83
O6 NAG S . -22.23 -1.97 0.59
O7 NAG S . -17.80 3.22 0.01
C1 NAG T . -26.13 28.22 -40.23
C2 NAG T . -25.72 29.20 -41.34
C3 NAG T . -26.87 30.15 -41.68
C4 NAG T . -28.16 29.39 -41.93
C5 NAG T . -28.46 28.44 -40.78
C6 NAG T . -29.66 27.54 -41.05
C7 NAG T . -23.46 30.20 -41.56
C8 NAG T . -22.48 31.13 -40.92
N2 NAG T . -24.57 29.95 -40.85
O3 NAG T . -26.54 30.92 -42.84
O4 NAG T . -29.24 30.32 -42.06
O5 NAG T . -27.34 27.55 -40.58
O6 NAG T . -29.34 26.52 -41.99
O7 NAG T . -23.26 29.69 -42.66
C1 NAG U . -41.08 13.30 -0.28
C2 NAG U . -41.79 12.90 1.02
C3 NAG U . -41.76 14.10 1.97
C4 NAG U . -40.34 14.60 2.17
C5 NAG U . -39.67 14.93 0.84
C6 NAG U . -38.20 15.24 0.95
C7 NAG U . -43.82 11.59 1.55
C8 NAG U . -45.23 11.29 1.14
N2 NAG U . -43.16 12.47 0.77
O3 NAG U . -42.33 13.74 3.22
O4 NAG U . -40.36 15.76 3.00
O5 NAG U . -39.76 13.79 -0.05
O6 NAG U . -37.97 16.59 1.37
O7 NAG U . -43.29 11.05 2.53
C1 NAG V . -43.24 4.26 0.08
C2 NAG V . -44.02 3.37 1.05
C3 NAG V . -45.52 3.28 0.79
C4 NAG V . -46.09 4.65 0.43
C5 NAG V . -45.30 5.26 -0.72
C6 NAG V . -45.81 6.60 -1.18
C7 NAG V . -42.55 1.58 1.98
C8 NAG V . -42.05 0.18 1.78
N2 NAG V . -43.42 2.03 1.05
O3 NAG V . -46.18 2.76 1.93
O4 NAG V . -47.47 4.51 0.07
O5 NAG V . -43.94 5.46 -0.31
O6 NAG V . -45.18 7.03 -2.38
O7 NAG V . -42.20 2.28 2.93
C1 EDO W . 2.48 -0.54 -28.57
O1 EDO W . 1.67 -0.78 -27.43
C2 EDO W . 1.62 -0.53 -29.86
O2 EDO W . 2.40 -0.10 -30.96
C1 NAG X . 7.01 8.69 -33.87
C2 NAG X . 7.89 7.44 -33.76
C3 NAG X . 8.24 7.06 -35.21
C4 NAG X . 6.98 6.78 -36.00
C5 NAG X . 5.99 7.95 -35.93
C6 NAG X . 4.63 7.60 -36.49
C7 NAG X . 9.55 6.80 -32.04
C8 NAG X . 10.77 7.24 -31.30
N2 NAG X . 9.09 7.67 -32.98
O3 NAG X . 9.10 5.92 -35.20
O4 NAG X . 7.33 6.55 -37.37
O5 NAG X . 5.80 8.34 -34.56
O6 NAG X . 3.74 8.71 -36.46
O7 NAG X . 8.99 5.73 -31.81
C1 NAG Y . 1.35 -13.12 -15.41
C2 NAG Y . 0.68 -11.95 -16.11
C3 NAG Y . -0.46 -11.62 -15.14
C4 NAG Y . -1.46 -12.78 -15.07
C5 NAG Y . -0.74 -14.11 -14.79
C6 NAG Y . -1.58 -15.33 -15.12
C7 NAG Y . 2.48 -10.25 -15.72
C8 NAG Y . 3.21 -9.12 -16.38
N2 NAG Y . 1.45 -10.74 -16.42
O3 NAG Y . -1.12 -10.43 -15.56
O4 NAG Y . -2.43 -12.53 -14.07
O5 NAG Y . 0.46 -14.22 -15.59
O6 NAG Y . -0.91 -16.54 -14.80
O7 NAG Y . 2.82 -10.72 -14.64
C1 NAG Z . 49.74 -21.09 -12.81
C2 NAG Z . 51.21 -20.78 -12.51
C3 NAG Z . 52.12 -21.39 -13.58
C4 NAG Z . 51.81 -22.86 -13.80
C5 NAG Z . 50.32 -23.07 -14.07
C6 NAG Z . 49.94 -24.53 -14.16
C7 NAG Z . 51.89 -18.71 -11.36
C8 NAG Z . 52.13 -17.24 -11.52
N2 NAG Z . 51.39 -19.35 -12.43
O3 NAG Z . 53.48 -21.24 -13.17
O4 NAG Z . 52.53 -23.33 -14.93
O5 NAG Z . 49.54 -22.50 -13.01
O6 NAG Z . 49.98 -25.15 -12.89
O7 NAG Z . 52.15 -19.30 -10.31
C1 NAG AA . 9.70 -21.96 -35.81
C2 NAG AA . 10.63 -22.30 -36.99
C3 NAG AA . 10.11 -21.73 -38.30
C4 NAG AA . 8.64 -22.07 -38.50
C5 NAG AA . 7.81 -21.64 -37.28
C6 NAG AA . 6.35 -22.02 -37.36
C7 NAG AA . 13.08 -22.55 -36.71
C8 NAG AA . 14.33 -21.86 -36.26
N2 NAG AA . 11.97 -21.79 -36.70
O3 NAG AA . 10.86 -22.28 -39.38
O4 NAG AA . 8.14 -21.40 -39.66
O5 NAG AA . 8.34 -22.25 -36.10
O6 NAG AA . 6.17 -23.42 -37.25
O7 NAG AA . 13.07 -23.74 -37.05
C1 NAG BA . 5.26 -28.62 -32.09
C2 NAG BA . 4.10 -29.37 -32.74
C3 NAG BA . 4.47 -30.85 -32.90
C4 NAG BA . 5.80 -30.98 -33.64
C5 NAG BA . 6.89 -30.17 -32.95
C6 NAG BA . 8.21 -30.15 -33.68
C7 NAG BA . 1.66 -29.19 -32.34
C8 NAG BA . 0.60 -28.89 -31.32
N2 NAG BA . 2.92 -29.24 -31.88
O3 NAG BA . 3.45 -31.50 -33.64
O4 NAG BA . 6.18 -32.36 -33.68
O5 NAG BA . 6.47 -28.79 -32.83
O6 NAG BA . 9.23 -29.51 -32.93
O7 NAG BA . 1.38 -29.37 -33.53
O3 JEF CA . 26.25 -13.27 17.54
C7 JEF CA . 25.66 -12.04 17.96
C8 JEF CA . 24.13 -12.10 17.83
O4 JEF CA . 23.63 -10.77 17.51
C11 JEF CA . 22.24 -10.34 17.69
C12 JEF CA . 21.87 -10.21 19.19
C10 JEF CA . 21.24 -11.24 16.93
O5 JEF CA . 20.04 -10.50 16.63
C1 NAG DA . 30.60 -5.18 17.24
C2 NAG DA . 29.64 -5.07 18.42
C3 NAG DA . 30.34 -5.71 19.62
C4 NAG DA . 30.69 -7.17 19.29
C5 NAG DA . 31.55 -7.24 18.04
C6 NAG DA . 31.80 -8.65 17.55
C7 NAG DA . 28.07 -3.25 19.01
C8 NAG DA . 27.93 -1.78 19.26
N2 NAG DA . 29.31 -3.68 18.71
O3 NAG DA . 29.49 -5.65 20.76
O4 NAG DA . 31.39 -7.73 20.40
O5 NAG DA . 30.89 -6.55 16.96
O6 NAG DA . 32.62 -8.68 16.39
O7 NAG DA . 27.12 -4.02 19.08
#